data_3EZY
#
_entry.id   3EZY
#
_cell.length_a   69.144
_cell.length_b   108.739
_cell.length_c   98.496
_cell.angle_alpha   90.00
_cell.angle_beta   96.26
_cell.angle_gamma   90.00
#
_symmetry.space_group_name_H-M   'P 1 21 1'
#
loop_
_entity.id
_entity.type
_entity.pdbx_description
1 polymer Dehydrogenase
2 non-polymer (4R)-2-METHYLPENTANE-2,4-DIOL
3 non-polymer (4S)-2-METHYL-2,4-PENTANEDIOL
4 water water
#
_entity_poly.entity_id   1
_entity_poly.type   'polypeptide(L)'
_entity_poly.pdbx_seq_one_letter_code
;MSLRIGVIGLGRIGTIHAENLKMIDDAILYAISDVREDRLREMKEKLGVEKAYKDPHELIEDPNVDAVLVCSSTNTHSEL
VIACAKAKKHVFCEKPLSLNLADVDRMIEETKKADVILFTGFNRRFDRNFKKLKEAVENGTIGKPHVLRITSRDPAPPPL
DYIRVSGGIFLDMTIHDFDMARYIMGEEVEEVFADGSVLVDEEIGKAGDVDTAVVVLRFKSGALGVIDNSRRAVYGYDQR
IEVFGSKGRIFADNVRETTVVLTDEQGDRGSRYLYFFLERYRDSYLEELKTFIKNVKSGEPPAVSGEDGKMALLLGYAAK
KSLEEKRSVKLEEVIGEGHHHHHH
;
_entity_poly.pdbx_strand_id   A,B,C,D
#
# COMPACT_ATOMS: atom_id res chain seq x y z
N SER A 2 31.73 7.51 -32.48
CA SER A 2 31.44 6.81 -31.18
C SER A 2 32.57 5.89 -30.73
N LEU A 3 32.33 5.23 -29.61
CA LEU A 3 33.24 4.25 -29.08
C LEU A 3 32.84 2.96 -29.76
N ARG A 4 33.80 2.18 -30.26
CA ARG A 4 33.44 0.88 -30.83
C ARG A 4 33.64 -0.25 -29.81
N ILE A 5 32.55 -0.95 -29.51
CA ILE A 5 32.54 -1.99 -28.46
C ILE A 5 32.50 -3.38 -29.06
N GLY A 6 33.26 -4.30 -28.47
CA GLY A 6 33.17 -5.73 -28.79
C GLY A 6 32.58 -6.50 -27.60
N VAL A 7 31.65 -7.41 -27.89
CA VAL A 7 31.03 -8.22 -26.87
C VAL A 7 31.45 -9.68 -27.03
N ILE A 8 32.03 -10.25 -25.98
CA ILE A 8 32.38 -11.66 -26.00
C ILE A 8 31.37 -12.48 -25.20
N GLY A 9 30.78 -13.49 -25.82
CA GLY A 9 29.81 -14.33 -25.11
C GLY A 9 28.41 -13.83 -25.39
N LEU A 10 27.64 -14.63 -26.12
CA LEU A 10 26.30 -14.21 -26.47
C LEU A 10 25.28 -15.11 -25.76
N GLY A 11 25.47 -15.24 -24.45
CA GLY A 11 24.53 -15.93 -23.60
C GLY A 11 23.44 -14.92 -23.27
N ARG A 12 22.71 -15.23 -22.24
CA ARG A 12 21.57 -14.43 -21.89
C ARG A 12 22.02 -13.00 -21.63
N ILE A 13 23.08 -12.83 -20.87
CA ILE A 13 23.47 -11.44 -20.49
C ILE A 13 24.27 -10.69 -21.57
N GLY A 14 25.22 -11.37 -22.23
CA GLY A 14 25.91 -10.77 -23.37
C GLY A 14 24.93 -10.32 -24.45
N THR A 15 23.88 -11.11 -24.69
CA THR A 15 22.87 -10.71 -25.66
C THR A 15 22.14 -9.42 -25.29
N ILE A 16 21.71 -9.31 -24.03
CA ILE A 16 21.16 -8.06 -23.51
C ILE A 16 22.07 -6.87 -23.77
N HIS A 17 23.35 -6.98 -23.41
CA HIS A 17 24.29 -5.84 -23.61
C HIS A 17 24.39 -5.46 -25.11
N ALA A 18 24.53 -6.48 -25.97
CA ALA A 18 24.70 -6.26 -27.41
C ALA A 18 23.48 -5.54 -28.00
N GLU A 19 22.28 -5.96 -27.58
CA GLU A 19 21.03 -5.31 -28.01
C GLU A 19 20.89 -3.91 -27.45
N ASN A 20 21.30 -3.68 -26.20
CA ASN A 20 21.24 -2.36 -25.57
C ASN A 20 22.13 -1.33 -26.26
N LEU A 21 23.19 -1.78 -26.91
CA LEU A 21 24.07 -0.85 -27.59
C LEU A 21 23.39 0.05 -28.62
N LYS A 22 22.26 -0.36 -29.21
CA LYS A 22 21.45 0.52 -30.06
C LYS A 22 20.75 1.63 -29.27
N MET A 23 20.63 1.44 -27.98
CA MET A 23 19.82 2.32 -27.14
C MET A 23 20.76 3.34 -26.57
N ILE A 24 22.03 3.16 -26.87
CA ILE A 24 23.01 3.97 -26.25
C ILE A 24 23.69 4.74 -27.34
N ASP A 25 23.94 6.00 -27.09
CA ASP A 25 24.65 6.67 -28.14
C ASP A 25 26.06 7.12 -27.95
N ASP A 26 26.67 7.32 -29.10
CA ASP A 26 28.10 7.35 -29.21
C ASP A 26 28.75 6.14 -28.56
N ALA A 27 28.08 4.99 -28.67
CA ALA A 27 28.73 3.71 -28.54
C ALA A 27 28.13 2.81 -29.63
N ILE A 28 28.94 2.09 -30.38
CA ILE A 28 28.32 1.10 -31.27
C ILE A 28 28.83 -0.30 -31.07
N LEU A 29 27.95 -1.24 -31.36
CA LEU A 29 28.30 -2.65 -31.39
C LEU A 29 29.07 -2.92 -32.68
N TYR A 30 30.38 -3.10 -32.57
CA TYR A 30 31.23 -3.29 -33.75
C TYR A 30 31.55 -4.74 -33.98
N ALA A 31 31.74 -5.49 -32.90
CA ALA A 31 32.14 -6.91 -33.03
C ALA A 31 31.50 -7.78 -31.98
N ILE A 32 31.23 -9.02 -32.36
CA ILE A 32 30.74 -10.00 -31.41
C ILE A 32 31.59 -11.26 -31.52
N SER A 33 31.61 -12.04 -30.46
CA SER A 33 32.35 -13.29 -30.49
C SER A 33 31.57 -14.27 -29.63
N ASP A 34 31.54 -15.53 -30.08
CA ASP A 34 30.92 -16.57 -29.31
C ASP A 34 31.47 -17.85 -29.93
N VAL A 35 31.58 -18.90 -29.13
CA VAL A 35 32.15 -20.12 -29.66
C VAL A 35 31.13 -21.00 -30.40
N ARG A 36 29.83 -20.69 -30.31
CA ARG A 36 28.83 -21.42 -31.07
C ARG A 36 28.64 -20.74 -32.40
N GLU A 37 28.99 -21.43 -33.49
CA GLU A 37 28.99 -20.80 -34.81
CA GLU A 37 28.98 -20.81 -34.81
C GLU A 37 27.62 -20.32 -35.28
N ASP A 38 26.56 -21.09 -35.02
CA ASP A 38 25.24 -20.65 -35.50
C ASP A 38 24.68 -19.48 -34.70
N ARG A 39 24.92 -19.51 -33.39
CA ARG A 39 24.65 -18.37 -32.51
C ARG A 39 25.32 -17.09 -33.04
N LEU A 40 26.64 -17.17 -33.23
CA LEU A 40 27.39 -16.08 -33.84
C LEU A 40 26.80 -15.58 -35.18
N ARG A 41 26.58 -16.50 -36.14
CA ARG A 41 25.96 -16.19 -37.43
C ARG A 41 24.63 -15.49 -37.27
N GLU A 42 23.77 -16.09 -36.45
CA GLU A 42 22.44 -15.54 -36.30
C GLU A 42 22.44 -14.16 -35.69
N MET A 43 23.26 -13.94 -34.68
CA MET A 43 23.29 -12.64 -34.01
CA MET A 43 23.28 -12.65 -34.01
C MET A 43 23.96 -11.59 -34.89
N LYS A 44 24.94 -12.00 -35.68
CA LYS A 44 25.57 -11.05 -36.58
C LYS A 44 24.52 -10.49 -37.51
N GLU A 45 23.70 -11.38 -38.05
CA GLU A 45 22.70 -10.92 -38.99
C GLU A 45 21.54 -10.18 -38.31
N LYS A 46 21.06 -10.65 -37.17
CA LYS A 46 19.98 -9.97 -36.46
C LYS A 46 20.42 -8.54 -36.10
N LEU A 47 21.63 -8.39 -35.58
CA LEU A 47 21.99 -7.06 -35.09
C LEU A 47 22.80 -6.21 -36.07
N GLY A 48 23.05 -6.71 -37.28
CA GLY A 48 23.84 -5.96 -38.26
C GLY A 48 25.24 -5.62 -37.76
N VAL A 49 25.96 -6.59 -37.20
CA VAL A 49 27.27 -6.30 -36.61
C VAL A 49 28.34 -6.42 -37.69
N GLU A 50 29.28 -5.48 -37.71
CA GLU A 50 30.40 -5.53 -38.66
C GLU A 50 31.25 -6.80 -38.64
N LYS A 51 31.71 -7.20 -37.45
CA LYS A 51 32.65 -8.32 -37.33
C LYS A 51 32.12 -9.38 -36.35
N ALA A 52 32.26 -10.64 -36.71
CA ALA A 52 31.90 -11.69 -35.80
C ALA A 52 33.10 -12.60 -35.72
N TYR A 53 33.58 -12.90 -34.53
CA TYR A 53 34.78 -13.70 -34.36
C TYR A 53 34.54 -14.96 -33.54
N LYS A 54 34.96 -16.10 -34.07
CA LYS A 54 34.94 -17.35 -33.31
C LYS A 54 35.93 -17.33 -32.17
N ASP A 55 37.09 -16.75 -32.41
CA ASP A 55 38.13 -16.68 -31.39
C ASP A 55 38.10 -15.31 -30.72
N PRO A 56 37.85 -15.26 -29.41
CA PRO A 56 37.67 -13.94 -28.75
C PRO A 56 38.93 -13.09 -28.76
N HIS A 57 40.09 -13.73 -28.86
CA HIS A 57 41.39 -13.05 -28.91
C HIS A 57 41.54 -12.23 -30.18
N GLU A 58 41.00 -12.74 -31.28
CA GLU A 58 40.88 -11.92 -32.50
CA GLU A 58 40.85 -11.94 -32.51
C GLU A 58 39.99 -10.69 -32.29
N LEU A 59 38.92 -10.84 -31.51
CA LEU A 59 38.11 -9.66 -31.19
C LEU A 59 38.93 -8.62 -30.38
N ILE A 60 39.56 -9.07 -29.33
CA ILE A 60 40.34 -8.19 -28.47
C ILE A 60 41.47 -7.46 -29.23
N GLU A 61 42.10 -8.15 -30.18
CA GLU A 61 43.25 -7.58 -30.93
C GLU A 61 42.80 -6.71 -32.11
N ASP A 62 41.52 -6.80 -32.49
CA ASP A 62 40.99 -5.93 -33.55
C ASP A 62 41.22 -4.47 -33.22
N PRO A 63 41.95 -3.71 -34.10
CA PRO A 63 42.30 -2.35 -33.72
C PRO A 63 41.14 -1.42 -33.72
N ASN A 64 40.02 -1.80 -34.30
CA ASN A 64 38.87 -0.92 -34.33
C ASN A 64 38.15 -1.00 -32.97
N VAL A 65 38.39 -2.07 -32.23
CA VAL A 65 37.69 -2.28 -30.92
C VAL A 65 38.29 -1.43 -29.79
N ASP A 66 37.50 -0.52 -29.22
CA ASP A 66 38.03 0.41 -28.18
C ASP A 66 37.86 -0.14 -26.73
N ALA A 67 36.82 -0.95 -26.53
CA ALA A 67 36.48 -1.46 -25.21
C ALA A 67 35.76 -2.78 -25.42
N VAL A 68 35.85 -3.67 -24.44
CA VAL A 68 35.36 -5.01 -24.58
C VAL A 68 34.45 -5.37 -23.41
N LEU A 69 33.33 -6.05 -23.72
CA LEU A 69 32.47 -6.64 -22.67
C LEU A 69 32.72 -8.13 -22.61
N VAL A 70 33.36 -8.60 -21.54
CA VAL A 70 33.60 -10.03 -21.34
C VAL A 70 32.38 -10.67 -20.65
N CYS A 71 31.62 -11.47 -21.41
CA CYS A 71 30.36 -12.05 -20.90
C CYS A 71 30.35 -13.54 -21.19
N SER A 72 31.52 -14.14 -21.22
CA SER A 72 31.64 -15.55 -21.54
C SER A 72 31.68 -16.31 -20.22
N SER A 73 31.85 -17.62 -20.27
CA SER A 73 31.86 -18.40 -19.04
C SER A 73 32.93 -17.91 -18.06
N THR A 74 32.62 -18.04 -16.77
CA THR A 74 33.42 -17.52 -15.67
C THR A 74 34.85 -18.01 -15.72
N ASN A 75 35.01 -19.28 -16.08
CA ASN A 75 36.35 -19.84 -16.19
C ASN A 75 37.19 -19.22 -17.32
N THR A 76 36.57 -18.44 -18.20
CA THR A 76 37.37 -17.75 -19.22
C THR A 76 37.65 -16.29 -18.86
N HIS A 77 37.12 -15.80 -17.75
CA HIS A 77 37.17 -14.35 -17.50
C HIS A 77 38.57 -13.83 -17.30
N SER A 78 39.33 -14.55 -16.50
CA SER A 78 40.67 -14.14 -16.17
C SER A 78 41.53 -14.02 -17.44
N GLU A 79 41.57 -15.08 -18.22
CA GLU A 79 42.36 -15.04 -19.45
C GLU A 79 41.97 -13.88 -20.38
N LEU A 80 40.69 -13.70 -20.62
CA LEU A 80 40.23 -12.66 -21.49
C LEU A 80 40.50 -11.28 -20.96
N VAL A 81 40.27 -11.05 -19.67
CA VAL A 81 40.49 -9.71 -19.12
C VAL A 81 42.02 -9.36 -19.15
N ILE A 82 42.87 -10.35 -18.85
CA ILE A 82 44.32 -10.06 -18.92
C ILE A 82 44.78 -9.78 -20.37
N ALA A 83 44.22 -10.54 -21.30
CA ALA A 83 44.39 -10.30 -22.73
C ALA A 83 43.92 -8.89 -23.15
N CYS A 84 42.78 -8.40 -22.64
CA CYS A 84 42.44 -6.99 -22.93
C CYS A 84 43.53 -6.04 -22.39
N ALA A 85 44.06 -6.28 -21.20
CA ALA A 85 45.05 -5.34 -20.67
C ALA A 85 46.32 -5.32 -21.57
N LYS A 86 46.75 -6.50 -22.01
CA LYS A 86 47.92 -6.62 -22.88
C LYS A 86 47.64 -5.97 -24.22
N ALA A 87 46.37 -5.96 -24.64
CA ALA A 87 46.03 -5.26 -25.88
C ALA A 87 45.69 -3.78 -25.68
N LYS A 88 45.78 -3.32 -24.43
CA LYS A 88 45.45 -1.93 -24.05
CA LYS A 88 45.48 -1.93 -24.17
C LYS A 88 44.01 -1.57 -24.41
N LYS A 89 43.07 -2.47 -24.08
CA LYS A 89 41.62 -2.24 -24.28
C LYS A 89 40.87 -2.13 -22.96
N HIS A 90 40.05 -1.09 -22.79
CA HIS A 90 39.22 -0.94 -21.60
C HIS A 90 38.25 -2.12 -21.46
N VAL A 91 38.05 -2.63 -20.25
CA VAL A 91 37.34 -3.90 -20.13
C VAL A 91 36.23 -3.90 -19.07
N PHE A 92 35.04 -4.36 -19.47
CA PHE A 92 33.93 -4.61 -18.54
C PHE A 92 33.82 -6.11 -18.43
N CYS A 93 33.74 -6.63 -17.19
CA CYS A 93 33.61 -8.07 -16.98
C CYS A 93 32.33 -8.39 -16.19
N GLU A 94 31.51 -9.27 -16.75
CA GLU A 94 30.31 -9.72 -16.05
C GLU A 94 30.70 -10.36 -14.72
N LYS A 95 29.76 -10.31 -13.77
CA LYS A 95 29.83 -11.04 -12.53
C LYS A 95 29.91 -12.53 -12.83
N PRO A 96 30.72 -13.29 -12.05
CA PRO A 96 31.72 -12.79 -11.13
C PRO A 96 33.04 -12.69 -11.91
N LEU A 97 33.92 -11.80 -11.48
CA LEU A 97 35.25 -11.66 -12.09
C LEU A 97 35.89 -13.03 -12.24
N SER A 98 36.06 -13.71 -11.12
CA SER A 98 36.52 -15.08 -11.11
C SER A 98 36.15 -15.66 -9.75
N LEU A 99 36.14 -16.99 -9.64
CA LEU A 99 35.95 -17.61 -8.35
C LEU A 99 37.29 -17.84 -7.68
N ASN A 100 38.39 -17.47 -8.34
CA ASN A 100 39.72 -17.74 -7.83
C ASN A 100 40.41 -16.44 -7.42
N LEU A 101 40.65 -16.28 -6.13
CA LEU A 101 41.20 -15.03 -5.65
C LEU A 101 42.49 -14.61 -6.31
N ALA A 102 43.35 -15.56 -6.65
CA ALA A 102 44.66 -15.23 -7.22
C ALA A 102 44.40 -14.67 -8.61
N ASP A 103 43.52 -15.31 -9.38
CA ASP A 103 43.11 -14.73 -10.67
C ASP A 103 42.59 -13.30 -10.58
N VAL A 104 41.78 -13.02 -9.56
CA VAL A 104 41.28 -11.65 -9.43
C VAL A 104 42.43 -10.69 -9.17
N ASP A 105 43.42 -11.11 -8.35
CA ASP A 105 44.57 -10.21 -8.08
C ASP A 105 45.35 -9.96 -9.37
N ARG A 106 45.52 -10.99 -10.18
CA ARG A 106 46.22 -10.82 -11.45
CA ARG A 106 46.23 -10.81 -11.43
C ARG A 106 45.48 -9.91 -12.43
N MET A 107 44.16 -10.09 -12.52
CA MET A 107 43.29 -9.24 -13.38
C MET A 107 43.44 -7.76 -13.02
N ILE A 108 43.31 -7.45 -11.74
CA ILE A 108 43.51 -6.10 -11.24
C ILE A 108 44.95 -5.58 -11.50
N GLU A 109 45.97 -6.37 -11.17
CA GLU A 109 47.37 -5.98 -11.50
C GLU A 109 47.63 -5.62 -12.96
N GLU A 110 47.23 -6.51 -13.88
CA GLU A 110 47.48 -6.29 -15.33
C GLU A 110 46.72 -5.11 -15.93
N THR A 111 45.46 -4.96 -15.57
CA THR A 111 44.74 -3.82 -16.10
C THR A 111 45.36 -2.53 -15.55
N LYS A 112 45.73 -2.54 -14.28
CA LYS A 112 46.35 -1.35 -13.68
C LYS A 112 47.68 -1.04 -14.36
N LYS A 113 48.49 -2.07 -14.58
CA LYS A 113 49.74 -1.93 -15.33
C LYS A 113 49.45 -1.29 -16.69
N ALA A 114 48.51 -1.87 -17.45
CA ALA A 114 48.20 -1.36 -18.80
C ALA A 114 47.50 0.00 -18.77
N ASP A 115 47.11 0.46 -17.60
CA ASP A 115 46.37 1.70 -17.46
C ASP A 115 45.05 1.66 -18.22
N VAL A 116 44.30 0.55 -18.15
CA VAL A 116 42.95 0.52 -18.74
C VAL A 116 41.96 0.23 -17.62
N ILE A 117 40.71 0.65 -17.82
CA ILE A 117 39.59 0.41 -16.89
C ILE A 117 39.28 -1.07 -16.77
N LEU A 118 39.05 -1.50 -15.53
CA LEU A 118 38.43 -2.78 -15.22
C LEU A 118 37.12 -2.49 -14.46
N PHE A 119 36.00 -2.74 -15.10
CA PHE A 119 34.66 -2.44 -14.53
C PHE A 119 33.99 -3.79 -14.23
N THR A 120 33.54 -3.99 -13.00
CA THR A 120 32.94 -5.22 -12.59
C THR A 120 31.43 -5.10 -12.76
N GLY A 121 30.81 -6.11 -13.35
CA GLY A 121 29.40 -6.04 -13.73
C GLY A 121 28.43 -6.31 -12.58
N PHE A 122 28.47 -5.49 -11.51
CA PHE A 122 27.41 -5.57 -10.48
C PHE A 122 26.22 -4.70 -10.89
N ASN A 123 25.37 -5.24 -11.75
CA ASN A 123 24.30 -4.44 -12.35
C ASN A 123 23.26 -3.91 -11.36
N ARG A 124 23.04 -4.59 -10.24
CA ARG A 124 21.99 -4.11 -9.33
C ARG A 124 22.33 -2.76 -8.71
N ARG A 125 23.59 -2.32 -8.74
CA ARG A 125 23.84 -0.93 -8.26
C ARG A 125 23.13 0.07 -9.13
N PHE A 126 22.67 -0.36 -10.34
CA PHE A 126 22.09 0.59 -11.26
C PHE A 126 20.61 0.39 -11.41
N ASP A 127 20.02 -0.50 -10.59
CA ASP A 127 18.56 -0.61 -10.41
C ASP A 127 18.00 0.73 -9.89
N ARG A 128 17.03 1.32 -10.57
CA ARG A 128 16.62 2.67 -10.17
C ARG A 128 16.15 2.74 -8.70
N ASN A 129 15.51 1.68 -8.18
CA ASN A 129 15.07 1.70 -6.77
C ASN A 129 16.21 1.61 -5.75
N PHE A 130 17.13 0.68 -5.95
CA PHE A 130 18.28 0.52 -5.03
C PHE A 130 19.20 1.74 -5.01
N LYS A 131 19.44 2.27 -6.20
CA LYS A 131 20.22 3.50 -6.35
C LYS A 131 19.62 4.70 -5.59
N LYS A 132 18.32 4.90 -5.73
CA LYS A 132 17.67 5.97 -5.02
C LYS A 132 17.79 5.77 -3.51
N LEU A 133 17.69 4.52 -3.05
CA LEU A 133 17.83 4.23 -1.64
C LEU A 133 19.28 4.51 -1.18
N LYS A 134 20.26 4.05 -1.96
CA LYS A 134 21.67 4.33 -1.63
C LYS A 134 21.93 5.85 -1.49
N GLU A 135 21.40 6.64 -2.42
CA GLU A 135 21.54 8.12 -2.37
C GLU A 135 20.88 8.71 -1.14
N ALA A 136 19.65 8.30 -0.87
CA ALA A 136 19.04 8.75 0.38
C ALA A 136 19.87 8.41 1.63
N VAL A 137 20.39 7.21 1.74
CA VAL A 137 21.20 6.85 2.90
C VAL A 137 22.45 7.75 2.99
N GLU A 138 23.09 7.92 1.85
CA GLU A 138 24.30 8.68 1.71
C GLU A 138 24.05 10.13 2.11
N ASN A 139 22.91 10.68 1.72
CA ASN A 139 22.46 12.01 2.13
C ASN A 139 22.18 12.30 3.60
N GLY A 140 22.15 11.27 4.44
CA GLY A 140 21.85 11.47 5.87
C GLY A 140 20.39 11.27 6.23
N THR A 141 19.57 10.90 5.23
CA THR A 141 18.13 10.81 5.43
C THR A 141 17.67 9.85 6.54
N ILE A 142 18.41 8.78 6.83
CA ILE A 142 18.04 7.92 7.94
C ILE A 142 18.98 8.07 9.15
N GLY A 143 19.78 9.14 9.15
CA GLY A 143 20.75 9.32 10.23
C GLY A 143 21.93 8.36 10.09
N LYS A 144 22.51 7.96 11.22
CA LYS A 144 23.55 6.94 11.20
C LYS A 144 22.97 5.52 11.02
N PRO A 145 23.45 4.75 10.00
CA PRO A 145 22.82 3.42 9.79
C PRO A 145 23.10 2.45 10.96
N HIS A 146 22.08 1.72 11.40
CA HIS A 146 22.24 0.74 12.48
C HIS A 146 22.05 -0.70 11.98
N VAL A 147 21.02 -0.92 11.18
CA VAL A 147 20.75 -2.29 10.71
C VAL A 147 20.39 -2.31 9.25
N LEU A 148 21.03 -3.23 8.52
CA LEU A 148 20.74 -3.47 7.10
C LEU A 148 19.98 -4.78 6.97
N ARG A 149 18.96 -4.79 6.11
CA ARG A 149 18.30 -6.02 5.74
C ARG A 149 18.20 -6.16 4.22
N ILE A 150 18.62 -7.32 3.70
CA ILE A 150 18.47 -7.62 2.29
C ILE A 150 17.84 -8.99 2.12
N THR A 151 16.81 -9.05 1.31
CA THR A 151 16.23 -10.34 0.94
C THR A 151 16.42 -10.43 -0.53
N SER A 152 16.99 -11.52 -1.02
CA SER A 152 17.13 -11.75 -2.46
C SER A 152 16.84 -13.18 -2.79
N ARG A 153 15.70 -13.37 -3.44
CA ARG A 153 15.20 -14.69 -3.84
C ARG A 153 14.91 -14.67 -5.35
N ASP A 154 15.26 -15.77 -6.02
CA ASP A 154 15.02 -15.98 -7.47
C ASP A 154 13.78 -16.85 -7.65
N PRO A 155 13.09 -16.74 -8.80
CA PRO A 155 11.92 -17.61 -9.03
C PRO A 155 12.32 -19.09 -9.19
N ALA A 156 13.51 -19.38 -9.70
CA ALA A 156 13.93 -20.77 -9.90
C ALA A 156 15.43 -20.93 -9.76
N PRO A 157 15.89 -22.13 -9.33
CA PRO A 157 17.33 -22.42 -9.34
C PRO A 157 17.87 -22.55 -10.77
N PRO A 158 19.18 -22.30 -10.98
CA PRO A 158 19.81 -22.64 -12.27
C PRO A 158 19.93 -24.16 -12.44
N PRO A 159 20.37 -24.63 -13.63
CA PRO A 159 20.42 -26.10 -13.74
C PRO A 159 21.55 -26.70 -12.90
N LEU A 160 21.36 -27.93 -12.45
CA LEU A 160 22.37 -28.65 -11.69
C LEU A 160 23.79 -28.51 -12.23
N ASP A 161 23.97 -28.76 -13.52
CA ASP A 161 25.29 -28.67 -14.15
C ASP A 161 25.98 -27.38 -13.72
N TYR A 162 25.23 -26.31 -13.78
CA TYR A 162 25.77 -25.01 -13.49
C TYR A 162 26.07 -24.91 -12.00
N ILE A 163 25.17 -25.45 -11.18
CA ILE A 163 25.32 -25.34 -9.73
C ILE A 163 26.64 -25.97 -9.29
N ARG A 164 26.97 -27.13 -9.84
CA ARG A 164 28.23 -27.80 -9.54
C ARG A 164 29.47 -26.97 -9.80
N VAL A 165 29.44 -26.06 -10.77
CA VAL A 165 30.64 -25.30 -11.04
C VAL A 165 30.57 -23.84 -10.55
N SER A 166 29.58 -23.54 -9.71
CA SER A 166 29.24 -22.16 -9.42
C SER A 166 29.96 -21.65 -8.21
N GLY A 167 30.57 -22.54 -7.44
CA GLY A 167 31.19 -22.14 -6.18
C GLY A 167 30.23 -22.12 -4.99
N GLY A 168 28.97 -22.43 -5.26
CA GLY A 168 27.93 -22.51 -4.24
C GLY A 168 27.22 -21.19 -4.01
N ILE A 169 26.21 -21.20 -3.16
CA ILE A 169 25.25 -20.11 -3.10
C ILE A 169 25.93 -18.78 -2.71
N PHE A 170 27.00 -18.86 -1.92
CA PHE A 170 27.62 -17.60 -1.44
C PHE A 170 28.48 -16.91 -2.49
N LEU A 171 28.95 -17.67 -3.48
CA LEU A 171 29.83 -17.11 -4.52
C LEU A 171 29.05 -16.78 -5.78
N ASP A 172 27.92 -17.44 -5.96
CA ASP A 172 27.11 -17.28 -7.16
C ASP A 172 25.86 -16.38 -6.99
N MET A 173 25.30 -16.34 -5.78
CA MET A 173 24.05 -15.62 -5.56
C MET A 173 24.29 -14.46 -4.57
N THR A 174 24.81 -14.80 -3.39
CA THR A 174 25.01 -13.82 -2.34
C THR A 174 26.01 -12.78 -2.76
N ILE A 175 26.86 -13.14 -3.70
CA ILE A 175 27.81 -12.17 -4.20
C ILE A 175 27.18 -10.78 -4.47
N HIS A 176 25.99 -10.72 -5.07
CA HIS A 176 25.37 -9.41 -5.36
C HIS A 176 25.02 -8.69 -4.10
N ASP A 177 24.52 -9.44 -3.13
CA ASP A 177 24.10 -8.87 -1.81
C ASP A 177 25.28 -8.36 -1.00
N PHE A 178 26.43 -9.05 -1.06
CA PHE A 178 27.62 -8.52 -0.39
C PHE A 178 28.06 -7.20 -1.03
N ASP A 179 28.04 -7.11 -2.37
CA ASP A 179 28.39 -5.86 -3.02
C ASP A 179 27.35 -4.79 -2.64
N MET A 180 26.07 -5.18 -2.67
CA MET A 180 25.02 -4.20 -2.36
C MET A 180 25.20 -3.63 -0.93
N ALA A 181 25.53 -4.54 -0.02
CA ALA A 181 25.80 -4.15 1.36
C ALA A 181 26.85 -3.07 1.48
N ARG A 182 28.00 -3.26 0.82
CA ARG A 182 29.10 -2.32 0.86
C ARG A 182 28.66 -1.02 0.19
N TYR A 183 27.99 -1.13 -0.95
CA TYR A 183 27.56 0.04 -1.71
C TYR A 183 26.54 0.88 -0.92
N ILE A 184 25.58 0.21 -0.29
CA ILE A 184 24.55 0.93 0.46
C ILE A 184 25.11 1.53 1.76
N MET A 185 25.91 0.76 2.48
CA MET A 185 26.33 1.18 3.82
C MET A 185 27.55 2.10 3.84
N GLY A 186 28.30 2.13 2.76
CA GLY A 186 29.40 3.06 2.62
C GLY A 186 30.57 2.73 3.53
N GLU A 187 30.63 1.47 3.98
CA GLU A 187 31.75 1.03 4.82
C GLU A 187 31.96 -0.45 4.64
N GLU A 188 33.06 -0.93 5.19
CA GLU A 188 33.46 -2.31 5.03
C GLU A 188 32.84 -3.22 6.06
N VAL A 189 32.64 -4.46 5.64
CA VAL A 189 32.32 -5.57 6.55
C VAL A 189 33.58 -6.17 7.18
N GLU A 190 33.53 -6.47 8.47
CA GLU A 190 34.70 -7.00 9.12
C GLU A 190 34.56 -8.46 9.47
N GLU A 191 33.30 -8.90 9.68
CA GLU A 191 33.02 -10.24 10.12
C GLU A 191 31.69 -10.78 9.55
N VAL A 192 31.61 -12.08 9.31
CA VAL A 192 30.44 -12.66 8.71
C VAL A 192 30.07 -13.97 9.43
N PHE A 193 28.79 -14.24 9.56
CA PHE A 193 28.31 -15.56 9.97
C PHE A 193 27.25 -16.05 8.97
N ALA A 194 27.32 -17.30 8.57
CA ALA A 194 26.40 -17.77 7.56
C ALA A 194 25.85 -19.12 7.96
N ASP A 195 24.56 -19.36 7.66
CA ASP A 195 24.05 -20.73 7.69
C ASP A 195 23.22 -20.98 6.42
N GLY A 196 22.94 -22.24 6.09
CA GLY A 196 22.23 -22.54 4.86
C GLY A 196 21.65 -23.93 5.03
N SER A 197 20.57 -24.23 4.29
CA SER A 197 19.88 -25.52 4.33
C SER A 197 19.44 -25.92 2.94
N VAL A 198 19.03 -27.18 2.79
CA VAL A 198 18.53 -27.66 1.52
CA VAL A 198 18.53 -27.68 1.52
C VAL A 198 17.02 -27.89 1.66
N LEU A 199 16.23 -26.94 1.13
CA LEU A 199 14.78 -26.97 1.36
C LEU A 199 13.98 -26.96 0.06
N VAL A 200 14.66 -26.74 -1.07
CA VAL A 200 14.01 -26.67 -2.38
C VAL A 200 14.25 -27.95 -3.21
N ASP A 201 15.51 -28.32 -3.43
CA ASP A 201 15.85 -29.48 -4.26
C ASP A 201 16.99 -30.32 -3.65
N GLU A 202 16.67 -31.55 -3.20
CA GLU A 202 17.68 -32.45 -2.63
C GLU A 202 18.94 -32.60 -3.52
N GLU A 203 18.79 -32.42 -4.83
CA GLU A 203 19.95 -32.49 -5.75
C GLU A 203 21.01 -31.42 -5.48
N ILE A 204 20.55 -30.22 -5.12
CA ILE A 204 21.45 -29.16 -4.75
C ILE A 204 22.26 -29.60 -3.55
N GLY A 205 21.60 -30.28 -2.61
CA GLY A 205 22.30 -30.76 -1.40
C GLY A 205 23.33 -31.82 -1.72
N LYS A 206 22.95 -32.73 -2.63
CA LYS A 206 23.82 -33.82 -3.05
C LYS A 206 25.03 -33.28 -3.80
N ALA A 207 24.84 -32.16 -4.49
CA ALA A 207 25.96 -31.49 -5.12
C ALA A 207 26.82 -30.70 -4.15
N GLY A 208 26.55 -30.79 -2.84
CA GLY A 208 27.33 -30.07 -1.82
C GLY A 208 26.98 -28.61 -1.54
N ASP A 209 25.87 -28.13 -2.08
CA ASP A 209 25.51 -26.70 -1.98
C ASP A 209 24.25 -26.59 -1.09
N VAL A 210 23.76 -25.36 -0.86
CA VAL A 210 22.53 -25.17 -0.13
C VAL A 210 21.64 -24.34 -1.04
N ASP A 211 20.34 -24.31 -0.79
CA ASP A 211 19.43 -23.52 -1.64
C ASP A 211 18.73 -22.37 -0.90
N THR A 212 18.97 -22.27 0.39
CA THR A 212 18.33 -21.28 1.29
C THR A 212 19.43 -20.87 2.26
N ALA A 213 19.67 -19.59 2.47
CA ALA A 213 20.74 -19.21 3.39
C ALA A 213 20.47 -17.86 4.04
N VAL A 214 21.13 -17.66 5.17
CA VAL A 214 21.10 -16.42 5.91
C VAL A 214 22.56 -16.04 6.20
N VAL A 215 22.91 -14.76 6.10
CA VAL A 215 24.26 -14.29 6.36
C VAL A 215 24.21 -13.02 7.21
N VAL A 216 24.89 -13.02 8.35
CA VAL A 216 24.97 -11.86 9.20
C VAL A 216 26.27 -11.15 8.94
N LEU A 217 26.21 -9.82 8.86
CA LEU A 217 27.38 -8.99 8.59
C LEU A 217 27.57 -8.06 9.78
N ARG A 218 28.81 -7.94 10.25
CA ARG A 218 29.18 -6.88 11.16
C ARG A 218 30.10 -5.89 10.42
N PHE A 219 29.63 -4.66 10.34
CA PHE A 219 30.39 -3.60 9.68
C PHE A 219 31.35 -2.91 10.64
N LYS A 220 32.33 -2.23 10.04
CA LYS A 220 33.35 -1.49 10.79
C LYS A 220 32.77 -0.59 11.89
N SER A 221 31.66 0.09 11.61
CA SER A 221 31.01 0.99 12.57
C SER A 221 30.28 0.29 13.72
N GLY A 222 30.15 -1.05 13.64
CA GLY A 222 29.27 -1.77 14.58
C GLY A 222 27.85 -1.98 14.07
N ALA A 223 27.47 -1.29 13.00
CA ALA A 223 26.18 -1.57 12.32
C ALA A 223 26.15 -3.07 12.00
N LEU A 224 24.96 -3.65 11.98
CA LEU A 224 24.78 -5.05 11.62
C LEU A 224 23.90 -5.21 10.37
N GLY A 225 24.08 -6.30 9.65
CA GLY A 225 23.18 -6.57 8.55
C GLY A 225 22.88 -8.04 8.45
N VAL A 226 21.77 -8.34 7.76
CA VAL A 226 21.32 -9.72 7.59
C VAL A 226 20.87 -9.86 6.15
N ILE A 227 21.47 -10.79 5.44
CA ILE A 227 21.03 -11.05 4.09
C ILE A 227 20.35 -12.40 4.18
N ASP A 228 19.21 -12.59 3.50
CA ASP A 228 18.69 -13.94 3.30
C ASP A 228 18.42 -14.25 1.82
N ASN A 229 18.68 -15.49 1.39
CA ASN A 229 18.59 -15.88 -0.04
C ASN A 229 17.74 -17.15 -0.20
N SER A 230 16.99 -17.25 -1.30
CA SER A 230 16.35 -18.51 -1.60
C SER A 230 16.49 -18.69 -3.08
N ARG A 231 16.74 -19.93 -3.49
CA ARG A 231 16.82 -20.19 -4.92
C ARG A 231 15.43 -20.37 -5.60
N ARG A 232 14.35 -20.41 -4.83
CA ARG A 232 13.03 -20.56 -5.43
C ARG A 232 11.92 -19.83 -4.68
N ALA A 233 11.56 -18.63 -5.13
CA ALA A 233 10.33 -17.99 -4.62
C ALA A 233 9.27 -18.12 -5.72
N VAL A 234 8.16 -18.78 -5.42
CA VAL A 234 7.21 -19.10 -6.49
C VAL A 234 6.48 -17.87 -7.00
N TYR A 235 6.51 -16.78 -6.23
CA TYR A 235 5.83 -15.56 -6.64
C TYR A 235 6.67 -14.66 -7.53
N GLY A 236 7.90 -15.07 -7.84
CA GLY A 236 8.79 -14.32 -8.72
C GLY A 236 9.96 -13.72 -7.96
N TYR A 237 10.70 -12.81 -8.58
CA TYR A 237 11.81 -12.19 -7.84
C TYR A 237 11.34 -11.54 -6.56
N ASP A 238 12.14 -11.66 -5.51
CA ASP A 238 11.92 -10.92 -4.29
C ASP A 238 13.26 -10.37 -3.92
N GLN A 239 13.47 -9.08 -4.18
CA GLN A 239 14.70 -8.45 -3.86
C GLN A 239 14.42 -7.13 -3.14
N ARG A 240 14.45 -7.17 -1.81
CA ARG A 240 14.14 -5.98 -1.05
C ARG A 240 15.35 -5.51 -0.30
N ILE A 241 15.42 -4.21 -0.05
CA ILE A 241 16.49 -3.69 0.81
C ILE A 241 15.87 -2.77 1.85
N GLU A 242 16.27 -2.92 3.10
CA GLU A 242 15.89 -1.95 4.10
C GLU A 242 17.13 -1.50 4.90
N VAL A 243 17.17 -0.21 5.20
CA VAL A 243 18.18 0.33 6.13
C VAL A 243 17.49 1.05 7.30
N PHE A 244 17.85 0.66 8.51
CA PHE A 244 17.32 1.31 9.68
C PHE A 244 18.44 2.05 10.37
N GLY A 245 18.20 3.30 10.75
CA GLY A 245 19.24 4.11 11.39
C GLY A 245 18.71 5.04 12.47
N SER A 246 19.56 5.93 12.97
CA SER A 246 19.19 6.77 14.11
C SER A 246 18.04 7.75 13.83
N LYS A 247 17.75 8.01 12.55
CA LYS A 247 16.68 8.97 12.23
C LYS A 247 15.52 8.40 11.41
N GLY A 248 15.50 7.09 11.22
CA GLY A 248 14.34 6.54 10.58
C GLY A 248 14.64 5.24 9.81
N ARG A 249 13.75 4.91 8.90
CA ARG A 249 13.90 3.68 8.15
C ARG A 249 13.66 3.93 6.68
N ILE A 250 14.36 3.19 5.83
CA ILE A 250 14.14 3.35 4.40
C ILE A 250 14.06 1.98 3.74
N PHE A 251 13.21 1.83 2.72
CA PHE A 251 12.94 0.48 2.20
C PHE A 251 12.75 0.61 0.69
N ALA A 252 13.24 -0.37 -0.08
CA ALA A 252 12.93 -0.41 -1.53
C ALA A 252 12.17 -1.73 -1.76
N ASP A 253 10.96 -1.65 -2.32
CA ASP A 253 10.12 -2.83 -2.56
C ASP A 253 10.34 -3.41 -3.98
N ASN A 254 9.82 -4.62 -4.20
CA ASN A 254 9.68 -5.15 -5.52
C ASN A 254 8.78 -4.32 -6.44
N VAL A 255 8.98 -4.53 -7.75
CA VAL A 255 8.16 -3.92 -8.77
C VAL A 255 7.05 -4.91 -9.17
N ARG A 256 5.83 -4.41 -9.40
CA ARG A 256 4.76 -5.26 -9.86
C ARG A 256 4.53 -4.94 -11.34
N GLU A 257 3.88 -5.85 -12.03
CA GLU A 257 3.64 -5.67 -13.46
C GLU A 257 2.78 -4.43 -13.72
N THR A 258 1.85 -4.14 -12.82
CA THR A 258 0.87 -3.14 -13.16
C THR A 258 0.44 -2.39 -11.85
N THR A 259 -0.24 -1.24 -11.98
CA THR A 259 -0.79 -0.54 -10.82
C THR A 259 -2.22 -0.98 -10.49
N VAL A 260 -2.68 -2.05 -11.09
CA VAL A 260 -4.08 -2.48 -10.92
C VAL A 260 -4.30 -3.31 -9.68
N VAL A 261 -5.44 -3.06 -9.04
CA VAL A 261 -5.82 -3.74 -7.82
C VAL A 261 -7.26 -4.21 -7.94
N LEU A 262 -7.47 -5.51 -7.77
CA LEU A 262 -8.79 -6.13 -7.85
C LEU A 262 -9.25 -6.45 -6.44
N THR A 263 -10.50 -6.09 -6.14
CA THR A 263 -11.08 -6.32 -4.80
C THR A 263 -12.32 -7.21 -4.84
N ASP A 264 -12.27 -8.31 -4.07
CA ASP A 264 -13.42 -9.19 -4.02
C ASP A 264 -13.72 -9.51 -2.57
N GLU A 265 -14.53 -10.55 -2.34
CA GLU A 265 -14.95 -10.89 -0.95
C GLU A 265 -13.78 -11.09 -0.02
N GLN A 266 -12.67 -11.58 -0.58
CA GLN A 266 -11.54 -11.86 0.31
C GLN A 266 -10.66 -10.66 0.51
N GLY A 267 -10.86 -9.58 -0.24
CA GLY A 267 -10.06 -8.35 -0.04
C GLY A 267 -9.35 -7.94 -1.32
N ASP A 268 -8.36 -7.05 -1.19
CA ASP A 268 -7.56 -6.53 -2.31
C ASP A 268 -6.57 -7.54 -2.84
N ARG A 269 -6.45 -7.60 -4.15
CA ARG A 269 -5.45 -8.40 -4.87
C ARG A 269 -4.69 -7.53 -5.84
N GLY A 270 -3.38 -7.46 -5.63
CA GLY A 270 -2.48 -6.67 -6.49
C GLY A 270 -1.97 -7.46 -7.68
N SER A 271 -1.24 -6.80 -8.58
CA SER A 271 -0.65 -7.43 -9.77
CA SER A 271 -0.70 -7.51 -9.76
C SER A 271 0.49 -8.39 -9.41
N ARG A 272 0.80 -9.34 -10.30
CA ARG A 272 1.94 -10.22 -10.10
C ARG A 272 3.27 -9.43 -9.99
N TYR A 273 4.23 -10.00 -9.27
CA TYR A 273 5.59 -9.45 -9.19
C TYR A 273 6.27 -9.72 -10.51
N LEU A 274 7.30 -8.94 -10.81
CA LEU A 274 8.16 -9.25 -11.95
C LEU A 274 8.79 -10.64 -11.78
N TYR A 275 8.83 -11.36 -12.88
CA TYR A 275 9.03 -12.76 -12.81
C TYR A 275 10.08 -13.23 -13.84
N PHE A 276 10.10 -12.62 -15.00
CA PHE A 276 11.09 -13.04 -16.00
C PHE A 276 12.35 -12.18 -15.96
N PHE A 277 13.45 -12.75 -16.45
CA PHE A 277 14.77 -12.13 -16.34
C PHE A 277 14.89 -10.78 -17.01
N LEU A 278 14.43 -10.71 -18.23
CA LEU A 278 14.54 -9.51 -19.01
C LEU A 278 13.66 -8.39 -18.42
N GLU A 279 12.41 -8.69 -18.05
CA GLU A 279 11.55 -7.62 -17.54
C GLU A 279 12.10 -7.12 -16.21
N ARG A 280 12.70 -8.02 -15.44
CA ARG A 280 13.32 -7.61 -14.15
C ARG A 280 14.57 -6.74 -14.33
N TYR A 281 15.48 -7.16 -15.22
CA TYR A 281 16.85 -6.65 -15.17
C TYR A 281 17.27 -5.73 -16.29
N ARG A 282 16.46 -5.65 -17.33
CA ARG A 282 16.91 -4.95 -18.55
C ARG A 282 17.32 -3.50 -18.32
N ASP A 283 16.54 -2.76 -17.54
CA ASP A 283 16.88 -1.34 -17.31
CA ASP A 283 16.84 -1.35 -17.26
C ASP A 283 18.17 -1.18 -16.50
N SER A 284 18.41 -2.06 -15.52
CA SER A 284 19.66 -1.97 -14.74
C SER A 284 20.87 -2.28 -15.61
N TYR A 285 20.75 -3.24 -16.54
CA TYR A 285 21.85 -3.47 -17.48
C TYR A 285 22.08 -2.28 -18.42
N LEU A 286 21.00 -1.71 -18.92
CA LEU A 286 21.15 -0.58 -19.82
C LEU A 286 21.90 0.53 -19.09
N GLU A 287 21.48 0.83 -17.87
CA GLU A 287 22.09 1.94 -17.12
C GLU A 287 23.54 1.68 -16.71
N GLU A 288 23.81 0.42 -16.36
CA GLU A 288 25.18 -0.02 -16.04
C GLU A 288 26.12 0.20 -17.23
N LEU A 289 25.66 -0.17 -18.41
CA LEU A 289 26.48 -0.06 -19.64
C LEU A 289 26.71 1.38 -20.08
N LYS A 290 25.66 2.21 -20.01
CA LYS A 290 25.86 3.64 -20.28
C LYS A 290 26.94 4.22 -19.36
N THR A 291 27.00 3.72 -18.12
CA THR A 291 27.94 4.25 -17.13
C THR A 291 29.37 3.85 -17.50
N PHE A 292 29.55 2.58 -17.84
CA PHE A 292 30.83 2.06 -18.35
C PHE A 292 31.34 2.90 -19.54
N ILE A 293 30.47 3.16 -20.50
CA ILE A 293 30.80 3.97 -21.68
C ILE A 293 31.17 5.42 -21.30
N LYS A 294 30.39 6.03 -20.42
CA LYS A 294 30.71 7.33 -19.84
C LYS A 294 32.08 7.34 -19.18
N ASN A 295 32.40 6.32 -18.38
CA ASN A 295 33.69 6.31 -17.68
C ASN A 295 34.80 6.24 -18.73
N VAL A 296 34.64 5.35 -19.70
CA VAL A 296 35.60 5.21 -20.80
C VAL A 296 35.80 6.50 -21.59
N LYS A 297 34.72 7.08 -22.09
CA LYS A 297 34.80 8.30 -22.85
C LYS A 297 35.42 9.44 -22.07
N SER A 298 35.16 9.47 -20.77
CA SER A 298 35.53 10.63 -19.96
C SER A 298 36.83 10.40 -19.20
N GLY A 299 37.42 9.22 -19.36
CA GLY A 299 38.65 8.86 -18.64
C GLY A 299 38.48 8.75 -17.12
N GLU A 300 37.31 8.37 -16.64
CA GLU A 300 37.09 8.30 -15.21
C GLU A 300 37.45 6.92 -14.74
N PRO A 301 37.78 6.76 -13.45
CA PRO A 301 37.81 5.46 -12.79
C PRO A 301 36.50 4.69 -13.01
N PRO A 302 36.53 3.35 -13.02
CA PRO A 302 35.22 2.73 -13.25
C PRO A 302 34.24 2.93 -12.06
N ALA A 303 32.94 3.03 -12.31
CA ALA A 303 31.97 3.19 -11.21
C ALA A 303 31.97 1.98 -10.29
N VAL A 304 32.17 0.80 -10.87
CA VAL A 304 32.31 -0.40 -10.08
C VAL A 304 33.65 -1.02 -10.48
N SER A 305 34.55 -1.17 -9.53
CA SER A 305 35.96 -1.46 -9.88
C SER A 305 36.34 -2.92 -9.67
N GLY A 306 37.59 -3.26 -9.99
CA GLY A 306 38.01 -4.63 -9.81
C GLY A 306 38.05 -4.99 -8.35
N GLU A 307 38.47 -4.02 -7.56
CA GLU A 307 38.51 -4.13 -6.12
C GLU A 307 37.12 -4.43 -5.51
N ASP A 308 36.06 -3.84 -6.06
CA ASP A 308 34.69 -4.20 -5.65
C ASP A 308 34.42 -5.69 -5.90
N GLY A 309 34.80 -6.18 -7.09
CA GLY A 309 34.73 -7.61 -7.43
C GLY A 309 35.51 -8.43 -6.40
N LYS A 310 36.72 -8.02 -6.06
CA LYS A 310 37.51 -8.76 -5.08
C LYS A 310 36.87 -8.85 -3.68
N MET A 311 36.39 -7.72 -3.17
CA MET A 311 35.78 -7.71 -1.82
C MET A 311 34.55 -8.62 -1.72
N ALA A 312 33.70 -8.56 -2.73
CA ALA A 312 32.52 -9.45 -2.74
C ALA A 312 32.94 -10.92 -2.72
N LEU A 313 33.98 -11.27 -3.48
CA LEU A 313 34.49 -12.65 -3.48
C LEU A 313 35.04 -13.04 -2.11
N LEU A 314 35.78 -12.14 -1.48
CA LEU A 314 36.33 -12.45 -0.15
C LEU A 314 35.19 -12.67 0.86
N LEU A 315 34.14 -11.86 0.79
CA LEU A 315 33.01 -12.04 1.71
C LEU A 315 32.37 -13.41 1.46
N GLY A 316 32.32 -13.81 0.18
CA GLY A 316 31.80 -15.13 -0.15
C GLY A 316 32.65 -16.26 0.47
N TYR A 317 33.97 -16.16 0.36
CA TYR A 317 34.84 -17.15 0.98
C TYR A 317 34.70 -17.19 2.50
N ALA A 318 34.59 -16.02 3.12
CA ALA A 318 34.34 -15.96 4.59
C ALA A 318 33.04 -16.65 4.98
N ALA A 319 31.96 -16.40 4.22
CA ALA A 319 30.68 -17.09 4.45
C ALA A 319 30.76 -18.60 4.24
N LYS A 320 31.49 -19.04 3.22
CA LYS A 320 31.62 -20.47 2.98
C LYS A 320 32.34 -21.12 4.16
N LYS A 321 33.39 -20.47 4.63
CA LYS A 321 34.11 -20.96 5.84
C LYS A 321 33.23 -20.91 7.11
N SER A 322 32.50 -19.83 7.32
CA SER A 322 31.54 -19.75 8.44
C SER A 322 30.51 -20.88 8.42
N LEU A 323 30.01 -21.18 7.24
CA LEU A 323 28.99 -22.19 7.13
C LEU A 323 29.53 -23.53 7.62
N GLU A 324 30.71 -23.87 7.14
CA GLU A 324 31.31 -25.14 7.54
C GLU A 324 31.75 -25.15 9.01
N GLU A 325 32.29 -24.04 9.53
CA GLU A 325 32.80 -24.04 10.91
C GLU A 325 31.78 -23.60 11.96
N LYS A 326 30.60 -23.21 11.51
CA LYS A 326 29.50 -22.75 12.40
C LYS A 326 29.95 -21.66 13.37
N ARG A 327 30.67 -20.68 12.88
CA ARG A 327 31.17 -19.65 13.75
C ARG A 327 31.35 -18.43 12.87
N SER A 328 31.49 -17.30 13.53
CA SER A 328 31.74 -16.05 12.89
C SER A 328 33.17 -16.02 12.32
N VAL A 329 33.32 -15.52 11.09
CA VAL A 329 34.62 -15.51 10.42
C VAL A 329 35.01 -14.08 10.06
N LYS A 330 36.19 -13.64 10.51
CA LYS A 330 36.77 -12.35 10.16
C LYS A 330 37.34 -12.32 8.75
N LEU A 331 37.11 -11.23 8.04
CA LEU A 331 37.67 -11.12 6.68
C LEU A 331 39.18 -11.39 6.63
N GLU A 332 39.92 -10.93 7.64
CA GLU A 332 41.34 -11.25 7.75
C GLU A 332 41.71 -12.73 7.61
N GLU A 333 40.92 -13.65 8.17
CA GLU A 333 41.29 -15.05 8.06
C GLU A 333 41.19 -15.53 6.63
N VAL A 334 40.67 -14.67 5.76
CA VAL A 334 40.49 -15.11 4.38
C VAL A 334 41.38 -14.27 3.44
N ILE A 335 41.86 -13.14 3.94
CA ILE A 335 42.71 -12.22 3.18
C ILE A 335 44.13 -12.78 3.05
N LEU B 3 -23.80 10.84 35.58
CA LEU B 3 -24.84 11.27 34.58
C LEU B 3 -25.71 10.08 34.19
N ARG B 4 -27.00 10.16 34.51
CA ARG B 4 -27.89 9.02 34.36
C ARG B 4 -28.60 9.05 33.01
N ILE B 5 -28.38 7.99 32.22
CA ILE B 5 -28.90 8.00 30.85
C ILE B 5 -30.03 7.02 30.69
N GLY B 6 -31.06 7.43 29.95
CA GLY B 6 -32.13 6.56 29.53
C GLY B 6 -32.13 6.30 28.04
N VAL B 7 -32.25 5.04 27.63
CA VAL B 7 -32.22 4.70 26.21
C VAL B 7 -33.59 4.19 25.77
N ILE B 8 -34.15 4.78 24.72
CA ILE B 8 -35.43 4.32 24.18
C ILE B 8 -35.21 3.62 22.86
N GLY B 9 -35.66 2.38 22.76
CA GLY B 9 -35.56 1.61 21.52
C GLY B 9 -34.36 0.69 21.62
N LEU B 10 -34.60 -0.60 21.76
CA LEU B 10 -33.47 -1.51 21.88
C LEU B 10 -33.28 -2.27 20.58
N GLY B 11 -33.16 -1.53 19.50
CA GLY B 11 -32.86 -2.13 18.22
C GLY B 11 -31.37 -2.33 18.16
N ARG B 12 -30.86 -2.54 16.95
CA ARG B 12 -29.45 -2.67 16.74
C ARG B 12 -28.65 -1.50 17.37
N ILE B 13 -29.01 -0.28 17.02
CA ILE B 13 -28.20 0.85 17.44
C ILE B 13 -28.45 1.25 18.90
N GLY B 14 -29.72 1.25 19.33
CA GLY B 14 -29.98 1.49 20.75
C GLY B 14 -29.19 0.56 21.65
N THR B 15 -29.07 -0.71 21.26
CA THR B 15 -28.40 -1.71 22.07
C THR B 15 -26.91 -1.44 22.17
N ILE B 16 -26.33 -0.97 21.07
CA ILE B 16 -24.94 -0.58 21.03
C ILE B 16 -24.69 0.59 21.97
N HIS B 17 -25.56 1.61 21.95
CA HIS B 17 -25.40 2.71 22.89
C HIS B 17 -25.54 2.25 24.36
N ALA B 18 -26.60 1.51 24.64
CA ALA B 18 -26.81 0.96 25.99
C ALA B 18 -25.54 0.26 26.49
N GLU B 19 -25.02 -0.66 25.69
CA GLU B 19 -23.84 -1.39 26.07
C GLU B 19 -22.58 -0.54 26.20
N ASN B 20 -22.40 0.45 25.31
CA ASN B 20 -21.22 1.35 25.39
C ASN B 20 -21.11 2.20 26.65
N LEU B 21 -22.23 2.40 27.33
CA LEU B 21 -22.22 3.21 28.54
C LEU B 21 -21.28 2.60 29.59
N LYS B 22 -21.19 1.28 29.63
CA LYS B 22 -20.20 0.61 30.45
C LYS B 22 -18.79 1.17 30.28
N MET B 23 -18.50 1.75 29.13
CA MET B 23 -17.13 2.17 28.79
C MET B 23 -16.93 3.68 28.83
N ILE B 24 -17.92 4.38 29.38
CA ILE B 24 -17.88 5.82 29.46
C ILE B 24 -17.90 6.21 30.94
N ASP B 25 -16.78 6.66 31.48
CA ASP B 25 -16.77 6.84 32.93
C ASP B 25 -17.79 7.87 33.45
N ASP B 26 -18.10 8.90 32.69
CA ASP B 26 -18.96 9.89 33.35
C ASP B 26 -20.48 9.64 33.26
N ALA B 27 -20.91 8.42 32.95
CA ALA B 27 -22.33 8.18 32.71
C ALA B 27 -22.68 6.72 32.93
N ILE B 28 -23.92 6.46 33.34
CA ILE B 28 -24.37 5.09 33.53
C ILE B 28 -25.69 4.87 32.83
N LEU B 29 -25.95 3.64 32.45
CA LEU B 29 -27.23 3.31 31.88
C LEU B 29 -28.19 3.16 33.09
N TYR B 30 -29.16 4.06 33.24
CA TYR B 30 -30.08 4.00 34.37
C TYR B 30 -31.43 3.38 33.96
N ALA B 31 -31.90 3.70 32.76
CA ALA B 31 -33.21 3.22 32.26
C ALA B 31 -33.14 2.81 30.80
N ILE B 32 -34.02 1.88 30.42
CA ILE B 32 -34.20 1.48 29.02
C ILE B 32 -35.68 1.40 28.83
N SER B 33 -36.11 1.40 27.58
CA SER B 33 -37.52 1.28 27.26
C SER B 33 -37.61 0.75 25.83
N ASP B 34 -38.60 -0.08 25.59
CA ASP B 34 -38.84 -0.64 24.28
C ASP B 34 -40.26 -1.23 24.33
N VAL B 35 -40.99 -1.21 23.23
CA VAL B 35 -42.37 -1.73 23.20
C VAL B 35 -42.45 -3.28 23.27
N ARG B 36 -41.41 -3.97 22.83
CA ARG B 36 -41.40 -5.44 22.90
C ARG B 36 -41.07 -5.93 24.30
N GLU B 37 -42.07 -6.48 24.99
CA GLU B 37 -41.89 -6.85 26.40
C GLU B 37 -40.75 -7.86 26.59
N ASP B 38 -40.57 -8.73 25.61
CA ASP B 38 -39.52 -9.77 25.67
C ASP B 38 -38.14 -9.15 25.56
N ARG B 39 -37.94 -8.31 24.53
CA ARG B 39 -36.69 -7.56 24.38
C ARG B 39 -36.36 -6.76 25.66
N LEU B 40 -37.37 -6.11 26.22
CA LEU B 40 -37.17 -5.26 27.38
C LEU B 40 -36.72 -6.10 28.57
N ARG B 41 -37.40 -7.22 28.80
CA ARG B 41 -37.06 -8.08 29.95
C ARG B 41 -35.67 -8.70 29.77
N GLU B 42 -35.40 -9.13 28.54
CA GLU B 42 -34.11 -9.71 28.15
C GLU B 42 -32.92 -8.76 28.38
N MET B 43 -33.08 -7.50 27.96
CA MET B 43 -31.99 -6.53 28.00
C MET B 43 -31.82 -5.96 29.40
N LYS B 44 -32.94 -5.86 30.12
CA LYS B 44 -32.92 -5.46 31.54
C LYS B 44 -32.04 -6.42 32.32
N GLU B 45 -32.26 -7.72 32.09
CA GLU B 45 -31.46 -8.76 32.72
C GLU B 45 -30.03 -8.66 32.26
N LYS B 46 -29.85 -8.66 30.94
CA LYS B 46 -28.52 -8.72 30.34
C LYS B 46 -27.64 -7.53 30.69
N LEU B 47 -28.23 -6.34 30.79
CA LEU B 47 -27.41 -5.17 31.05
C LEU B 47 -27.41 -4.78 32.52
N GLY B 48 -28.28 -5.41 33.29
CA GLY B 48 -28.41 -5.08 34.68
C GLY B 48 -28.88 -3.64 34.87
N VAL B 49 -29.88 -3.24 34.10
CA VAL B 49 -30.50 -1.93 34.23
C VAL B 49 -31.44 -1.80 35.45
N GLU B 50 -31.36 -0.68 36.17
CA GLU B 50 -32.29 -0.40 37.28
C GLU B 50 -33.76 -0.28 36.90
N LYS B 51 -34.05 0.53 35.87
CA LYS B 51 -35.41 0.70 35.40
C LYS B 51 -35.62 0.24 33.95
N ALA B 52 -36.74 -0.45 33.70
CA ALA B 52 -37.19 -0.79 32.36
C ALA B 52 -38.62 -0.32 32.21
N TYR B 53 -38.89 0.52 31.21
CA TYR B 53 -40.21 1.08 31.03
C TYR B 53 -40.81 0.63 29.73
N LYS B 54 -42.04 0.12 29.77
CA LYS B 54 -42.71 -0.24 28.55
C LYS B 54 -43.11 1.04 27.80
N ASP B 55 -43.38 2.08 28.58
CA ASP B 55 -43.89 3.36 28.07
C ASP B 55 -42.77 4.40 28.13
N PRO B 56 -42.27 4.79 26.95
CA PRO B 56 -41.09 5.65 26.84
C PRO B 56 -41.29 7.01 27.53
N HIS B 57 -42.55 7.47 27.62
CA HIS B 57 -42.87 8.73 28.32
C HIS B 57 -42.60 8.68 29.81
N GLU B 58 -42.73 7.49 30.40
CA GLU B 58 -42.44 7.31 31.79
C GLU B 58 -40.95 7.33 32.02
N LEU B 59 -40.21 6.71 31.10
CA LEU B 59 -38.77 6.88 31.08
C LEU B 59 -38.46 8.38 31.04
N ILE B 60 -38.98 9.08 30.03
CA ILE B 60 -38.70 10.52 29.90
C ILE B 60 -39.01 11.38 31.15
N GLU B 61 -40.15 11.11 31.79
CA GLU B 61 -40.55 11.87 32.99
C GLU B 61 -39.79 11.48 34.28
N ASP B 62 -39.14 10.32 34.27
CA ASP B 62 -38.40 9.88 35.44
C ASP B 62 -37.38 10.94 35.88
N PRO B 63 -37.49 11.46 37.12
CA PRO B 63 -36.59 12.56 37.45
C PRO B 63 -35.15 12.10 37.58
N ASN B 64 -34.91 10.81 37.67
CA ASN B 64 -33.56 10.31 37.76
C ASN B 64 -32.84 10.29 36.39
N VAL B 65 -33.60 10.46 35.32
CA VAL B 65 -33.04 10.45 33.95
C VAL B 65 -32.51 11.86 33.63
N ASP B 66 -31.21 12.01 33.41
CA ASP B 66 -30.61 13.31 33.05
C ASP B 66 -30.66 13.57 31.53
N ALA B 67 -30.50 12.52 30.72
CA ALA B 67 -30.44 12.69 29.27
C ALA B 67 -31.05 11.46 28.63
N VAL B 68 -31.60 11.62 27.43
CA VAL B 68 -32.29 10.53 26.73
C VAL B 68 -31.66 10.28 25.34
N LEU B 69 -31.50 9.00 24.99
CA LEU B 69 -31.09 8.62 23.64
C LEU B 69 -32.34 8.05 22.97
N VAL B 70 -32.87 8.76 21.99
CA VAL B 70 -34.06 8.26 21.26
C VAL B 70 -33.58 7.42 20.05
N CYS B 71 -33.75 6.12 20.15
CA CYS B 71 -33.25 5.16 19.18
C CYS B 71 -34.41 4.29 18.72
N SER B 72 -35.61 4.83 18.80
CA SER B 72 -36.79 4.10 18.39
C SER B 72 -37.04 4.30 16.88
N SER B 73 -38.09 3.66 16.36
CA SER B 73 -38.38 3.82 14.93
C SER B 73 -38.56 5.29 14.59
N THR B 74 -38.30 5.63 13.32
CA THR B 74 -38.28 7.00 12.86
C THR B 74 -39.59 7.75 13.10
N ASN B 75 -40.71 7.05 12.97
CA ASN B 75 -42.00 7.75 13.03
C ASN B 75 -42.32 8.10 14.49
N THR B 76 -41.45 7.66 15.39
CA THR B 76 -41.55 7.91 16.80
C THR B 76 -40.74 9.09 17.25
N HIS B 77 -39.77 9.51 16.45
CA HIS B 77 -38.75 10.48 16.91
C HIS B 77 -39.31 11.87 17.30
N SER B 78 -40.19 12.40 16.48
CA SER B 78 -40.71 13.73 16.71
C SER B 78 -41.42 13.86 18.06
N GLU B 79 -42.35 12.95 18.34
CA GLU B 79 -43.11 12.98 19.57
C GLU B 79 -42.25 12.76 20.83
N LEU B 80 -41.28 11.86 20.73
CA LEU B 80 -40.45 11.60 21.88
C LEU B 80 -39.45 12.74 22.14
N VAL B 81 -38.89 13.30 21.10
CA VAL B 81 -38.00 14.46 21.27
C VAL B 81 -38.74 15.70 21.81
N ILE B 82 -39.96 15.90 21.33
CA ILE B 82 -40.78 16.96 21.88
C ILE B 82 -41.18 16.67 23.34
N ALA B 83 -41.48 15.42 23.71
CA ALA B 83 -41.68 15.04 25.11
C ALA B 83 -40.44 15.30 25.98
N CYS B 84 -39.24 15.06 25.43
CA CYS B 84 -38.01 15.38 26.13
C CYS B 84 -37.93 16.88 26.42
N ALA B 85 -38.20 17.70 25.40
CA ALA B 85 -38.19 19.14 25.60
C ALA B 85 -39.19 19.57 26.70
N LYS B 86 -40.42 19.08 26.62
CA LYS B 86 -41.39 19.23 27.74
C LYS B 86 -40.85 18.81 29.12
N ALA B 87 -40.14 17.68 29.22
CA ALA B 87 -39.60 17.26 30.53
C ALA B 87 -38.29 17.92 30.88
N LYS B 88 -37.84 18.87 30.06
CA LYS B 88 -36.51 19.50 30.22
C LYS B 88 -35.33 18.53 30.27
N LYS B 89 -35.36 17.51 29.41
CA LYS B 89 -34.29 16.51 29.28
C LYS B 89 -33.52 16.74 27.95
N HIS B 90 -32.19 16.88 28.08
CA HIS B 90 -31.30 16.87 26.92
C HIS B 90 -31.52 15.59 26.12
N VAL B 91 -31.46 15.73 24.82
CA VAL B 91 -31.85 14.61 23.96
C VAL B 91 -30.87 14.40 22.83
N PHE B 92 -30.46 13.14 22.66
CA PHE B 92 -29.73 12.67 21.51
C PHE B 92 -30.75 11.92 20.62
N CYS B 93 -30.86 12.24 19.34
CA CYS B 93 -31.77 11.49 18.47
C CYS B 93 -31.04 10.81 17.33
N GLU B 94 -31.15 9.49 17.25
CA GLU B 94 -30.61 8.73 16.08
C GLU B 94 -31.12 9.28 14.74
N LYS B 95 -30.27 9.15 13.72
CA LYS B 95 -30.62 9.47 12.34
C LYS B 95 -31.74 8.54 11.91
N PRO B 96 -32.64 9.04 11.07
CA PRO B 96 -32.73 10.47 10.77
C PRO B 96 -33.61 11.13 11.81
N LEU B 97 -33.47 12.43 11.99
CA LEU B 97 -34.32 13.13 12.96
C LEU B 97 -35.79 12.85 12.62
N SER B 98 -36.14 13.15 11.38
CA SER B 98 -37.47 12.89 10.89
C SER B 98 -37.35 12.93 9.37
N LEU B 99 -38.27 12.27 8.66
CA LEU B 99 -38.32 12.44 7.20
C LEU B 99 -39.24 13.58 6.84
N ASN B 100 -39.87 14.19 7.85
CA ASN B 100 -40.89 15.22 7.61
C ASN B 100 -40.34 16.54 8.09
N LEU B 101 -40.26 17.50 7.18
CA LEU B 101 -39.56 18.75 7.45
C LEU B 101 -40.21 19.59 8.54
N ALA B 102 -41.55 19.59 8.59
CA ALA B 102 -42.29 20.40 9.56
C ALA B 102 -42.05 19.82 10.93
N ASP B 103 -41.90 18.50 11.01
CA ASP B 103 -41.59 17.87 12.28
C ASP B 103 -40.18 18.22 12.76
N VAL B 104 -39.24 18.31 11.83
CA VAL B 104 -37.85 18.64 12.18
C VAL B 104 -37.84 20.03 12.79
N ASP B 105 -38.46 20.99 12.10
CA ASP B 105 -38.62 22.35 12.66
C ASP B 105 -39.19 22.42 14.08
N ARG B 106 -40.19 21.59 14.39
CA ARG B 106 -40.84 21.61 15.72
C ARG B 106 -39.90 21.03 16.80
N MET B 107 -39.27 19.89 16.48
CA MET B 107 -38.16 19.32 17.25
C MET B 107 -37.14 20.41 17.64
N ILE B 108 -36.67 21.17 16.66
CA ILE B 108 -35.66 22.22 16.90
C ILE B 108 -36.22 23.35 17.79
N GLU B 109 -37.36 23.90 17.36
CA GLU B 109 -38.07 24.94 18.13
C GLU B 109 -38.32 24.56 19.58
N GLU B 110 -38.90 23.39 19.79
CA GLU B 110 -39.25 22.94 21.16
C GLU B 110 -38.03 22.72 22.06
N THR B 111 -36.96 22.14 21.53
CA THR B 111 -35.77 21.91 22.38
C THR B 111 -35.07 23.25 22.66
N LYS B 112 -35.13 24.14 21.70
CA LYS B 112 -34.54 25.46 21.87
C LYS B 112 -35.32 26.23 22.95
N LYS B 113 -36.64 26.13 22.93
CA LYS B 113 -37.45 26.85 23.87
CA LYS B 113 -37.51 26.82 23.87
C LYS B 113 -37.29 26.25 25.28
N ALA B 114 -37.19 24.92 25.34
CA ALA B 114 -36.96 24.28 26.61
C ALA B 114 -35.52 24.47 27.06
N ASP B 115 -34.67 25.03 26.20
CA ASP B 115 -33.29 25.20 26.57
C ASP B 115 -32.56 23.85 26.86
N VAL B 116 -32.83 22.83 26.05
CA VAL B 116 -32.07 21.61 26.17
C VAL B 116 -31.39 21.32 24.82
N ILE B 117 -30.28 20.62 24.88
CA ILE B 117 -29.53 20.17 23.72
C ILE B 117 -30.33 19.18 22.87
N LEU B 118 -30.30 19.34 21.55
CA LEU B 118 -30.77 18.30 20.64
C LEU B 118 -29.55 17.88 19.79
N PHE B 119 -29.13 16.62 19.88
CA PHE B 119 -27.87 16.20 19.24
C PHE B 119 -28.31 15.19 18.20
N THR B 120 -28.06 15.48 16.92
CA THR B 120 -28.38 14.52 15.84
C THR B 120 -27.30 13.41 15.67
N GLY B 121 -27.71 12.15 15.65
CA GLY B 121 -26.79 11.03 15.62
C GLY B 121 -26.14 10.76 14.25
N PHE B 122 -25.34 11.70 13.76
CA PHE B 122 -24.47 11.40 12.60
C PHE B 122 -23.13 10.81 13.09
N ASN B 123 -23.12 9.51 13.37
CA ASN B 123 -21.98 8.88 14.04
C ASN B 123 -20.66 8.90 13.22
N ARG B 124 -20.76 9.05 11.91
CA ARG B 124 -19.57 8.93 11.03
C ARG B 124 -18.67 10.12 11.17
N ARG B 125 -19.20 11.24 11.68
CA ARG B 125 -18.29 12.34 12.02
C ARG B 125 -17.28 11.91 13.10
N PHE B 126 -17.60 10.85 13.84
CA PHE B 126 -16.74 10.37 14.93
C PHE B 126 -15.92 9.14 14.59
N ASP B 127 -16.05 8.68 13.34
CA ASP B 127 -15.11 7.72 12.75
C ASP B 127 -13.70 8.32 12.78
N ARG B 128 -12.72 7.61 13.34
CA ARG B 128 -11.45 8.25 13.62
C ARG B 128 -10.76 8.62 12.30
N ASN B 129 -11.03 7.90 11.22
CA ASN B 129 -10.35 8.23 9.95
C ASN B 129 -10.96 9.48 9.30
N PHE B 130 -12.27 9.60 9.38
CA PHE B 130 -12.96 10.71 8.73
C PHE B 130 -12.71 11.98 9.50
N LYS B 131 -12.70 11.87 10.82
CA LYS B 131 -12.42 13.03 11.65
C LYS B 131 -11.03 13.60 11.46
N LYS B 132 -10.03 12.73 11.45
CA LYS B 132 -8.64 13.12 11.14
C LYS B 132 -8.59 13.84 9.78
N LEU B 133 -9.22 13.28 8.74
CA LEU B 133 -9.25 13.97 7.45
C LEU B 133 -9.92 15.35 7.59
N LYS B 134 -11.06 15.44 8.27
CA LYS B 134 -11.74 16.75 8.46
C LYS B 134 -10.80 17.78 9.11
N GLU B 135 -10.10 17.37 10.18
CA GLU B 135 -9.17 18.26 10.86
C GLU B 135 -8.01 18.67 9.99
N ALA B 136 -7.43 17.73 9.24
CA ALA B 136 -6.39 18.11 8.28
C ALA B 136 -6.85 19.14 7.21
N VAL B 137 -8.02 18.93 6.63
CA VAL B 137 -8.55 19.87 5.64
C VAL B 137 -8.72 21.28 6.29
N GLU B 138 -9.26 21.27 7.49
CA GLU B 138 -9.52 22.49 8.29
C GLU B 138 -8.22 23.23 8.62
N ASN B 139 -7.17 22.48 8.94
CA ASN B 139 -5.88 23.08 9.23
C ASN B 139 -5.18 23.65 7.99
N GLY B 140 -5.76 23.48 6.81
CA GLY B 140 -5.14 24.00 5.55
C GLY B 140 -4.13 23.11 4.83
N THR B 141 -4.02 21.83 5.23
CA THR B 141 -3.00 20.95 4.65
C THR B 141 -3.17 20.66 3.15
N ILE B 142 -4.36 20.82 2.58
CA ILE B 142 -4.46 20.68 1.12
C ILE B 142 -4.79 22.04 0.43
N GLY B 143 -4.50 23.13 1.12
CA GLY B 143 -4.93 24.47 0.71
C GLY B 143 -6.43 24.61 0.54
N LYS B 144 -6.84 25.33 -0.47
CA LYS B 144 -8.23 25.57 -0.72
C LYS B 144 -8.82 24.33 -1.40
N PRO B 145 -9.88 23.75 -0.82
CA PRO B 145 -10.58 22.57 -1.37
C PRO B 145 -11.17 22.91 -2.74
N HIS B 146 -11.04 22.00 -3.70
CA HIS B 146 -11.55 22.20 -5.03
C HIS B 146 -12.60 21.16 -5.37
N VAL B 147 -12.32 19.90 -5.00
CA VAL B 147 -13.16 18.74 -5.39
C VAL B 147 -13.25 17.70 -4.26
N LEU B 148 -14.48 17.32 -3.94
CA LEU B 148 -14.73 16.38 -2.87
C LEU B 148 -15.20 15.12 -3.56
N ARG B 149 -14.71 13.97 -3.10
CA ARG B 149 -15.25 12.68 -3.55
C ARG B 149 -15.62 11.88 -2.32
N ILE B 150 -16.87 11.40 -2.29
CA ILE B 150 -17.29 10.45 -1.31
C ILE B 150 -17.87 9.21 -2.01
N THR B 151 -17.38 8.03 -1.63
CA THR B 151 -17.95 6.74 -2.06
C THR B 151 -18.48 6.04 -0.77
N SER B 152 -19.76 5.65 -0.74
CA SER B 152 -20.37 4.98 0.41
C SER B 152 -21.24 3.82 -0.06
N ARG B 153 -20.78 2.60 0.18
CA ARG B 153 -21.48 1.37 -0.28
C ARG B 153 -21.56 0.45 0.93
N ASP B 154 -22.75 -0.13 1.12
CA ASP B 154 -23.01 -1.08 2.16
C ASP B 154 -22.90 -2.46 1.59
N PRO B 155 -22.63 -3.45 2.46
CA PRO B 155 -22.51 -4.83 1.98
C PRO B 155 -23.85 -5.42 1.51
N ALA B 156 -24.98 -4.94 2.03
CA ALA B 156 -26.27 -5.47 1.57
C ALA B 156 -27.41 -4.47 1.81
N PRO B 157 -28.53 -4.63 1.08
CA PRO B 157 -29.63 -3.67 1.30
C PRO B 157 -30.39 -3.99 2.59
N PRO B 158 -31.11 -3.01 3.14
CA PRO B 158 -32.08 -3.36 4.20
C PRO B 158 -33.25 -4.20 3.64
N PRO B 159 -34.11 -4.77 4.51
CA PRO B 159 -35.27 -5.52 3.99
C PRO B 159 -36.23 -4.60 3.25
N LEU B 160 -36.96 -5.14 2.29
CA LEU B 160 -37.86 -4.35 1.46
C LEU B 160 -38.97 -3.64 2.22
N ASP B 161 -39.50 -4.28 3.26
CA ASP B 161 -40.53 -3.63 4.07
C ASP B 161 -39.94 -2.34 4.65
N TYR B 162 -38.67 -2.38 5.05
CA TYR B 162 -37.97 -1.19 5.52
C TYR B 162 -37.75 -0.14 4.39
N ILE B 163 -37.25 -0.60 3.25
CA ILE B 163 -37.05 0.27 2.09
C ILE B 163 -38.32 1.07 1.69
N ARG B 164 -39.47 0.41 1.68
CA ARG B 164 -40.77 1.07 1.45
C ARG B 164 -41.07 2.29 2.32
N VAL B 165 -40.68 2.27 3.59
CA VAL B 165 -40.96 3.44 4.43
C VAL B 165 -39.74 4.32 4.70
N SER B 166 -38.64 4.08 3.97
CA SER B 166 -37.34 4.71 4.27
C SER B 166 -37.22 6.11 3.70
N GLY B 167 -38.11 6.47 2.79
CA GLY B 167 -37.97 7.76 2.11
C GLY B 167 -37.08 7.69 0.88
N GLY B 168 -36.50 6.52 0.62
CA GLY B 168 -35.75 6.31 -0.63
C GLY B 168 -34.27 6.51 -0.34
N ILE B 169 -33.40 6.24 -1.32
CA ILE B 169 -31.96 6.18 -1.05
C ILE B 169 -31.41 7.51 -0.53
N PHE B 170 -31.92 8.63 -1.04
CA PHE B 170 -31.29 9.92 -0.72
C PHE B 170 -31.60 10.37 0.67
N LEU B 171 -32.70 9.85 1.22
CA LEU B 171 -33.08 10.20 2.59
C LEU B 171 -32.60 9.16 3.59
N ASP B 172 -32.49 7.91 3.17
CA ASP B 172 -32.11 6.84 4.07
C ASP B 172 -30.59 6.56 4.05
N MET B 173 -29.93 6.80 2.92
CA MET B 173 -28.52 6.40 2.80
C MET B 173 -27.59 7.62 2.59
N THR B 174 -27.87 8.41 1.57
CA THR B 174 -27.05 9.57 1.23
C THR B 174 -27.08 10.62 2.30
N ILE B 175 -28.10 10.59 3.14
CA ILE B 175 -28.16 11.52 4.28
C ILE B 175 -26.79 11.62 5.02
N HIS B 176 -26.16 10.47 5.31
CA HIS B 176 -24.88 10.48 6.03
C HIS B 176 -23.81 11.25 5.22
N ASP B 177 -23.85 11.05 3.90
CA ASP B 177 -22.86 11.68 3.02
C ASP B 177 -23.10 13.16 2.83
N PHE B 178 -24.37 13.56 2.77
CA PHE B 178 -24.65 14.98 2.67
C PHE B 178 -24.07 15.66 3.91
N ASP B 179 -24.29 15.08 5.08
CA ASP B 179 -23.80 15.68 6.30
C ASP B 179 -22.25 15.72 6.31
N MET B 180 -21.66 14.60 5.90
CA MET B 180 -20.21 14.48 5.88
C MET B 180 -19.67 15.56 4.94
N ALA B 181 -20.36 15.80 3.83
CA ALA B 181 -19.89 16.80 2.88
C ALA B 181 -19.81 18.18 3.53
N ARG B 182 -20.85 18.57 4.26
CA ARG B 182 -20.84 19.86 4.94
C ARG B 182 -19.77 19.89 6.04
N TYR B 183 -19.64 18.80 6.76
CA TYR B 183 -18.66 18.68 7.87
C TYR B 183 -17.22 18.85 7.35
N ILE B 184 -16.86 18.09 6.32
CA ILE B 184 -15.50 18.13 5.75
C ILE B 184 -15.20 19.48 5.10
N MET B 185 -16.13 20.01 4.31
CA MET B 185 -15.82 21.20 3.52
C MET B 185 -16.00 22.51 4.28
N GLY B 186 -16.73 22.46 5.40
CA GLY B 186 -16.95 23.61 6.27
C GLY B 186 -17.71 24.73 5.58
N GLU B 187 -18.55 24.37 4.61
CA GLU B 187 -19.39 25.36 3.91
C GLU B 187 -20.63 24.66 3.36
N GLU B 188 -21.58 25.47 2.92
CA GLU B 188 -22.85 24.94 2.45
C GLU B 188 -22.86 24.52 0.98
N VAL B 189 -23.69 23.52 0.70
CA VAL B 189 -24.05 23.16 -0.66
C VAL B 189 -25.25 23.99 -1.14
N GLU B 190 -25.08 24.63 -2.28
CA GLU B 190 -26.13 25.48 -2.83
C GLU B 190 -26.96 24.79 -3.91
N GLU B 191 -26.37 23.79 -4.58
CA GLU B 191 -27.06 23.09 -5.67
C GLU B 191 -26.71 21.59 -5.72
N VAL B 192 -27.65 20.76 -6.15
CA VAL B 192 -27.45 19.32 -6.23
C VAL B 192 -27.98 18.76 -7.58
N PHE B 193 -27.27 17.78 -8.15
CA PHE B 193 -27.81 17.00 -9.27
C PHE B 193 -27.73 15.56 -8.85
N ALA B 194 -28.77 14.79 -9.11
CA ALA B 194 -28.73 13.39 -8.72
C ALA B 194 -29.25 12.49 -9.80
N ASP B 195 -28.71 11.27 -9.89
CA ASP B 195 -29.31 10.25 -10.75
C ASP B 195 -29.15 8.91 -10.04
N GLY B 196 -29.90 7.88 -10.44
CA GLY B 196 -29.88 6.62 -9.73
C GLY B 196 -30.49 5.54 -10.59
N SER B 197 -30.13 4.29 -10.34
CA SER B 197 -30.66 3.17 -11.11
C SER B 197 -30.96 1.99 -10.24
N VAL B 198 -31.56 0.96 -10.83
CA VAL B 198 -31.89 -0.26 -10.11
C VAL B 198 -31.05 -1.37 -10.72
N LEU B 199 -29.94 -1.70 -10.07
CA LEU B 199 -28.95 -2.65 -10.61
C LEU B 199 -28.70 -3.81 -9.67
N VAL B 200 -29.21 -3.74 -8.45
CA VAL B 200 -28.96 -4.79 -7.47
C VAL B 200 -30.16 -5.72 -7.32
N ASP B 201 -31.35 -5.15 -7.10
CA ASP B 201 -32.56 -5.93 -6.85
C ASP B 201 -33.79 -5.28 -7.46
N GLU B 202 -34.42 -5.98 -8.39
CA GLU B 202 -35.63 -5.51 -9.05
C GLU B 202 -36.69 -4.99 -8.07
N GLU B 203 -36.82 -5.68 -6.94
CA GLU B 203 -37.87 -5.35 -5.96
C GLU B 203 -37.70 -3.94 -5.43
N ILE B 204 -36.46 -3.50 -5.29
CA ILE B 204 -36.19 -2.16 -4.79
C ILE B 204 -36.83 -1.14 -5.72
N GLY B 205 -36.67 -1.34 -7.02
CA GLY B 205 -37.28 -0.42 -8.01
C GLY B 205 -38.80 -0.51 -8.08
N LYS B 206 -39.35 -1.70 -7.87
CA LYS B 206 -40.80 -1.85 -7.74
C LYS B 206 -41.32 -1.06 -6.57
N ALA B 207 -40.52 -0.87 -5.53
CA ALA B 207 -40.96 -0.03 -4.41
C ALA B 207 -40.75 1.45 -4.71
N GLY B 208 -40.36 1.79 -5.94
CA GLY B 208 -40.17 3.21 -6.27
C GLY B 208 -38.81 3.82 -5.90
N ASP B 209 -37.83 2.98 -5.56
CA ASP B 209 -36.51 3.43 -5.07
C ASP B 209 -35.45 3.05 -6.10
N VAL B 210 -34.22 3.53 -5.87
CA VAL B 210 -33.05 3.05 -6.61
C VAL B 210 -32.05 2.45 -5.60
N ASP B 211 -31.10 1.68 -6.12
CA ASP B 211 -30.13 0.99 -5.27
C ASP B 211 -28.68 1.40 -5.55
N THR B 212 -28.52 2.30 -6.52
CA THR B 212 -27.22 2.77 -7.01
C THR B 212 -27.47 4.21 -7.41
N ALA B 213 -26.67 5.13 -6.91
CA ALA B 213 -26.91 6.55 -7.19
C ALA B 213 -25.64 7.36 -7.20
N VAL B 214 -25.68 8.48 -7.92
CA VAL B 214 -24.63 9.49 -7.91
C VAL B 214 -25.23 10.88 -7.62
N VAL B 215 -24.51 11.73 -6.90
CA VAL B 215 -25.07 13.03 -6.56
C VAL B 215 -23.96 14.02 -6.70
N VAL B 216 -24.16 15.05 -7.51
CA VAL B 216 -23.17 16.09 -7.61
C VAL B 216 -23.55 17.27 -6.72
N LEU B 217 -22.56 17.84 -6.05
CA LEU B 217 -22.79 18.94 -5.12
C LEU B 217 -22.05 20.18 -5.58
N ARG B 218 -22.71 21.32 -5.59
CA ARG B 218 -22.03 22.56 -5.87
C ARG B 218 -22.03 23.37 -4.59
N PHE B 219 -20.83 23.70 -4.09
CA PHE B 219 -20.71 24.40 -2.82
C PHE B 219 -20.69 25.91 -3.02
N LYS B 220 -21.02 26.66 -1.97
CA LYS B 220 -20.90 28.13 -2.01
C LYS B 220 -19.64 28.68 -2.66
N SER B 221 -18.46 28.11 -2.32
CA SER B 221 -17.19 28.55 -2.90
C SER B 221 -17.00 28.25 -4.38
N GLY B 222 -17.85 27.43 -4.98
CA GLY B 222 -17.54 26.97 -6.35
C GLY B 222 -16.92 25.58 -6.38
N ALA B 223 -16.42 25.13 -5.24
CA ALA B 223 -15.93 23.77 -5.09
C ALA B 223 -17.04 22.83 -5.51
N LEU B 224 -16.66 21.67 -6.06
CA LEU B 224 -17.62 20.66 -6.53
C LEU B 224 -17.44 19.36 -5.74
N GLY B 225 -18.52 18.62 -5.54
CA GLY B 225 -18.37 17.30 -4.89
C GLY B 225 -19.17 16.22 -5.60
N VAL B 226 -18.77 14.96 -5.43
CA VAL B 226 -19.58 13.90 -6.00
C VAL B 226 -19.63 12.79 -5.00
N ILE B 227 -20.85 12.32 -4.72
CA ILE B 227 -21.06 11.18 -3.84
C ILE B 227 -21.51 10.03 -4.72
N ASP B 228 -21.01 8.82 -4.51
CA ASP B 228 -21.73 7.69 -5.15
C ASP B 228 -22.07 6.68 -4.11
N ASN B 229 -23.21 6.00 -4.30
CA ASN B 229 -23.76 5.08 -3.33
C ASN B 229 -24.11 3.75 -4.01
N SER B 230 -24.07 2.67 -3.23
CA SER B 230 -24.60 1.41 -3.68
C SER B 230 -25.13 0.67 -2.48
N ARG B 231 -26.20 -0.07 -2.68
CA ARG B 231 -26.75 -0.86 -1.61
C ARG B 231 -26.06 -2.20 -1.43
N ARG B 232 -25.20 -2.57 -2.36
CA ARG B 232 -24.54 -3.89 -2.29
C ARG B 232 -23.12 -3.96 -2.87
N ALA B 233 -22.13 -3.89 -1.97
CA ALA B 233 -20.75 -4.15 -2.33
C ALA B 233 -20.40 -5.52 -1.73
N VAL B 234 -20.14 -6.50 -2.58
CA VAL B 234 -19.87 -7.86 -2.12
C VAL B 234 -18.65 -7.96 -1.18
N TYR B 235 -17.72 -6.98 -1.27
CA TYR B 235 -16.48 -7.06 -0.52
C TYR B 235 -16.55 -6.46 0.89
N GLY B 236 -17.68 -5.87 1.26
CA GLY B 236 -17.86 -5.22 2.57
C GLY B 236 -18.22 -3.75 2.48
N TYR B 237 -18.16 -3.01 3.58
CA TYR B 237 -18.31 -1.56 3.50
C TYR B 237 -17.24 -0.96 2.59
N ASP B 238 -17.66 -0.04 1.75
CA ASP B 238 -16.71 0.77 1.01
C ASP B 238 -17.05 2.21 1.27
N GLN B 239 -16.34 2.79 2.24
CA GLN B 239 -16.63 4.17 2.60
C GLN B 239 -15.35 4.96 2.56
N ARG B 240 -15.12 5.62 1.43
CA ARG B 240 -13.92 6.40 1.20
C ARG B 240 -14.24 7.90 1.02
N ILE B 241 -13.30 8.73 1.44
CA ILE B 241 -13.39 10.18 1.32
C ILE B 241 -12.11 10.68 0.69
N GLU B 242 -12.24 11.54 -0.31
CA GLU B 242 -11.08 12.23 -0.86
C GLU B 242 -11.36 13.73 -0.98
N VAL B 243 -10.42 14.56 -0.59
CA VAL B 243 -10.54 16.02 -0.86
C VAL B 243 -9.33 16.48 -1.67
N PHE B 244 -9.56 17.16 -2.78
CA PHE B 244 -8.45 17.64 -3.61
C PHE B 244 -8.47 19.16 -3.56
N GLY B 245 -7.32 19.79 -3.40
CA GLY B 245 -7.33 21.24 -3.40
C GLY B 245 -6.03 21.85 -3.91
N SER B 246 -5.83 23.14 -3.67
CA SER B 246 -4.75 23.82 -4.34
C SER B 246 -3.35 23.34 -3.94
N LYS B 247 -3.21 22.72 -2.78
CA LYS B 247 -1.89 22.30 -2.27
C LYS B 247 -1.73 20.77 -2.21
N GLY B 248 -2.73 20.02 -2.61
CA GLY B 248 -2.54 18.56 -2.63
C GLY B 248 -3.82 17.79 -2.53
N ARG B 249 -3.73 16.52 -2.15
CA ARG B 249 -4.91 15.65 -2.07
C ARG B 249 -4.86 14.95 -0.75
N ILE B 250 -6.02 14.70 -0.16
CA ILE B 250 -6.08 13.88 1.07
C ILE B 250 -7.19 12.80 0.96
N PHE B 251 -6.97 11.62 1.55
CA PHE B 251 -7.81 10.42 1.31
C PHE B 251 -7.95 9.66 2.65
N ALA B 252 -9.16 9.21 2.98
CA ALA B 252 -9.31 8.25 4.07
C ALA B 252 -9.73 6.92 3.42
N ASP B 253 -8.98 5.84 3.68
CA ASP B 253 -9.32 4.55 3.12
C ASP B 253 -10.21 3.74 4.06
N ASN B 254 -10.77 2.64 3.57
CA ASN B 254 -11.39 1.65 4.38
C ASN B 254 -10.39 0.96 5.33
N VAL B 255 -10.94 0.40 6.39
CA VAL B 255 -10.19 -0.39 7.36
C VAL B 255 -10.24 -1.88 6.94
N ARG B 256 -9.13 -2.57 7.08
CA ARG B 256 -9.11 -4.02 6.83
C ARG B 256 -9.11 -4.71 8.19
N GLU B 257 -9.54 -5.97 8.19
CA GLU B 257 -9.54 -6.80 9.39
C GLU B 257 -8.20 -6.94 10.08
N THR B 258 -7.12 -7.13 9.30
CA THR B 258 -5.78 -7.22 9.90
C THR B 258 -4.77 -6.58 8.98
N THR B 259 -3.52 -6.53 9.40
CA THR B 259 -2.45 -5.94 8.58
C THR B 259 -1.73 -7.02 7.77
N VAL B 260 -2.32 -8.20 7.71
CA VAL B 260 -1.62 -9.33 7.10
C VAL B 260 -1.77 -9.38 5.59
N VAL B 261 -0.66 -9.67 4.94
CA VAL B 261 -0.60 -9.74 3.51
C VAL B 261 0.00 -11.08 3.06
N LEU B 262 -0.73 -11.78 2.20
CA LEU B 262 -0.31 -13.10 1.67
C LEU B 262 0.13 -12.99 0.20
N THR B 263 1.31 -13.48 -0.16
CA THR B 263 1.79 -13.34 -1.54
C THR B 263 1.93 -14.67 -2.25
N ASP B 264 1.31 -14.82 -3.42
CA ASP B 264 1.50 -16.07 -4.18
C ASP B 264 1.79 -15.75 -5.62
N GLU B 265 1.70 -16.74 -6.49
CA GLU B 265 1.95 -16.53 -7.92
C GLU B 265 1.30 -15.33 -8.53
N GLN B 266 0.08 -15.05 -8.12
CA GLN B 266 -0.66 -13.96 -8.71
C GLN B 266 -0.36 -12.59 -8.09
N GLY B 267 0.37 -12.57 -6.97
CA GLY B 267 0.75 -11.29 -6.34
C GLY B 267 0.29 -11.20 -4.89
N ASP B 268 0.19 -9.97 -4.36
CA ASP B 268 -0.20 -9.75 -2.95
C ASP B 268 -1.70 -9.83 -2.79
N ARG B 269 -2.11 -10.28 -1.61
CA ARG B 269 -3.50 -10.40 -1.26
C ARG B 269 -3.63 -9.96 0.16
N GLY B 270 -4.41 -8.91 0.34
CA GLY B 270 -4.62 -8.31 1.66
C GLY B 270 -5.84 -8.91 2.35
N SER B 271 -6.06 -8.54 3.59
CA SER B 271 -7.13 -9.15 4.33
C SER B 271 -8.48 -8.57 3.96
N ARG B 272 -9.54 -9.20 4.43
CA ARG B 272 -10.91 -8.77 4.05
C ARG B 272 -11.18 -7.39 4.60
N TYR B 273 -12.08 -6.67 3.94
CA TYR B 273 -12.51 -5.36 4.46
C TYR B 273 -13.45 -5.61 5.67
N LEU B 274 -13.62 -4.66 6.57
CA LEU B 274 -14.72 -4.76 7.57
C LEU B 274 -16.04 -4.97 6.85
N TYR B 275 -16.87 -5.85 7.41
CA TYR B 275 -18.03 -6.36 6.71
C TYR B 275 -19.29 -6.35 7.64
N PHE B 276 -19.10 -6.58 8.95
CA PHE B 276 -20.24 -6.68 9.86
C PHE B 276 -20.52 -5.33 10.54
N PHE B 277 -21.78 -5.07 10.88
CA PHE B 277 -22.20 -3.75 11.42
C PHE B 277 -21.37 -3.34 12.64
N LEU B 278 -21.21 -4.28 13.56
CA LEU B 278 -20.57 -3.91 14.81
C LEU B 278 -19.07 -3.63 14.65
N GLU B 279 -18.32 -4.54 14.01
CA GLU B 279 -16.86 -4.30 13.83
C GLU B 279 -16.65 -2.95 13.11
N ARG B 280 -17.54 -2.62 12.18
CA ARG B 280 -17.40 -1.39 11.41
C ARG B 280 -17.67 -0.11 12.21
N TYR B 281 -18.75 -0.12 13.00
CA TYR B 281 -19.34 1.10 13.53
C TYR B 281 -19.22 1.31 15.03
N ARG B 282 -18.89 0.26 15.78
CA ARG B 282 -18.93 0.37 17.24
C ARG B 282 -18.12 1.56 17.79
N ASP B 283 -16.90 1.76 17.30
CA ASP B 283 -16.04 2.82 17.82
CA ASP B 283 -16.02 2.83 17.78
C ASP B 283 -16.59 4.22 17.48
N SER B 284 -17.13 4.40 16.28
CA SER B 284 -17.73 5.71 15.94
C SER B 284 -18.91 6.01 16.89
N TYR B 285 -19.71 5.01 17.20
CA TYR B 285 -20.84 5.18 18.16
C TYR B 285 -20.34 5.47 19.61
N LEU B 286 -19.27 4.77 20.03
CA LEU B 286 -18.71 5.01 21.35
C LEU B 286 -18.22 6.45 21.44
N GLU B 287 -17.49 6.87 20.42
CA GLU B 287 -16.94 8.22 20.46
C GLU B 287 -18.04 9.32 20.30
N GLU B 288 -19.04 9.04 19.49
CA GLU B 288 -20.18 9.95 19.35
C GLU B 288 -20.90 10.11 20.70
N LEU B 289 -21.23 9.02 21.36
CA LEU B 289 -21.89 9.10 22.68
C LEU B 289 -21.08 9.86 23.76
N LYS B 290 -19.79 9.52 23.89
CA LYS B 290 -18.86 10.28 24.73
C LYS B 290 -18.95 11.77 24.49
N THR B 291 -18.97 12.18 23.23
CA THR B 291 -19.07 13.61 22.92
C THR B 291 -20.41 14.22 23.36
N PHE B 292 -21.50 13.52 23.07
CA PHE B 292 -22.81 13.93 23.61
C PHE B 292 -22.78 14.07 25.13
N ILE B 293 -22.26 13.08 25.83
CA ILE B 293 -22.18 13.15 27.29
C ILE B 293 -21.34 14.40 27.68
N LYS B 294 -20.19 14.57 27.02
CA LYS B 294 -19.41 15.79 27.22
C LYS B 294 -20.17 17.10 27.04
N ASN B 295 -20.86 17.24 25.90
CA ASN B 295 -21.63 18.46 25.63
C ASN B 295 -22.63 18.77 26.75
N VAL B 296 -23.37 17.75 27.17
CA VAL B 296 -24.34 17.84 28.28
C VAL B 296 -23.67 18.27 29.59
N LYS B 297 -22.59 17.60 29.95
CA LYS B 297 -21.93 17.88 31.23
C LYS B 297 -21.40 19.30 31.33
N SER B 298 -20.96 19.83 30.19
CA SER B 298 -20.24 21.11 30.12
C SER B 298 -21.10 22.25 29.67
N GLY B 299 -22.36 21.98 29.39
CA GLY B 299 -23.27 22.97 28.83
C GLY B 299 -22.87 23.50 27.47
N GLU B 300 -22.21 22.67 26.66
CA GLU B 300 -21.75 23.09 25.34
C GLU B 300 -22.87 22.92 24.32
N PRO B 301 -22.81 23.64 23.21
CA PRO B 301 -23.73 23.34 22.12
C PRO B 301 -23.48 21.88 21.66
N PRO B 302 -24.48 21.20 21.09
CA PRO B 302 -24.20 19.85 20.62
C PRO B 302 -23.16 19.84 19.48
N ALA B 303 -22.30 18.83 19.44
CA ALA B 303 -21.37 18.72 18.33
C ALA B 303 -22.11 18.57 16.99
N VAL B 304 -23.23 17.83 16.99
CA VAL B 304 -24.03 17.74 15.77
C VAL B 304 -25.41 18.22 16.19
N SER B 305 -25.90 19.30 15.56
CA SER B 305 -27.15 19.93 15.99
C SER B 305 -28.36 19.47 15.20
N GLY B 306 -29.54 19.88 15.69
CA GLY B 306 -30.79 19.68 14.92
C GLY B 306 -30.68 20.31 13.55
N GLU B 307 -30.05 21.49 13.47
CA GLU B 307 -29.90 22.16 12.20
CA GLU B 307 -29.85 22.20 12.20
C GLU B 307 -29.02 21.37 11.21
N ASP B 308 -28.03 20.63 11.75
CA ASP B 308 -27.27 19.69 10.92
C ASP B 308 -28.21 18.63 10.34
N GLY B 309 -29.07 18.06 11.18
CA GLY B 309 -30.08 17.12 10.70
C GLY B 309 -31.04 17.67 9.67
N LYS B 310 -31.52 18.90 9.89
CA LYS B 310 -32.40 19.58 8.92
C LYS B 310 -31.74 19.80 7.55
N MET B 311 -30.51 20.30 7.53
CA MET B 311 -29.81 20.47 6.23
C MET B 311 -29.62 19.19 5.39
N ALA B 312 -29.33 18.07 6.05
CA ALA B 312 -29.15 16.77 5.37
C ALA B 312 -30.44 16.26 4.78
N LEU B 313 -31.52 16.42 5.53
CA LEU B 313 -32.87 16.20 4.99
C LEU B 313 -33.19 17.10 3.77
N LEU B 314 -32.91 18.40 3.84
CA LEU B 314 -33.19 19.29 2.73
C LEU B 314 -32.42 18.87 1.48
N LEU B 315 -31.14 18.53 1.67
CA LEU B 315 -30.33 17.99 0.57
C LEU B 315 -30.92 16.69 0.01
N GLY B 316 -31.47 15.85 0.88
CA GLY B 316 -32.16 14.66 0.45
C GLY B 316 -33.33 15.02 -0.47
N TYR B 317 -34.15 15.97 -0.04
CA TYR B 317 -35.29 16.37 -0.86
C TYR B 317 -34.85 16.95 -2.20
N ALA B 318 -33.80 17.79 -2.19
CA ALA B 318 -33.30 18.36 -3.44
C ALA B 318 -32.86 17.28 -4.42
N ALA B 319 -32.20 16.24 -3.90
CA ALA B 319 -31.75 15.14 -4.75
C ALA B 319 -32.94 14.37 -5.30
N LYS B 320 -33.92 14.06 -4.43
CA LYS B 320 -35.11 13.37 -4.90
C LYS B 320 -35.79 14.14 -6.03
N LYS B 321 -35.92 15.45 -5.90
CA LYS B 321 -36.45 16.31 -6.96
C LYS B 321 -35.59 16.28 -8.22
N SER B 322 -34.27 16.32 -8.05
CA SER B 322 -33.36 16.30 -9.19
C SER B 322 -33.47 14.97 -9.96
N LEU B 323 -33.62 13.85 -9.25
CA LEU B 323 -33.70 12.58 -9.91
C LEU B 323 -34.92 12.66 -10.85
N GLU B 324 -36.04 13.05 -10.28
CA GLU B 324 -37.29 13.12 -11.02
C GLU B 324 -37.28 14.16 -12.15
N GLU B 325 -36.63 15.31 -11.96
CA GLU B 325 -36.68 16.39 -12.99
C GLU B 325 -35.50 16.46 -13.98
N LYS B 326 -34.56 15.54 -13.78
CA LYS B 326 -33.36 15.41 -14.60
C LYS B 326 -32.59 16.72 -14.72
N ARG B 327 -32.48 17.42 -13.61
CA ARG B 327 -31.76 18.67 -13.66
C ARG B 327 -31.25 19.03 -12.27
N SER B 328 -30.37 20.01 -12.26
CA SER B 328 -29.85 20.56 -11.03
C SER B 328 -30.94 21.29 -10.24
N VAL B 329 -30.91 21.18 -8.91
CA VAL B 329 -31.94 21.76 -8.04
C VAL B 329 -31.26 22.59 -6.97
N LYS B 330 -31.63 23.85 -6.89
CA LYS B 330 -31.19 24.74 -5.82
C LYS B 330 -31.86 24.42 -4.50
N LEU B 331 -31.05 24.56 -3.45
CA LEU B 331 -31.51 24.29 -2.10
C LEU B 331 -32.70 25.22 -1.77
N GLU B 332 -32.65 26.46 -2.24
CA GLU B 332 -33.78 27.38 -2.12
CA GLU B 332 -33.79 27.34 -2.05
C GLU B 332 -35.09 26.70 -2.52
N GLU B 333 -35.06 25.97 -3.63
CA GLU B 333 -36.27 25.40 -4.17
C GLU B 333 -36.96 24.53 -3.15
N VAL B 334 -36.25 24.02 -2.17
CA VAL B 334 -36.90 23.08 -1.29
C VAL B 334 -37.03 23.59 0.14
N ILE B 335 -36.49 24.77 0.41
CA ILE B 335 -36.60 25.32 1.76
C ILE B 335 -37.92 26.04 1.98
N LEU C 3 7.24 -0.90 -44.07
CA LEU C 3 6.18 0.15 -43.95
C LEU C 3 6.86 1.50 -43.81
N ARG C 4 6.62 2.42 -44.75
CA ARG C 4 7.25 3.74 -44.71
C ARG C 4 6.27 4.80 -44.24
N ILE C 5 6.63 5.47 -43.16
CA ILE C 5 5.71 6.41 -42.52
C ILE C 5 6.16 7.83 -42.78
N GLY C 6 5.23 8.71 -43.12
CA GLY C 6 5.47 10.17 -43.06
C GLY C 6 4.72 10.80 -41.89
N VAL C 7 5.42 11.66 -41.16
CA VAL C 7 4.88 12.38 -39.99
C VAL C 7 4.72 13.89 -40.31
N ILE C 8 3.51 14.41 -40.21
CA ILE C 8 3.25 15.84 -40.48
C ILE C 8 3.11 16.61 -39.16
N GLY C 9 3.96 17.61 -38.97
CA GLY C 9 3.89 18.44 -37.77
C GLY C 9 4.76 17.90 -36.66
N LEU C 10 5.85 18.58 -36.34
CA LEU C 10 6.81 18.11 -35.35
C LEU C 10 6.78 18.89 -34.07
N GLY C 11 5.60 19.02 -33.49
CA GLY C 11 5.49 19.55 -32.15
C GLY C 11 5.84 18.46 -31.15
N ARG C 12 5.30 18.60 -29.97
CA ARG C 12 5.70 17.74 -28.88
C ARG C 12 5.39 16.30 -29.24
N ILE C 13 4.19 16.06 -29.74
CA ILE C 13 3.78 14.67 -29.95
C ILE C 13 4.30 14.10 -31.26
N GLY C 14 4.26 14.89 -32.33
CA GLY C 14 4.82 14.52 -33.63
C GLY C 14 6.24 14.03 -33.46
N THR C 15 7.04 14.81 -32.75
CA THR C 15 8.42 14.48 -32.42
C THR C 15 8.52 13.16 -31.65
N ILE C 16 7.57 12.89 -30.73
CA ILE C 16 7.63 11.61 -30.01
C ILE C 16 7.30 10.46 -30.99
N HIS C 17 6.28 10.61 -31.80
CA HIS C 17 6.01 9.55 -32.75
C HIS C 17 7.22 9.34 -33.67
N ALA C 18 7.81 10.45 -34.13
CA ALA C 18 8.89 10.38 -35.10
C ALA C 18 10.05 9.58 -34.51
N GLU C 19 10.36 9.85 -33.25
CA GLU C 19 11.51 9.22 -32.61
C GLU C 19 11.26 7.78 -32.18
N ASN C 20 10.01 7.45 -31.85
CA ASN C 20 9.67 6.10 -31.47
C ASN C 20 9.80 5.16 -32.67
N LEU C 21 9.69 5.68 -33.87
CA LEU C 21 9.72 4.80 -35.04
C LEU C 21 11.00 3.94 -35.08
N LYS C 22 12.13 4.48 -34.59
CA LYS C 22 13.37 3.73 -34.38
C LYS C 22 13.22 2.50 -33.49
N MET C 23 12.27 2.56 -32.55
CA MET C 23 11.97 1.45 -31.63
C MET C 23 10.98 0.44 -32.21
N ILE C 24 10.52 0.69 -33.44
CA ILE C 24 9.53 -0.16 -34.08
C ILE C 24 10.09 -0.88 -35.32
N ALA C 27 8.87 -0.72 -39.12
CA ALA C 27 8.39 0.48 -39.76
C ALA C 27 9.48 1.53 -39.75
N ILE C 28 9.46 2.38 -40.76
CA ILE C 28 10.53 3.33 -40.99
C ILE C 28 10.00 4.78 -41.05
N LEU C 29 10.69 5.67 -40.38
CA LEU C 29 10.44 7.10 -40.56
C LEU C 29 11.04 7.51 -41.90
N TYR C 30 10.21 7.54 -42.94
CA TYR C 30 10.67 7.89 -44.26
C TYR C 30 10.67 9.43 -44.48
N ALA C 31 9.53 10.07 -44.22
CA ALA C 31 9.37 11.50 -44.50
C ALA C 31 8.85 12.25 -43.28
N ILE C 32 9.34 13.47 -43.11
CA ILE C 32 8.80 14.44 -42.14
C ILE C 32 8.42 15.77 -42.78
N SER C 33 7.45 16.44 -42.17
CA SER C 33 6.96 17.73 -42.67
C SER C 33 6.60 18.67 -41.49
N ASP C 34 6.98 19.94 -41.61
CA ASP C 34 6.62 20.97 -40.62
C ASP C 34 6.78 22.34 -41.28
N VAL C 35 5.86 23.27 -41.01
CA VAL C 35 5.92 24.59 -41.65
C VAL C 35 7.16 25.38 -41.23
N ARG C 36 7.77 25.03 -40.12
CA ARG C 36 8.94 25.77 -39.63
C ARG C 36 10.27 25.28 -40.24
N GLU C 37 10.72 25.97 -41.29
CA GLU C 37 12.00 25.71 -41.96
C GLU C 37 13.12 25.26 -41.02
N ASP C 38 13.27 25.94 -39.91
CA ASP C 38 14.37 25.68 -38.99
C ASP C 38 14.16 24.37 -38.26
N ARG C 39 12.97 24.22 -37.68
CA ARG C 39 12.63 23.01 -36.95
C ARG C 39 12.72 21.81 -37.88
N LEU C 40 12.40 22.03 -39.16
CA LEU C 40 12.41 20.95 -40.13
C LEU C 40 13.84 20.46 -40.44
N ARG C 41 14.71 21.40 -40.80
CA ARG C 41 16.10 21.07 -41.11
C ARG C 41 16.76 20.44 -39.88
N GLU C 42 16.47 21.03 -38.73
CA GLU C 42 17.04 20.57 -37.49
C GLU C 42 16.60 19.13 -37.15
N MET C 43 15.43 18.72 -37.61
CA MET C 43 14.92 17.38 -37.29
C MET C 43 15.30 16.37 -38.39
N LYS C 44 15.33 16.80 -39.64
CA LYS C 44 15.78 15.91 -40.69
C LYS C 44 17.17 15.42 -40.34
N GLU C 45 18.01 16.35 -39.92
CA GLU C 45 19.39 16.03 -39.64
C GLU C 45 19.44 15.04 -38.49
N LYS C 46 18.98 15.49 -37.32
CA LYS C 46 19.10 14.78 -36.06
C LYS C 46 18.44 13.40 -36.05
N LEU C 47 17.40 13.22 -36.87
CA LEU C 47 16.71 11.93 -36.99
C LEU C 47 17.17 11.17 -38.23
N GLY C 48 18.01 11.79 -39.04
CA GLY C 48 18.46 11.18 -40.28
C GLY C 48 17.34 10.71 -41.20
N VAL C 49 16.43 11.61 -41.54
CA VAL C 49 15.26 11.26 -42.35
C VAL C 49 15.46 11.46 -43.86
N GLU C 50 14.93 10.54 -44.66
CA GLU C 50 15.17 10.65 -46.10
C GLU C 50 14.57 11.92 -46.69
N LYS C 51 13.24 12.04 -46.65
CA LYS C 51 12.55 13.23 -47.14
C LYS C 51 12.20 14.24 -46.03
N ALA C 52 12.19 15.52 -46.40
CA ALA C 52 11.71 16.60 -45.53
C ALA C 52 10.95 17.63 -46.37
N TYR C 53 9.65 17.72 -46.15
CA TYR C 53 8.78 18.61 -46.92
C TYR C 53 8.25 19.74 -46.04
N LYS C 54 8.50 20.99 -46.43
CA LYS C 54 7.79 22.08 -45.75
C LYS C 54 6.30 22.14 -46.13
N ASP C 55 5.94 21.52 -47.26
CA ASP C 55 4.55 21.43 -47.69
C ASP C 55 3.98 20.03 -47.44
N PRO C 56 3.07 19.90 -46.47
CA PRO C 56 2.50 18.62 -46.07
C PRO C 56 1.85 17.88 -47.22
N HIS C 57 1.26 18.60 -48.17
CA HIS C 57 0.58 17.94 -49.28
C HIS C 57 1.56 17.20 -50.17
N GLU C 58 2.81 17.62 -50.12
CA GLU C 58 3.87 16.95 -50.85
C GLU C 58 4.07 15.59 -50.21
N LEU C 59 4.29 15.60 -48.90
CA LEU C 59 4.50 14.37 -48.15
C LEU C 59 3.42 13.33 -48.38
N ILE C 60 2.16 13.77 -48.34
CA ILE C 60 1.02 12.88 -48.52
C ILE C 60 0.98 12.28 -49.92
N GLU C 61 1.47 13.06 -50.89
CA GLU C 61 1.45 12.66 -52.30
C GLU C 61 2.70 11.86 -52.69
N ASP C 62 3.72 11.90 -51.84
CA ASP C 62 4.91 11.11 -52.10
C ASP C 62 4.49 9.65 -52.27
N PRO C 63 4.91 9.02 -53.39
CA PRO C 63 4.47 7.65 -53.67
C PRO C 63 5.16 6.63 -52.77
N ASN C 64 6.26 7.03 -52.13
CA ASN C 64 6.98 6.14 -51.20
C ASN C 64 6.52 6.22 -49.74
N VAL C 65 5.45 6.98 -49.49
CA VAL C 65 4.88 7.08 -48.15
C VAL C 65 3.67 6.17 -48.09
N ASP C 66 3.68 5.22 -47.17
CA ASP C 66 2.64 4.22 -47.11
C ASP C 66 1.50 4.63 -46.15
N ALA C 67 1.86 5.34 -45.09
CA ALA C 67 0.90 5.72 -44.06
C ALA C 67 1.32 7.07 -43.53
N VAL C 68 0.35 7.91 -43.16
CA VAL C 68 0.67 9.24 -42.63
C VAL C 68 0.21 9.44 -41.17
N LEU C 69 1.06 10.08 -40.37
CA LEU C 69 0.70 10.58 -39.03
C LEU C 69 0.42 12.08 -39.09
N VAL C 70 -0.83 12.47 -38.90
CA VAL C 70 -1.18 13.89 -38.84
C VAL C 70 -1.10 14.40 -37.38
N CYS C 71 -0.03 15.13 -37.07
CA CYS C 71 0.24 15.64 -35.73
C CYS C 71 0.41 17.15 -35.74
N SER C 72 -0.22 17.82 -36.68
CA SER C 72 -0.16 19.30 -36.74
C SER C 72 -1.33 19.90 -35.93
N SER C 73 -1.54 21.21 -36.00
CA SER C 73 -2.64 21.85 -35.25
C SER C 73 -4.01 21.38 -35.67
N THR C 74 -4.91 21.36 -34.70
CA THR C 74 -6.23 20.82 -34.87
C THR C 74 -6.99 21.39 -36.08
N ASN C 75 -6.71 22.65 -36.42
CA ASN C 75 -7.44 23.27 -37.53
C ASN C 75 -6.96 22.76 -38.90
N THR C 76 -5.77 22.15 -38.93
CA THR C 76 -5.26 21.56 -40.17
C THR C 76 -5.76 20.13 -40.37
N HIS C 77 -6.23 19.48 -39.30
CA HIS C 77 -6.50 18.03 -39.31
C HIS C 77 -7.44 17.59 -40.43
N SER C 78 -8.58 18.26 -40.53
CA SER C 78 -9.63 17.84 -41.44
C SER C 78 -9.15 17.83 -42.89
N GLU C 79 -8.45 18.89 -43.28
CA GLU C 79 -7.95 19.00 -44.64
C GLU C 79 -6.91 17.93 -44.97
N LEU C 80 -5.90 17.79 -44.10
CA LEU C 80 -4.87 16.77 -44.31
C LEU C 80 -5.48 15.35 -44.32
N VAL C 81 -6.52 15.11 -43.52
CA VAL C 81 -7.04 13.75 -43.43
C VAL C 81 -7.84 13.36 -44.68
N ILE C 82 -8.57 14.33 -45.18
CA ILE C 82 -9.33 14.16 -46.43
C ILE C 82 -8.35 14.04 -47.61
N ALA C 83 -7.26 14.80 -47.54
CA ALA C 83 -6.16 14.71 -48.50
C ALA C 83 -5.42 13.38 -48.49
N CYS C 84 -5.35 12.70 -47.33
CA CYS C 84 -4.72 11.38 -47.30
C CYS C 84 -5.69 10.41 -47.94
N ALA C 85 -6.98 10.65 -47.70
CA ALA C 85 -8.06 9.85 -48.24
C ALA C 85 -8.02 9.89 -49.76
N LYS C 86 -7.70 11.07 -50.30
CA LYS C 86 -7.69 11.30 -51.75
C LYS C 86 -6.52 10.58 -52.37
N ALA C 87 -5.41 10.54 -51.64
CA ALA C 87 -4.19 9.95 -52.15
C ALA C 87 -4.05 8.50 -51.72
N LYS C 88 -5.14 7.93 -51.22
CA LYS C 88 -5.13 6.53 -50.78
C LYS C 88 -4.00 6.23 -49.79
N LYS C 89 -3.87 7.09 -48.77
CA LYS C 89 -2.94 6.83 -47.71
C LYS C 89 -3.69 6.54 -46.38
N HIS C 90 -3.32 5.45 -45.70
CA HIS C 90 -3.83 5.18 -44.38
C HIS C 90 -3.36 6.32 -43.50
N VAL C 91 -4.23 6.79 -42.62
CA VAL C 91 -3.93 7.99 -41.85
C VAL C 91 -4.20 7.79 -40.35
N PHE C 92 -3.22 8.22 -39.55
CA PHE C 92 -3.38 8.26 -38.09
C PHE C 92 -3.57 9.74 -37.77
N CYS C 93 -4.59 10.09 -36.99
CA CYS C 93 -4.76 11.52 -36.64
C CYS C 93 -4.68 11.79 -35.14
N GLU C 94 -3.81 12.72 -34.74
CA GLU C 94 -3.71 13.04 -33.32
C GLU C 94 -5.03 13.62 -32.76
N LYS C 95 -5.25 13.36 -31.48
CA LYS C 95 -6.33 14.00 -30.74
C LYS C 95 -6.26 15.53 -30.90
N PRO C 96 -7.41 16.16 -31.13
CA PRO C 96 -8.69 15.55 -31.48
C PRO C 96 -8.82 15.56 -33.03
N LEU C 97 -9.69 14.70 -33.59
CA LEU C 97 -9.96 14.71 -35.03
C LEU C 97 -10.30 16.12 -35.45
N SER C 98 -11.33 16.67 -34.82
CA SER C 98 -11.72 18.06 -35.07
C SER C 98 -12.64 18.54 -33.94
N LEU C 99 -12.78 19.86 -33.78
CA LEU C 99 -13.83 20.39 -32.89
C LEU C 99 -15.19 20.53 -33.61
N ASN C 100 -15.18 20.27 -34.91
CA ASN C 100 -16.33 20.52 -35.79
C ASN C 100 -16.94 19.22 -36.25
N LEU C 101 -18.18 19.00 -35.84
CA LEU C 101 -18.85 17.76 -36.08
C LEU C 101 -19.00 17.42 -37.56
N ALA C 102 -19.15 18.46 -38.39
CA ALA C 102 -19.33 18.29 -39.85
C ALA C 102 -18.06 17.77 -40.52
N ASP C 103 -16.93 18.40 -40.18
CA ASP C 103 -15.60 17.89 -40.54
C ASP C 103 -15.38 16.45 -40.18
N VAL C 104 -15.64 16.13 -38.92
CA VAL C 104 -15.46 14.77 -38.46
C VAL C 104 -16.23 13.82 -39.39
N ASP C 105 -17.48 14.15 -39.66
CA ASP C 105 -18.35 13.29 -40.49
C ASP C 105 -17.79 13.16 -41.90
N ARG C 106 -17.19 14.24 -42.38
CA ARG C 106 -16.52 14.21 -43.65
C ARG C 106 -15.27 13.32 -43.59
N MET C 107 -14.41 13.56 -42.60
CA MET C 107 -13.14 12.83 -42.51
C MET C 107 -13.46 11.35 -42.57
N ILE C 108 -14.46 10.94 -41.80
CA ILE C 108 -14.92 9.55 -41.76
C ILE C 108 -15.48 9.08 -43.12
N GLU C 109 -16.28 9.93 -43.74
CA GLU C 109 -16.86 9.63 -45.04
C GLU C 109 -15.78 9.45 -46.11
N GLU C 110 -14.89 10.42 -46.19
CA GLU C 110 -13.86 10.39 -47.23
C GLU C 110 -12.92 9.18 -47.06
N THR C 111 -12.50 8.92 -45.82
CA THR C 111 -11.57 7.81 -45.58
C THR C 111 -12.23 6.47 -45.91
N LYS C 112 -13.50 6.31 -45.56
CA LYS C 112 -14.24 5.10 -45.90
C LYS C 112 -14.33 4.95 -47.41
N LYS C 113 -14.57 6.07 -48.07
CA LYS C 113 -14.67 6.15 -49.54
C LYS C 113 -13.42 5.58 -50.20
N ALA C 114 -12.28 6.15 -49.80
CA ALA C 114 -11.00 5.77 -50.33
C ALA C 114 -10.56 4.41 -49.82
N ASP C 115 -11.40 3.79 -48.98
CA ASP C 115 -11.09 2.51 -48.34
C ASP C 115 -9.70 2.48 -47.64
N VAL C 116 -9.42 3.53 -46.88
CA VAL C 116 -8.20 3.60 -46.07
C VAL C 116 -8.58 3.63 -44.58
N ILE C 117 -7.63 3.23 -43.75
CA ILE C 117 -7.76 3.26 -42.29
C ILE C 117 -7.74 4.71 -41.79
N LEU C 118 -8.66 5.06 -40.90
CA LEU C 118 -8.55 6.29 -40.08
C LEU C 118 -8.49 5.91 -38.59
N PHE C 119 -7.31 6.11 -38.02
CA PHE C 119 -7.02 5.77 -36.61
C PHE C 119 -7.02 7.06 -35.79
N THR C 120 -7.90 7.16 -34.78
CA THR C 120 -7.87 8.30 -33.85
C THR C 120 -6.83 8.15 -32.72
N GLY C 121 -6.06 9.21 -32.47
CA GLY C 121 -4.98 9.20 -31.49
C GLY C 121 -5.37 9.28 -30.01
N PHE C 122 -6.18 8.35 -29.53
CA PHE C 122 -6.46 8.27 -28.09
C PHE C 122 -5.42 7.31 -27.44
N ASN C 123 -4.22 7.83 -27.17
CA ASN C 123 -3.11 7.05 -26.66
C ASN C 123 -3.36 6.39 -25.31
N ARG C 124 -4.29 6.95 -24.51
CA ARG C 124 -4.48 6.42 -23.15
C ARG C 124 -5.04 5.03 -23.14
N ARG C 125 -5.78 4.62 -24.18
CA ARG C 125 -6.20 3.24 -24.29
C ARG C 125 -4.99 2.29 -24.30
N PHE C 126 -3.80 2.82 -24.54
CA PHE C 126 -2.62 1.97 -24.64
C PHE C 126 -1.69 2.09 -23.45
N ASP C 127 -2.16 2.80 -22.42
CA ASP C 127 -1.47 2.82 -21.15
C ASP C 127 -1.54 1.40 -20.56
N ARG C 128 -0.42 0.91 -20.06
CA ARG C 128 -0.36 -0.47 -19.64
C ARG C 128 -1.35 -0.78 -18.47
N ASN C 129 -1.49 0.15 -17.56
CA ASN C 129 -2.39 -0.07 -16.45
C ASN C 129 -3.86 0.06 -16.87
N PHE C 130 -4.17 1.03 -17.72
CA PHE C 130 -5.57 1.17 -18.15
C PHE C 130 -5.99 0.01 -19.05
N LYS C 131 -5.08 -0.45 -19.90
CA LYS C 131 -5.40 -1.62 -20.74
C LYS C 131 -5.66 -2.90 -19.94
N LYS C 132 -4.81 -3.13 -18.95
CA LYS C 132 -4.97 -4.27 -18.07
C LYS C 132 -6.35 -4.21 -17.39
N LEU C 133 -6.70 -3.04 -16.86
CA LEU C 133 -8.00 -2.87 -16.21
C LEU C 133 -9.16 -3.15 -17.18
N LYS C 134 -9.08 -2.61 -18.39
CA LYS C 134 -10.08 -2.88 -19.43
C LYS C 134 -10.28 -4.39 -19.70
N GLU C 135 -9.17 -5.12 -19.82
CA GLU C 135 -9.20 -6.56 -20.06
C GLU C 135 -9.82 -7.34 -18.92
N ALA C 136 -9.46 -6.98 -17.67
CA ALA C 136 -10.11 -7.57 -16.53
C ALA C 136 -11.64 -7.33 -16.51
N VAL C 137 -12.08 -6.14 -16.85
CA VAL C 137 -13.52 -5.85 -16.86
C VAL C 137 -14.21 -6.68 -17.94
N GLU C 138 -13.64 -6.69 -19.13
CA GLU C 138 -14.22 -7.39 -20.25
C GLU C 138 -14.30 -8.87 -19.95
N ASN C 139 -13.34 -9.36 -19.17
CA ASN C 139 -13.25 -10.78 -18.77
C ASN C 139 -14.25 -11.20 -17.73
N GLY C 140 -14.99 -10.27 -17.14
CA GLY C 140 -16.00 -10.68 -16.19
C GLY C 140 -15.53 -10.59 -14.78
N THR C 141 -14.31 -10.10 -14.60
CA THR C 141 -13.70 -10.12 -13.28
C THR C 141 -14.44 -9.39 -12.15
N ILE C 142 -15.14 -8.32 -12.47
CA ILE C 142 -15.91 -7.63 -11.44
C ILE C 142 -17.40 -7.79 -11.71
N GLY C 143 -17.76 -8.78 -12.54
CA GLY C 143 -19.15 -9.03 -12.87
C GLY C 143 -19.77 -7.92 -13.70
N LYS C 144 -21.04 -7.60 -13.42
CA LYS C 144 -21.73 -6.57 -14.22
C LYS C 144 -21.33 -5.18 -13.73
N PRO C 145 -20.72 -4.34 -14.59
CA PRO C 145 -20.33 -3.02 -14.09
C PRO C 145 -21.51 -2.14 -13.67
N HIS C 146 -21.40 -1.50 -12.48
CA HIS C 146 -22.42 -0.60 -11.96
C HIS C 146 -22.03 0.89 -11.95
N VAL C 147 -20.83 1.20 -11.47
CA VAL C 147 -20.33 2.56 -11.32
C VAL C 147 -18.89 2.66 -11.79
N LEU C 148 -18.66 3.61 -12.68
CA LEU C 148 -17.34 3.93 -13.17
C LEU C 148 -16.93 5.25 -12.52
N ARG C 149 -15.70 5.34 -12.02
CA ARG C 149 -15.05 6.57 -11.56
C ARG C 149 -13.79 6.82 -12.36
N ILE C 150 -13.63 8.04 -12.91
CA ILE C 150 -12.38 8.40 -13.58
C ILE C 150 -11.99 9.73 -12.99
N THR C 151 -10.76 9.85 -12.49
CA THR C 151 -10.21 11.19 -12.11
C THR C 151 -9.02 11.47 -13.02
N SER C 152 -9.01 12.63 -13.67
CA SER C 152 -7.88 13.02 -14.53
C SER C 152 -7.50 14.46 -14.29
N ARG C 153 -6.31 14.65 -13.74
CA ARG C 153 -5.79 15.97 -13.36
C ARG C 153 -4.39 16.10 -13.98
N ASP C 154 -4.12 17.25 -14.60
CA ASP C 154 -2.78 17.57 -15.10
C ASP C 154 -2.04 18.43 -14.10
N PRO C 155 -0.69 18.44 -14.18
CA PRO C 155 0.07 19.26 -13.23
C PRO C 155 -0.03 20.75 -13.48
N ALA C 156 -0.32 21.17 -14.71
CA ALA C 156 -0.44 22.60 -15.02
C ALA C 156 -1.36 22.83 -16.22
N PRO C 157 -1.96 24.01 -16.30
CA PRO C 157 -2.81 24.38 -17.42
C PRO C 157 -1.95 24.68 -18.65
N PRO C 158 -2.47 24.45 -19.86
CA PRO C 158 -1.71 24.95 -21.03
C PRO C 158 -1.82 26.48 -21.11
N PRO C 159 -0.98 27.10 -21.97
CA PRO C 159 -0.98 28.56 -22.15
C PRO C 159 -2.36 29.09 -22.46
N LEU C 160 -2.62 30.33 -22.06
CA LEU C 160 -3.89 31.01 -22.34
C LEU C 160 -4.37 31.02 -23.79
N ASP C 161 -3.46 31.31 -24.73
CA ASP C 161 -3.84 31.42 -26.15
C ASP C 161 -4.38 30.11 -26.63
N TYR C 162 -3.74 29.07 -26.13
CA TYR C 162 -4.15 27.73 -26.47
C TYR C 162 -5.55 27.49 -25.89
N ILE C 163 -5.74 27.80 -24.62
CA ILE C 163 -7.07 27.59 -24.03
C ILE C 163 -8.18 28.28 -24.83
N ARG C 164 -7.92 29.50 -25.28
CA ARG C 164 -8.93 30.30 -26.01
C ARG C 164 -9.49 29.62 -27.23
N VAL C 165 -8.66 28.85 -27.94
CA VAL C 165 -9.13 28.19 -29.14
C VAL C 165 -9.24 26.67 -28.96
N SER C 166 -9.22 26.21 -27.70
CA SER C 166 -9.20 24.76 -27.42
C SER C 166 -10.57 24.11 -27.49
N GLY C 167 -11.63 24.90 -27.43
CA GLY C 167 -12.98 24.35 -27.34
C GLY C 167 -13.51 24.23 -25.90
N GLY C 168 -12.71 24.58 -24.90
CA GLY C 168 -13.16 24.38 -23.51
C GLY C 168 -12.72 23.03 -22.95
N ILE C 169 -12.70 22.92 -21.63
CA ILE C 169 -12.22 21.72 -20.94
C ILE C 169 -12.89 20.43 -21.43
N PHE C 170 -14.15 20.49 -21.86
CA PHE C 170 -14.85 19.25 -22.19
C PHE C 170 -14.40 18.69 -23.53
N LEU C 171 -13.94 19.59 -24.39
CA LEU C 171 -13.48 19.23 -25.72
C LEU C 171 -11.97 18.97 -25.72
N ASP C 172 -11.24 19.70 -24.87
CA ASP C 172 -9.81 19.62 -24.84
C ASP C 172 -9.23 18.58 -23.86
N MET C 173 -9.92 18.32 -22.74
CA MET C 173 -9.36 17.53 -21.63
C MET C 173 -10.23 16.29 -21.39
N THR C 174 -11.53 16.51 -21.19
CA THR C 174 -12.46 15.41 -20.88
C THR C 174 -12.62 14.46 -22.05
N ILE C 175 -12.26 14.94 -23.25
CA ILE C 175 -12.36 14.08 -24.44
C ILE C 175 -11.74 12.69 -24.20
N HIS C 176 -10.53 12.66 -23.63
CA HIS C 176 -9.84 11.41 -23.33
C HIS C 176 -10.65 10.54 -22.37
N ASP C 177 -11.26 11.19 -21.38
CA ASP C 177 -12.10 10.49 -20.38
C ASP C 177 -13.39 9.97 -20.99
N PHE C 178 -14.06 10.78 -21.82
CA PHE C 178 -15.23 10.27 -22.52
C PHE C 178 -14.88 9.01 -23.29
N ASP C 179 -13.77 9.04 -24.04
CA ASP C 179 -13.37 7.86 -24.79
C ASP C 179 -13.00 6.66 -23.90
N MET C 180 -12.30 6.92 -22.80
CA MET C 180 -11.93 5.86 -21.88
C MET C 180 -13.20 5.25 -21.28
N ALA C 181 -14.21 6.07 -20.97
CA ALA C 181 -15.41 5.49 -20.40
C ALA C 181 -16.05 4.49 -21.36
N ARG C 182 -16.14 4.83 -22.63
CA ARG C 182 -16.72 3.91 -23.64
C ARG C 182 -15.88 2.65 -23.83
N TYR C 183 -14.56 2.83 -23.77
CA TYR C 183 -13.60 1.71 -23.91
C TYR C 183 -13.69 0.76 -22.73
N ILE C 184 -13.69 1.30 -21.51
CA ILE C 184 -13.72 0.47 -20.32
C ILE C 184 -15.07 -0.18 -20.10
N MET C 185 -16.16 0.56 -20.32
CA MET C 185 -17.45 -0.03 -19.98
C MET C 185 -18.03 -0.89 -21.07
N GLY C 186 -17.55 -0.71 -22.29
CA GLY C 186 -17.99 -1.54 -23.42
C GLY C 186 -19.44 -1.30 -23.82
N GLU C 187 -19.94 -0.08 -23.57
CA GLU C 187 -21.29 0.29 -23.98
C GLU C 187 -21.37 1.81 -24.07
N GLU C 188 -22.47 2.30 -24.63
CA GLU C 188 -22.58 3.74 -24.92
C GLU C 188 -23.12 4.56 -23.75
N VAL C 189 -22.69 5.81 -23.73
CA VAL C 189 -23.23 6.77 -22.81
C VAL C 189 -24.42 7.35 -23.58
N GLU C 190 -25.58 7.39 -22.92
CA GLU C 190 -26.81 7.93 -23.50
C GLU C 190 -27.15 9.31 -22.95
N GLU C 191 -26.69 9.64 -21.75
CA GLU C 191 -27.00 10.96 -21.19
C GLU C 191 -25.83 11.50 -20.35
N VAL C 192 -25.66 12.82 -20.35
CA VAL C 192 -24.55 13.45 -19.61
C VAL C 192 -25.03 14.67 -18.80
N PHE C 193 -24.50 14.86 -17.58
CA PHE C 193 -24.65 16.13 -16.83
C PHE C 193 -23.24 16.66 -16.49
N ALA C 194 -23.00 17.97 -16.65
CA ALA C 194 -21.70 18.53 -16.34
C ALA C 194 -21.83 19.78 -15.50
N ASP C 195 -20.85 20.03 -14.63
CA ASP C 195 -20.70 21.36 -14.06
C ASP C 195 -19.22 21.67 -13.98
N GLY C 196 -18.85 22.94 -13.82
CA GLY C 196 -17.46 23.30 -13.77
C GLY C 196 -17.26 24.64 -13.07
N SER C 197 -16.05 24.91 -12.59
CA SER C 197 -15.81 26.18 -11.93
C SER C 197 -14.43 26.70 -12.27
N VAL C 198 -14.15 27.94 -11.86
CA VAL C 198 -12.86 28.53 -12.08
C VAL C 198 -12.19 28.64 -10.70
N LEU C 199 -11.28 27.71 -10.37
CA LEU C 199 -10.68 27.68 -9.02
C LEU C 199 -9.14 27.77 -9.05
N VAL C 200 -8.56 27.59 -10.23
CA VAL C 200 -7.11 27.61 -10.44
C VAL C 200 -6.71 29.02 -10.87
N ASP C 201 -7.28 29.49 -11.97
CA ASP C 201 -6.77 30.71 -12.61
C ASP C 201 -7.89 31.56 -13.21
N GLU C 202 -8.00 32.75 -12.65
CA GLU C 202 -8.93 33.79 -13.05
C GLU C 202 -9.03 33.95 -14.58
N GLU C 203 -7.88 33.93 -15.24
CA GLU C 203 -7.81 34.14 -16.69
C GLU C 203 -8.49 33.05 -17.50
N ILE C 204 -8.51 31.83 -16.95
CA ILE C 204 -9.19 30.75 -17.65
C ILE C 204 -10.67 31.08 -17.71
N GLY C 205 -11.21 31.54 -16.58
CA GLY C 205 -12.60 32.01 -16.53
C GLY C 205 -12.85 33.24 -17.41
N LYS C 206 -11.86 34.13 -17.48
CA LYS C 206 -11.96 35.32 -18.34
C LYS C 206 -12.05 34.94 -19.79
N ALA C 207 -11.30 33.91 -20.19
CA ALA C 207 -11.42 33.37 -21.55
C ALA C 207 -12.72 32.55 -21.73
N GLY C 208 -13.59 32.50 -20.73
CA GLY C 208 -14.88 31.78 -20.89
C GLY C 208 -14.93 30.27 -20.61
N ASP C 209 -13.84 29.71 -20.11
CA ASP C 209 -13.77 28.26 -19.81
C ASP C 209 -13.73 28.01 -18.28
N VAL C 210 -13.64 26.73 -17.90
CA VAL C 210 -13.55 26.37 -16.49
C VAL C 210 -12.27 25.56 -16.31
N ASP C 211 -11.71 25.53 -15.09
CA ASP C 211 -10.48 24.77 -14.88
C ASP C 211 -10.65 23.52 -13.99
N THR C 212 -11.90 23.31 -13.55
CA THR C 212 -12.29 22.22 -12.61
C THR C 212 -13.67 21.78 -13.07
N ALA C 213 -13.88 20.48 -13.26
CA ALA C 213 -15.18 20.06 -13.74
C ALA C 213 -15.53 18.68 -13.23
N VAL C 214 -16.84 18.37 -13.24
CA VAL C 214 -17.31 17.03 -12.94
C VAL C 214 -18.29 16.68 -14.03
N VAL C 215 -18.32 15.42 -14.46
CA VAL C 215 -19.28 15.02 -15.49
C VAL C 215 -19.93 13.70 -15.08
N VAL C 216 -21.27 13.64 -15.04
CA VAL C 216 -21.96 12.37 -14.80
C VAL C 216 -22.41 11.72 -16.09
N LEU C 217 -22.18 10.41 -16.19
CA LEU C 217 -22.52 9.63 -17.38
C LEU C 217 -23.60 8.63 -17.05
N ARG C 218 -24.61 8.53 -17.90
CA ARG C 218 -25.58 7.46 -17.80
C ARG C 218 -25.39 6.55 -19.01
N PHE C 219 -25.11 5.28 -18.74
CA PHE C 219 -24.85 4.29 -19.80
C PHE C 219 -26.14 3.59 -20.17
N LYS C 220 -26.20 3.05 -21.38
CA LYS C 220 -27.36 2.28 -21.84
C LYS C 220 -27.85 1.28 -20.79
N SER C 221 -26.95 0.61 -20.08
CA SER C 221 -27.38 -0.44 -19.17
C SER C 221 -28.00 0.12 -17.89
N GLY C 222 -27.80 1.40 -17.65
CA GLY C 222 -28.25 1.96 -16.38
C GLY C 222 -27.06 2.19 -15.43
N ALA C 223 -25.92 1.57 -15.74
CA ALA C 223 -24.67 1.90 -15.05
C ALA C 223 -24.44 3.41 -15.09
N LEU C 224 -23.78 3.93 -14.06
CA LEU C 224 -23.48 5.36 -13.96
C LEU C 224 -21.98 5.63 -13.91
N GLY C 225 -21.56 6.75 -14.47
CA GLY C 225 -20.17 7.09 -14.36
C GLY C 225 -19.99 8.47 -13.82
N VAL C 226 -18.82 8.73 -13.24
CA VAL C 226 -18.48 10.06 -12.80
C VAL C 226 -17.03 10.38 -13.19
N ILE C 227 -16.81 11.40 -14.02
CA ILE C 227 -15.48 11.91 -14.31
C ILE C 227 -15.21 13.24 -13.59
N ASP C 228 -14.06 13.41 -12.92
CA ASP C 228 -13.66 14.75 -12.50
C ASP C 228 -12.30 15.14 -13.05
N ASN C 229 -12.14 16.44 -13.39
CA ASN C 229 -10.95 16.97 -14.06
C ASN C 229 -10.42 18.20 -13.32
N SER C 230 -9.13 18.44 -13.36
CA SER C 230 -8.57 19.70 -12.89
C SER C 230 -7.41 20.01 -13.78
N ARG C 231 -7.27 21.28 -14.12
CA ARG C 231 -6.10 21.73 -14.88
C ARG C 231 -4.83 21.84 -14.02
N ARG C 232 -4.92 21.63 -12.72
CA ARG C 232 -3.71 21.81 -11.88
C ARG C 232 -3.63 20.97 -10.60
N ALA C 233 -2.78 19.95 -10.60
CA ALA C 233 -2.60 19.09 -9.44
C ALA C 233 -1.15 19.26 -9.12
N VAL C 234 -0.84 19.90 -8.01
CA VAL C 234 0.56 20.22 -7.73
C VAL C 234 1.44 18.97 -7.54
N TYR C 235 0.83 17.84 -7.22
CA TYR C 235 1.62 16.63 -6.99
C TYR C 235 2.00 15.82 -8.24
N GLY C 236 1.55 16.25 -9.42
CA GLY C 236 1.81 15.49 -10.65
C GLY C 236 0.53 15.06 -11.34
N TYR C 237 0.64 14.21 -12.35
CA TYR C 237 -0.54 13.70 -13.04
C TYR C 237 -1.35 12.92 -12.04
N ASP C 238 -2.67 13.08 -12.07
CA ASP C 238 -3.52 12.18 -11.28
C ASP C 238 -4.54 11.64 -12.24
N GLN C 239 -4.31 10.40 -12.65
CA GLN C 239 -5.18 9.73 -13.61
C GLN C 239 -5.52 8.33 -13.08
N ARG C 240 -6.66 8.21 -12.39
CA ARG C 240 -7.11 6.96 -11.83
C ARG C 240 -8.42 6.54 -12.47
N ILE C 241 -8.63 5.24 -12.54
CA ILE C 241 -9.88 4.64 -13.01
C ILE C 241 -10.28 3.57 -12.01
N GLU C 242 -11.56 3.60 -11.61
CA GLU C 242 -12.14 2.59 -10.77
C GLU C 242 -13.45 2.09 -11.44
N VAL C 243 -13.65 0.78 -11.45
CA VAL C 243 -14.94 0.25 -11.90
C VAL C 243 -15.49 -0.62 -10.80
N PHE C 244 -16.73 -0.36 -10.41
CA PHE C 244 -17.38 -1.13 -9.36
C PHE C 244 -18.49 -1.95 -10.01
N GLY C 245 -18.60 -3.25 -9.69
CA GLY C 245 -19.67 -4.06 -10.28
C GLY C 245 -20.25 -5.08 -9.34
N SER C 246 -21.13 -5.95 -9.85
CA SER C 246 -21.82 -6.94 -9.01
C SER C 246 -20.91 -7.97 -8.32
N LYS C 247 -19.68 -8.13 -8.80
CA LYS C 247 -18.77 -9.10 -8.19
C LYS C 247 -17.49 -8.49 -7.58
N GLY C 248 -17.35 -7.18 -7.57
CA GLY C 248 -16.15 -6.66 -6.91
C GLY C 248 -15.82 -5.28 -7.42
N ARG C 249 -14.59 -4.83 -7.15
CA ARG C 249 -14.15 -3.52 -7.57
C ARG C 249 -12.77 -3.67 -8.21
N ILE C 250 -12.42 -2.85 -9.19
CA ILE C 250 -11.10 -2.87 -9.82
C ILE C 250 -10.63 -1.41 -10.01
N PHE C 251 -9.33 -1.14 -9.83
CA PHE C 251 -8.82 0.21 -9.71
C PHE C 251 -7.46 0.26 -10.41
N ALA C 252 -7.14 1.34 -11.13
CA ALA C 252 -5.77 1.54 -11.58
C ALA C 252 -5.26 2.82 -10.93
N ASP C 253 -4.13 2.72 -10.23
CA ASP C 253 -3.54 3.90 -9.60
C ASP C 253 -2.51 4.53 -10.54
N ASN C 254 -2.04 5.70 -10.13
CA ASN C 254 -0.94 6.40 -10.73
C ASN C 254 0.35 5.64 -10.46
N VAL C 255 1.39 6.04 -11.21
CA VAL C 255 2.72 5.45 -11.18
C VAL C 255 3.62 6.35 -10.36
N ARG C 256 4.48 5.76 -9.52
CA ARG C 256 5.45 6.53 -8.74
C ARG C 256 6.86 6.42 -9.37
N GLU C 257 7.70 7.39 -9.12
CA GLU C 257 9.04 7.35 -9.68
C GLU C 257 9.80 6.06 -9.26
N THR C 258 9.56 5.57 -8.04
CA THR C 258 10.44 4.57 -7.45
C THR C 258 9.57 3.74 -6.49
N THR C 259 10.08 2.61 -6.01
CA THR C 259 9.40 1.82 -4.98
C THR C 259 9.93 2.11 -3.57
N VAL C 260 10.67 3.20 -3.42
CA VAL C 260 11.29 3.49 -2.16
C VAL C 260 10.29 4.21 -1.22
N VAL C 261 10.35 3.86 0.05
CA VAL C 261 9.50 4.43 1.08
C VAL C 261 10.43 4.83 2.24
N LEU C 262 10.32 6.08 2.64
CA LEU C 262 11.07 6.61 3.76
C LEU C 262 10.13 6.72 4.99
N THR C 263 10.55 6.20 6.13
CA THR C 263 9.72 6.28 7.37
C THR C 263 10.40 7.16 8.43
N ASP C 264 9.70 8.19 8.89
CA ASP C 264 10.19 8.94 10.04
C ASP C 264 9.12 9.10 11.13
N GLU C 265 9.31 10.07 12.02
CA GLU C 265 8.36 10.28 13.12
C GLU C 265 6.93 10.52 12.64
N GLN C 266 6.75 11.09 11.45
CA GLN C 266 5.38 11.33 10.95
C GLN C 266 4.76 10.15 10.20
N GLY C 267 5.56 9.10 9.97
CA GLY C 267 5.05 7.95 9.20
C GLY C 267 5.77 7.74 7.90
N ASP C 268 5.20 6.90 7.04
CA ASP C 268 5.78 6.57 5.76
C ASP C 268 5.60 7.67 4.74
N ARG C 269 6.63 7.86 3.91
CA ARG C 269 6.57 8.76 2.76
C ARG C 269 7.03 8.00 1.51
N GLY C 270 6.20 7.97 0.48
CA GLY C 270 6.58 7.35 -0.79
C GLY C 270 7.23 8.31 -1.80
N SER C 271 7.56 7.80 -2.98
CA SER C 271 8.23 8.66 -3.95
C SER C 271 7.22 9.55 -4.72
N ARG C 272 7.74 10.57 -5.38
CA ARG C 272 6.87 11.48 -6.16
C ARG C 272 6.10 10.71 -7.25
N TYR C 273 4.96 11.27 -7.65
CA TYR C 273 4.17 10.81 -8.80
C TYR C 273 4.91 11.20 -10.09
N LEU C 274 4.60 10.53 -11.19
CA LEU C 274 5.10 11.00 -12.47
C LEU C 274 4.54 12.40 -12.70
N TYR C 275 5.39 13.27 -13.22
CA TYR C 275 5.12 14.71 -13.28
C TYR C 275 5.32 15.28 -14.69
N PHE C 276 6.31 14.79 -15.42
CA PHE C 276 6.62 15.34 -16.74
C PHE C 276 5.95 14.54 -17.87
N PHE C 277 5.69 15.24 -18.98
CA PHE C 277 4.91 14.68 -20.10
C PHE C 277 5.51 13.37 -20.63
N LEU C 278 6.81 13.39 -20.89
CA LEU C 278 7.49 12.26 -21.53
C LEU C 278 7.51 11.02 -20.61
N GLU C 279 7.95 11.16 -19.36
CA GLU C 279 7.96 9.97 -18.46
C GLU C 279 6.54 9.47 -18.28
N ARG C 280 5.57 10.37 -18.22
CA ARG C 280 4.20 9.91 -18.08
C ARG C 280 3.67 9.13 -19.31
N TYR C 281 3.87 9.66 -20.51
CA TYR C 281 3.12 9.16 -21.67
C TYR C 281 3.91 8.37 -22.73
N ARG C 282 5.24 8.42 -22.71
CA ARG C 282 6.01 7.88 -23.86
C ARG C 282 5.65 6.42 -24.13
N ASP C 283 5.56 5.63 -23.09
CA ASP C 283 5.19 4.24 -23.34
C ASP C 283 3.80 4.08 -24.01
N SER C 284 2.78 4.84 -23.58
CA SER C 284 1.48 4.72 -24.26
C SER C 284 1.56 5.10 -25.76
N TYR C 285 2.30 6.14 -26.08
CA TYR C 285 2.44 6.55 -27.48
C TYR C 285 3.16 5.48 -28.33
N LEU C 286 4.18 4.87 -27.74
CA LEU C 286 4.88 3.83 -28.45
C LEU C 286 3.92 2.67 -28.76
N GLU C 287 3.11 2.25 -27.77
CA GLU C 287 2.26 1.08 -27.96
C GLU C 287 1.15 1.42 -28.90
N GLU C 288 0.67 2.66 -28.84
CA GLU C 288 -0.36 3.12 -29.76
C GLU C 288 0.15 3.05 -31.21
N LEU C 289 1.33 3.60 -31.45
CA LEU C 289 1.94 3.63 -32.79
C LEU C 289 2.18 2.19 -33.33
N LYS C 290 2.70 1.31 -32.48
CA LYS C 290 2.86 -0.09 -32.88
C LYS C 290 1.53 -0.67 -33.31
N THR C 291 0.46 -0.28 -32.63
CA THR C 291 -0.84 -0.88 -32.93
C THR C 291 -1.36 -0.37 -34.26
N PHE C 292 -1.24 0.95 -34.51
CA PHE C 292 -1.59 1.51 -35.80
C PHE C 292 -0.82 0.84 -36.95
N ILE C 293 0.50 0.69 -36.79
CA ILE C 293 1.32 0.03 -37.81
C ILE C 293 0.87 -1.41 -38.03
N LYS C 294 0.55 -2.07 -36.93
CA LYS C 294 0.03 -3.44 -37.01
C LYS C 294 -1.31 -3.51 -37.76
N ASN C 295 -2.21 -2.57 -37.46
CA ASN C 295 -3.44 -2.44 -38.22
C ASN C 295 -3.15 -2.23 -39.71
N VAL C 296 -2.26 -1.30 -40.02
CA VAL C 296 -1.88 -1.02 -41.42
C VAL C 296 -1.37 -2.30 -42.13
N LYS C 297 -0.28 -2.85 -41.62
CA LYS C 297 0.32 -4.07 -42.15
C LYS C 297 -0.64 -5.25 -42.33
N SER C 298 -1.61 -5.42 -41.43
CA SER C 298 -2.43 -6.64 -41.48
C SER C 298 -3.77 -6.40 -42.16
N GLY C 299 -4.01 -5.16 -42.60
CA GLY C 299 -5.28 -4.84 -43.22
C GLY C 299 -6.44 -4.98 -42.24
N GLU C 300 -6.20 -4.58 -40.99
CA GLU C 300 -7.23 -4.65 -39.93
C GLU C 300 -7.96 -3.32 -39.77
N PRO C 301 -9.20 -3.36 -39.29
CA PRO C 301 -9.84 -2.11 -38.90
C PRO C 301 -8.94 -1.40 -37.88
N PRO C 302 -8.97 -0.06 -37.79
CA PRO C 302 -8.09 0.52 -36.79
C PRO C 302 -8.57 0.22 -35.35
N ALA C 303 -7.62 0.06 -34.43
CA ALA C 303 -7.94 -0.16 -33.00
C ALA C 303 -8.80 0.94 -32.40
N VAL C 304 -8.60 2.18 -32.84
CA VAL C 304 -9.38 3.31 -32.39
C VAL C 304 -9.83 4.01 -33.68
N SER C 305 -11.15 4.12 -33.89
CA SER C 305 -11.71 4.49 -35.19
C SER C 305 -12.09 5.96 -35.24
N GLY C 306 -12.52 6.42 -36.42
CA GLY C 306 -13.02 7.77 -36.61
C GLY C 306 -14.26 7.90 -35.77
N GLU C 307 -15.11 6.88 -35.80
CA GLU C 307 -16.35 6.88 -35.04
CA GLU C 307 -16.36 6.90 -35.03
C GLU C 307 -16.11 7.08 -33.52
N ASP C 308 -15.00 6.52 -33.02
CA ASP C 308 -14.54 6.74 -31.65
C ASP C 308 -14.25 8.22 -31.44
N GLY C 309 -13.59 8.84 -32.41
CA GLY C 309 -13.30 10.26 -32.32
C GLY C 309 -14.59 11.07 -32.29
N LYS C 310 -15.56 10.61 -33.07
CA LYS C 310 -16.82 11.31 -33.19
C LYS C 310 -17.65 11.25 -31.92
N MET C 311 -17.79 10.07 -31.33
CA MET C 311 -18.60 9.93 -30.10
C MET C 311 -18.01 10.80 -28.97
N ALA C 312 -16.69 10.83 -28.84
CA ALA C 312 -16.06 11.60 -27.77
C ALA C 312 -16.36 13.09 -27.98
N LEU C 313 -16.37 13.52 -29.23
CA LEU C 313 -16.70 14.92 -29.53
C LEU C 313 -18.17 15.22 -29.23
N LEU C 314 -19.06 14.30 -29.56
CA LEU C 314 -20.48 14.50 -29.26
C LEU C 314 -20.69 14.56 -27.75
N LEU C 315 -19.95 13.75 -26.98
CA LEU C 315 -20.19 13.74 -25.54
C LEU C 315 -19.74 15.07 -24.97
N GLY C 316 -18.69 15.64 -25.57
CA GLY C 316 -18.17 16.94 -25.17
C GLY C 316 -19.16 18.08 -25.44
N TYR C 317 -19.86 18.02 -26.57
CA TYR C 317 -20.90 18.99 -26.84
C TYR C 317 -22.06 18.85 -25.90
N ALA C 318 -22.45 17.59 -25.61
CA ALA C 318 -23.52 17.35 -24.67
C ALA C 318 -23.19 17.93 -23.29
N ALA C 319 -21.90 17.91 -22.94
CA ALA C 319 -21.46 18.43 -21.63
C ALA C 319 -21.40 19.96 -21.63
N LYS C 320 -21.00 20.57 -22.74
CA LYS C 320 -21.02 22.03 -22.76
C LYS C 320 -22.47 22.52 -22.67
N LYS C 321 -23.38 21.82 -23.30
CA LYS C 321 -24.78 22.19 -23.24
C LYS C 321 -25.38 22.00 -21.82
N SER C 322 -24.98 20.90 -21.15
CA SER C 322 -25.45 20.61 -19.79
C SER C 322 -24.98 21.69 -18.83
N LEU C 323 -23.73 22.09 -18.99
CA LEU C 323 -23.15 23.14 -18.18
C LEU C 323 -23.92 24.47 -18.31
N GLU C 324 -24.32 24.82 -19.52
CA GLU C 324 -25.02 26.08 -19.78
CA GLU C 324 -25.03 26.07 -19.80
C GLU C 324 -26.48 26.00 -19.35
N GLU C 325 -27.13 24.87 -19.61
CA GLU C 325 -28.54 24.70 -19.34
C GLU C 325 -28.90 24.10 -17.94
N LYS C 326 -27.89 23.62 -17.20
CA LYS C 326 -28.07 23.12 -15.85
C LYS C 326 -29.03 21.94 -15.75
N ARG C 327 -28.97 21.06 -16.74
CA ARG C 327 -29.74 19.86 -16.69
C ARG C 327 -28.98 18.76 -17.42
N SER C 328 -29.48 17.55 -17.31
CA SER C 328 -28.96 16.40 -18.02
C SER C 328 -29.31 16.52 -19.53
N VAL C 329 -28.35 16.22 -20.40
CA VAL C 329 -28.55 16.35 -21.84
C VAL C 329 -28.37 15.03 -22.57
N LYS C 330 -29.40 14.58 -23.26
CA LYS C 330 -29.32 13.34 -24.05
C LYS C 330 -28.44 13.55 -25.27
N LEU C 331 -27.74 12.50 -25.71
CA LEU C 331 -26.87 12.61 -26.87
C LEU C 331 -27.69 12.96 -28.13
N GLU C 332 -28.91 12.46 -28.20
CA GLU C 332 -29.84 12.78 -29.30
C GLU C 332 -29.98 14.29 -29.58
N GLU C 333 -29.88 15.11 -28.53
CA GLU C 333 -30.03 16.57 -28.68
C GLU C 333 -28.84 17.20 -29.34
N VAL C 334 -27.71 16.51 -29.34
CA VAL C 334 -26.52 17.08 -29.91
C VAL C 334 -26.27 16.47 -31.30
N LEU D 3 -16.59 -16.01 37.30
CA LEU D 3 -15.21 -16.38 37.74
C LEU D 3 -14.49 -15.21 38.46
N ARG D 4 -14.09 -15.41 39.70
CA ARG D 4 -13.51 -14.33 40.50
C ARG D 4 -11.99 -14.29 40.40
N ILE D 5 -11.45 -13.17 39.93
CA ILE D 5 -10.01 -13.03 39.72
C ILE D 5 -9.35 -12.12 40.76
N GLY D 6 -8.18 -12.53 41.25
CA GLY D 6 -7.33 -11.68 42.09
C GLY D 6 -6.05 -11.31 41.36
N VAL D 7 -5.70 -10.02 41.39
CA VAL D 7 -4.52 -9.49 40.69
C VAL D 7 -3.49 -9.03 41.71
N ILE D 8 -2.21 -9.35 41.51
CA ILE D 8 -1.14 -8.92 42.41
C ILE D 8 -0.11 -8.03 41.69
N GLY D 9 0.01 -6.80 42.16
CA GLY D 9 0.98 -5.87 41.60
C GLY D 9 0.22 -4.95 40.67
N LEU D 10 0.14 -3.68 41.05
CA LEU D 10 -0.61 -2.73 40.25
C LEU D 10 0.35 -1.74 39.59
N GLY D 11 1.38 -2.25 38.94
CA GLY D 11 2.19 -1.44 38.06
C GLY D 11 1.44 -1.29 36.75
N ARG D 12 2.17 -0.93 35.71
CA ARG D 12 1.51 -0.54 34.49
C ARG D 12 0.72 -1.73 33.89
N ILE D 13 1.31 -2.91 33.90
CA ILE D 13 0.60 -4.07 33.32
C ILE D 13 -0.47 -4.68 34.26
N GLY D 14 -0.19 -4.78 35.56
CA GLY D 14 -1.20 -5.28 36.50
C GLY D 14 -2.48 -4.43 36.40
N THR D 15 -2.27 -3.12 36.33
CA THR D 15 -3.36 -2.16 36.17
C THR D 15 -4.18 -2.33 34.89
N ILE D 16 -3.52 -2.55 33.75
CA ILE D 16 -4.23 -2.87 32.51
C ILE D 16 -5.11 -4.12 32.68
N HIS D 17 -4.57 -5.17 33.28
CA HIS D 17 -5.35 -6.41 33.43
C HIS D 17 -6.54 -6.19 34.37
N ALA D 18 -6.28 -5.51 35.48
CA ALA D 18 -7.33 -5.16 36.46
C ALA D 18 -8.49 -4.41 35.82
N GLU D 19 -8.17 -3.42 34.99
CA GLU D 19 -9.21 -2.64 34.35
C GLU D 19 -9.90 -3.39 33.24
N ASN D 20 -9.16 -4.25 32.55
CA ASN D 20 -9.73 -4.99 31.44
C ASN D 20 -10.83 -5.97 31.85
N LEU D 21 -10.77 -6.42 33.10
CA LEU D 21 -11.79 -7.35 33.62
C LEU D 21 -13.26 -6.94 33.38
N LYS D 22 -13.60 -5.66 33.56
CA LYS D 22 -14.96 -5.17 33.28
C LYS D 22 -15.42 -5.27 31.83
N MET D 23 -14.52 -5.67 30.95
CA MET D 23 -14.88 -5.83 29.56
C MET D 23 -14.92 -7.31 29.21
N ILE D 24 -14.86 -8.15 30.23
CA ILE D 24 -14.85 -9.60 30.01
C ILE D 24 -16.12 -10.30 30.53
N ALA D 27 -16.53 -13.00 33.89
CA ALA D 27 -15.41 -12.95 34.83
C ALA D 27 -15.29 -11.59 35.56
N ILE D 28 -14.83 -11.62 36.81
CA ILE D 28 -14.98 -10.50 37.73
C ILE D 28 -13.67 -10.19 38.46
N LEU D 29 -13.28 -8.90 38.50
CA LEU D 29 -12.17 -8.50 39.35
C LEU D 29 -12.64 -8.58 40.78
N TYR D 30 -12.19 -9.59 41.53
CA TYR D 30 -12.69 -9.78 42.89
C TYR D 30 -11.72 -9.35 43.99
N ALA D 31 -10.42 -9.38 43.72
CA ALA D 31 -9.40 -8.97 44.70
C ALA D 31 -8.17 -8.31 44.05
N ILE D 32 -7.63 -7.29 44.71
CA ILE D 32 -6.37 -6.69 44.30
C ILE D 32 -5.37 -6.67 45.44
N SER D 33 -4.09 -6.54 45.11
CA SER D 33 -3.04 -6.52 46.11
C SER D 33 -1.82 -5.77 45.57
N ASP D 34 -1.26 -4.87 46.39
CA ASP D 34 -0.07 -4.10 46.03
C ASP D 34 0.62 -3.54 47.30
N VAL D 35 1.94 -3.54 47.34
CA VAL D 35 2.68 -3.13 48.55
C VAL D 35 2.67 -1.63 48.83
N ARG D 36 2.12 -0.84 47.93
CA ARG D 36 1.95 0.58 48.18
C ARG D 36 0.50 0.81 48.61
N GLU D 37 0.32 1.19 49.86
CA GLU D 37 -1.02 1.31 50.44
C GLU D 37 -1.87 2.35 49.74
N ASP D 38 -1.27 3.50 49.48
CA ASP D 38 -1.91 4.56 48.74
C ASP D 38 -2.62 3.99 47.53
N ARG D 39 -1.81 3.51 46.58
CA ARG D 39 -2.31 2.98 45.32
C ARG D 39 -3.37 1.91 45.54
N LEU D 40 -3.16 1.06 46.54
CA LEU D 40 -4.08 -0.03 46.82
C LEU D 40 -5.52 0.46 47.02
N ARG D 41 -5.74 1.36 47.97
CA ARG D 41 -7.10 1.83 48.23
C ARG D 41 -7.61 2.72 47.10
N GLU D 42 -6.71 3.53 46.54
CA GLU D 42 -7.08 4.37 45.41
C GLU D 42 -7.77 3.49 44.36
N MET D 43 -7.15 2.34 44.06
CA MET D 43 -7.64 1.43 43.04
C MET D 43 -8.86 0.63 43.53
N LYS D 44 -8.85 0.27 44.82
CA LYS D 44 -10.00 -0.44 45.38
C LYS D 44 -11.26 0.37 45.12
N GLU D 45 -11.13 1.69 45.30
CA GLU D 45 -12.23 2.60 45.06
C GLU D 45 -12.46 2.79 43.57
N LYS D 46 -11.43 3.22 42.86
CA LYS D 46 -11.54 3.48 41.43
C LYS D 46 -12.24 2.33 40.69
N LEU D 47 -11.80 1.11 40.97
CA LEU D 47 -12.26 -0.08 40.22
C LEU D 47 -13.44 -0.81 40.87
N GLY D 48 -13.73 -0.47 42.12
CA GLY D 48 -14.87 -1.04 42.83
C GLY D 48 -14.68 -2.49 43.17
N VAL D 49 -13.51 -2.81 43.71
CA VAL D 49 -13.16 -4.19 43.98
C VAL D 49 -13.74 -4.62 45.34
N GLU D 50 -14.10 -5.90 45.45
CA GLU D 50 -14.61 -6.44 46.72
C GLU D 50 -13.55 -6.51 47.85
N LYS D 51 -12.35 -7.00 47.55
CA LYS D 51 -11.33 -7.15 48.60
C LYS D 51 -9.98 -6.59 48.16
N ALA D 52 -9.31 -5.90 49.08
CA ALA D 52 -7.96 -5.41 48.86
C ALA D 52 -7.06 -5.96 49.96
N TYR D 53 -5.95 -6.62 49.59
CA TYR D 53 -5.01 -7.20 50.55
C TYR D 53 -3.63 -6.61 50.30
N LYS D 54 -2.94 -6.16 51.34
CA LYS D 54 -1.59 -5.61 51.12
C LYS D 54 -0.54 -6.71 51.10
N ASP D 55 -0.98 -7.93 51.42
CA ASP D 55 -0.10 -9.08 51.44
C ASP D 55 -0.58 -10.13 50.45
N PRO D 56 0.23 -10.41 49.42
CA PRO D 56 -0.18 -11.26 48.30
C PRO D 56 -0.83 -12.57 48.75
N HIS D 57 -0.29 -13.17 49.80
CA HIS D 57 -0.71 -14.50 50.23
C HIS D 57 -2.18 -14.61 50.64
N GLU D 58 -2.70 -13.55 51.27
CA GLU D 58 -4.09 -13.50 51.69
C GLU D 58 -4.99 -13.63 50.48
N LEU D 59 -4.58 -12.93 49.42
CA LEU D 59 -5.36 -12.89 48.21
C LEU D 59 -5.38 -14.28 47.61
N ILE D 60 -4.24 -14.96 47.65
CA ILE D 60 -4.15 -16.31 47.11
C ILE D 60 -5.01 -17.31 47.89
N GLU D 61 -5.12 -17.06 49.20
CA GLU D 61 -5.87 -17.94 50.12
C GLU D 61 -7.39 -17.65 50.19
N ASP D 62 -7.82 -16.44 49.82
CA ASP D 62 -9.25 -16.15 49.78
C ASP D 62 -10.01 -17.12 48.85
N PRO D 63 -10.89 -17.95 49.44
CA PRO D 63 -11.63 -19.00 48.73
C PRO D 63 -12.57 -18.49 47.64
N ASN D 64 -12.89 -17.20 47.67
CA ASN D 64 -13.65 -16.62 46.57
C ASN D 64 -12.76 -16.34 45.34
N VAL D 65 -11.44 -16.33 45.56
CA VAL D 65 -10.45 -16.18 44.46
C VAL D 65 -10.15 -17.50 43.74
N ASP D 66 -10.82 -17.70 42.60
CA ASP D 66 -10.60 -18.84 41.71
C ASP D 66 -9.21 -18.87 40.98
N ALA D 67 -8.72 -17.70 40.56
CA ALA D 67 -7.46 -17.61 39.79
C ALA D 67 -6.66 -16.35 40.14
N VAL D 68 -5.34 -16.41 40.00
CA VAL D 68 -4.48 -15.28 40.31
C VAL D 68 -3.65 -14.78 39.10
N LEU D 69 -3.62 -13.46 38.92
CA LEU D 69 -2.76 -12.81 37.93
C LEU D 69 -1.54 -12.27 38.67
N VAL D 70 -0.38 -12.90 38.54
CA VAL D 70 0.81 -12.35 39.17
C VAL D 70 1.46 -11.31 38.26
N CYS D 71 1.42 -10.05 38.67
CA CYS D 71 1.97 -8.95 37.88
C CYS D 71 2.91 -8.13 38.75
N SER D 72 3.49 -8.78 39.74
CA SER D 72 4.43 -8.12 40.65
C SER D 72 5.80 -8.09 40.00
N SER D 73 6.79 -7.52 40.69
CA SER D 73 8.17 -7.48 40.16
C SER D 73 8.73 -8.88 39.91
N THR D 74 9.80 -8.97 39.14
CA THR D 74 10.24 -10.28 38.66
C THR D 74 10.79 -11.18 39.75
N ASN D 75 11.59 -10.60 40.67
CA ASN D 75 12.11 -11.35 41.82
C ASN D 75 11.03 -11.99 42.64
N THR D 76 9.80 -11.54 42.42
CA THR D 76 8.70 -11.95 43.24
C THR D 76 7.98 -13.13 42.64
N HIS D 77 8.22 -13.37 41.35
CA HIS D 77 7.36 -14.27 40.58
C HIS D 77 7.34 -15.71 41.09
N SER D 78 8.53 -16.23 41.38
CA SER D 78 8.71 -17.63 41.76
C SER D 78 7.92 -17.97 43.03
N GLU D 79 8.09 -17.13 44.04
CA GLU D 79 7.43 -17.33 45.31
C GLU D 79 5.91 -17.31 45.21
N LEU D 80 5.35 -16.33 44.49
CA LEU D 80 3.91 -16.23 44.39
C LEU D 80 3.26 -17.30 43.52
N VAL D 81 3.96 -17.71 42.47
CA VAL D 81 3.48 -18.78 41.63
C VAL D 81 3.50 -20.11 42.39
N ILE D 82 4.58 -20.36 43.11
CA ILE D 82 4.62 -21.54 43.98
C ILE D 82 3.50 -21.45 45.07
N ALA D 83 3.31 -20.27 45.67
CA ALA D 83 2.20 -20.11 46.60
C ALA D 83 0.84 -20.44 46.01
N CYS D 84 0.61 -20.17 44.71
CA CYS D 84 -0.72 -20.43 44.13
C CYS D 84 -0.95 -21.91 43.91
N ALA D 85 0.14 -22.61 43.61
CA ALA D 85 0.11 -24.06 43.45
C ALA D 85 -0.42 -24.69 44.76
N LYS D 86 0.22 -24.34 45.87
CA LYS D 86 -0.27 -24.66 47.23
C LYS D 86 -1.79 -24.42 47.39
N ALA D 87 -2.23 -23.18 47.30
CA ALA D 87 -3.66 -22.91 47.48
C ALA D 87 -4.52 -23.55 46.41
N LYS D 88 -3.89 -24.23 45.46
CA LYS D 88 -4.64 -24.82 44.37
C LYS D 88 -5.38 -23.78 43.51
N LYS D 89 -4.84 -22.57 43.44
CA LYS D 89 -5.36 -21.56 42.50
C LYS D 89 -4.60 -21.55 41.15
N HIS D 90 -5.33 -21.65 40.06
CA HIS D 90 -4.76 -21.32 38.73
C HIS D 90 -4.02 -19.95 38.76
N VAL D 91 -2.96 -19.84 37.95
CA VAL D 91 -2.10 -18.66 37.97
C VAL D 91 -1.65 -18.27 36.55
N PHE D 92 -1.82 -17.00 36.24
CA PHE D 92 -1.23 -16.34 35.10
C PHE D 92 -0.05 -15.56 35.67
N CYS D 93 1.10 -15.62 34.99
CA CYS D 93 2.28 -14.87 35.45
C CYS D 93 2.84 -13.99 34.33
N GLU D 94 2.97 -12.69 34.59
CA GLU D 94 3.50 -11.76 33.60
C GLU D 94 4.93 -12.12 33.22
N LYS D 95 5.32 -11.66 32.03
CA LYS D 95 6.65 -11.78 31.48
C LYS D 95 7.63 -11.04 32.36
N PRO D 96 8.83 -11.63 32.60
CA PRO D 96 9.18 -13.01 32.34
C PRO D 96 8.83 -13.85 33.58
N LEU D 97 8.53 -15.14 33.41
CA LEU D 97 8.40 -16.08 34.54
C LEU D 97 9.48 -15.87 35.58
N SER D 98 10.73 -15.97 35.14
CA SER D 98 11.91 -15.74 35.96
C SER D 98 13.11 -15.64 35.02
N LEU D 99 14.23 -15.10 35.49
CA LEU D 99 15.51 -15.08 34.72
C LEU D 99 16.42 -16.21 35.19
N ASN D 100 16.04 -16.86 36.29
CA ASN D 100 16.78 -18.00 36.77
C ASN D 100 16.10 -19.31 36.40
N LEU D 101 16.82 -20.17 35.71
CA LEU D 101 16.29 -21.43 35.21
C LEU D 101 15.75 -22.40 36.27
N ALA D 102 16.42 -22.52 37.42
CA ALA D 102 15.96 -23.45 38.49
C ALA D 102 14.61 -23.02 39.05
N ASP D 103 14.48 -21.72 39.31
CA ASP D 103 13.18 -21.17 39.64
C ASP D 103 12.12 -21.57 38.65
N VAL D 104 12.41 -21.42 37.35
CA VAL D 104 11.41 -21.78 36.34
C VAL D 104 10.96 -23.24 36.49
N ASP D 105 11.92 -24.16 36.64
CA ASP D 105 11.59 -25.59 36.77
C ASP D 105 10.67 -25.85 37.97
N ARG D 106 10.91 -25.17 39.08
CA ARG D 106 10.09 -25.32 40.28
C ARG D 106 8.66 -24.83 40.06
N MET D 107 8.54 -23.67 39.42
CA MET D 107 7.24 -23.08 39.11
C MET D 107 6.48 -24.10 38.28
N ILE D 108 7.16 -24.66 37.29
CA ILE D 108 6.52 -25.69 36.48
C ILE D 108 6.17 -26.96 37.29
N GLU D 109 7.15 -27.48 38.03
CA GLU D 109 6.93 -28.69 38.84
CA GLU D 109 6.98 -28.67 38.88
C GLU D 109 5.76 -28.54 39.81
N GLU D 110 5.80 -27.49 40.63
CA GLU D 110 4.81 -27.26 41.67
C GLU D 110 3.39 -27.10 41.15
N THR D 111 3.20 -26.25 40.13
CA THR D 111 1.88 -26.15 39.50
C THR D 111 1.42 -27.48 38.89
N LYS D 112 2.34 -28.26 38.35
CA LYS D 112 1.94 -29.54 37.76
C LYS D 112 1.38 -30.49 38.82
N LYS D 113 2.02 -30.51 39.98
CA LYS D 113 1.58 -31.30 41.14
C LYS D 113 0.16 -30.91 41.56
N ALA D 114 -0.06 -29.61 41.75
CA ALA D 114 -1.34 -29.10 42.22
C ALA D 114 -2.42 -29.27 41.18
N ASP D 115 -2.04 -29.75 40.01
CA ASP D 115 -2.97 -29.82 38.90
C ASP D 115 -3.65 -28.45 38.67
N VAL D 116 -2.86 -27.38 38.76
CA VAL D 116 -3.35 -26.04 38.38
C VAL D 116 -2.64 -25.44 37.14
N ILE D 117 -3.43 -24.84 36.27
CA ILE D 117 -2.94 -24.07 35.12
C ILE D 117 -1.86 -23.05 35.52
N LEU D 118 -0.72 -23.10 34.81
CA LEU D 118 0.26 -22.03 34.81
C LEU D 118 0.34 -21.44 33.37
N PHE D 119 -0.13 -20.18 33.20
CA PHE D 119 -0.19 -19.49 31.90
C PHE D 119 0.92 -18.43 31.91
N THR D 120 1.80 -18.44 30.90
CA THR D 120 2.91 -17.49 30.82
C THR D 120 2.48 -16.25 30.00
N GLY D 121 2.80 -15.07 30.50
CA GLY D 121 2.28 -13.81 29.90
C GLY D 121 2.90 -13.30 28.60
N PHE D 122 2.93 -14.14 27.57
CA PHE D 122 3.34 -13.76 26.18
C PHE D 122 2.17 -13.17 25.35
N ASN D 123 1.84 -11.92 25.67
CA ASN D 123 0.70 -11.21 25.08
C ASN D 123 0.71 -11.04 23.55
N ARG D 124 1.90 -11.00 22.93
CA ARG D 124 1.96 -10.77 21.48
C ARG D 124 1.34 -11.88 20.68
N ARG D 125 1.30 -13.07 21.28
CA ARG D 125 0.56 -14.17 20.67
C ARG D 125 -0.89 -13.81 20.41
N PHE D 126 -1.39 -12.80 21.11
CA PHE D 126 -2.83 -12.46 21.03
C PHE D 126 -3.06 -11.13 20.31
N ASP D 127 -1.97 -10.58 19.77
CA ASP D 127 -2.07 -9.51 18.78
C ASP D 127 -2.84 -10.06 17.58
N ARG D 128 -3.89 -9.36 17.15
CA ARG D 128 -4.77 -9.93 16.12
C ARG D 128 -4.02 -10.20 14.82
N ASN D 129 -3.06 -9.33 14.47
CA ASN D 129 -2.25 -9.52 13.28
C ASN D 129 -1.32 -10.72 13.40
N PHE D 130 -0.62 -10.88 14.54
CA PHE D 130 0.32 -12.01 14.64
C PHE D 130 -0.42 -13.35 14.72
N LYS D 131 -1.54 -13.37 15.44
CA LYS D 131 -2.33 -14.61 15.56
C LYS D 131 -2.91 -15.04 14.23
N LYS D 132 -3.34 -14.07 13.42
CA LYS D 132 -3.83 -14.40 12.07
C LYS D 132 -2.75 -15.01 11.17
N LEU D 133 -1.56 -14.41 11.16
CA LEU D 133 -0.44 -14.97 10.38
C LEU D 133 -0.11 -16.36 10.91
N LYS D 134 -0.04 -16.52 12.24
CA LYS D 134 0.12 -17.87 12.85
C LYS D 134 -0.87 -18.87 12.28
N GLU D 135 -2.16 -18.55 12.25
CA GLU D 135 -3.18 -19.50 11.76
C GLU D 135 -3.04 -19.81 10.29
N ALA D 136 -2.81 -18.79 9.48
CA ALA D 136 -2.58 -19.02 8.05
C ALA D 136 -1.40 -19.96 7.75
N VAL D 137 -0.27 -19.72 8.42
CA VAL D 137 0.88 -20.62 8.27
C VAL D 137 0.52 -22.03 8.70
N GLU D 138 -0.16 -22.15 9.83
CA GLU D 138 -0.53 -23.46 10.35
C GLU D 138 -1.54 -24.15 9.42
N ASN D 139 -2.37 -23.37 8.75
CA ASN D 139 -3.29 -23.92 7.79
C ASN D 139 -2.68 -24.36 6.47
N GLY D 140 -1.41 -24.06 6.22
CA GLY D 140 -0.78 -24.51 4.98
C GLY D 140 -0.67 -23.46 3.90
N THR D 141 -1.04 -22.21 4.21
CA THR D 141 -1.22 -21.26 3.12
C THR D 141 0.07 -20.85 2.40
N ILE D 142 1.24 -20.95 3.05
CA ILE D 142 2.50 -20.66 2.39
C ILE D 142 3.32 -21.95 2.25
N GLY D 143 2.64 -23.10 2.35
CA GLY D 143 3.31 -24.38 2.19
C GLY D 143 4.27 -24.70 3.32
N LYS D 144 5.39 -25.33 3.01
CA LYS D 144 6.35 -25.65 4.06
C LYS D 144 7.18 -24.41 4.33
N PRO D 145 7.22 -23.96 5.61
CA PRO D 145 8.04 -22.73 5.88
C PRO D 145 9.55 -22.95 5.72
N HIS D 146 10.22 -22.01 5.04
CA HIS D 146 11.66 -21.98 4.89
C HIS D 146 12.43 -20.91 5.71
N VAL D 147 11.94 -19.66 5.69
CA VAL D 147 12.62 -18.57 6.36
C VAL D 147 11.66 -17.69 7.12
N LEU D 148 11.97 -17.49 8.41
CA LEU D 148 11.27 -16.58 9.29
C LEU D 148 12.05 -15.29 9.42
N ARG D 149 11.35 -14.17 9.37
CA ARG D 149 11.92 -12.85 9.66
C ARG D 149 11.08 -12.18 10.77
N ILE D 150 11.74 -11.72 11.83
CA ILE D 150 11.05 -10.93 12.81
C ILE D 150 11.88 -9.70 13.04
N THR D 151 11.23 -8.54 12.93
CA THR D 151 11.86 -7.30 13.35
C THR D 151 11.06 -6.79 14.53
N SER D 152 11.72 -6.47 15.67
CA SER D 152 11.07 -5.90 16.85
C SER D 152 11.89 -4.73 17.42
N ARG D 153 11.35 -3.53 17.29
CA ARG D 153 12.02 -2.34 17.76
C ARG D 153 11.04 -1.55 18.60
N ASP D 154 11.54 -1.03 19.71
CA ASP D 154 10.77 -0.16 20.55
C ASP D 154 11.09 1.30 20.25
N PRO D 155 10.17 2.23 20.60
CA PRO D 155 10.47 3.64 20.40
C PRO D 155 11.55 4.23 21.32
N ALA D 156 11.79 3.63 22.48
CA ALA D 156 12.83 4.12 23.40
C ALA D 156 13.30 3.04 24.38
N PRO D 157 14.52 3.19 24.91
CA PRO D 157 15.06 2.21 25.85
C PRO D 157 14.38 2.36 27.21
N PRO D 158 14.35 1.29 28.03
CA PRO D 158 13.81 1.60 29.36
C PRO D 158 14.90 2.25 30.21
N PRO D 159 14.59 2.59 31.48
CA PRO D 159 15.56 3.28 32.29
C PRO D 159 16.84 2.46 32.48
N LEU D 160 17.96 3.15 32.59
CA LEU D 160 19.22 2.48 32.86
C LEU D 160 19.19 1.58 34.09
N ASP D 161 18.59 2.03 35.19
CA ASP D 161 18.65 1.18 36.38
C ASP D 161 17.88 -0.11 36.14
N TYR D 162 16.81 -0.01 35.37
CA TYR D 162 16.15 -1.19 34.85
C TYR D 162 17.07 -2.07 33.97
N ILE D 163 17.73 -1.48 32.98
CA ILE D 163 18.56 -2.28 32.07
C ILE D 163 19.56 -3.11 32.86
N ARG D 164 20.08 -2.53 33.94
CA ARG D 164 21.13 -3.17 34.73
C ARG D 164 20.69 -4.47 35.37
N VAL D 165 19.41 -4.61 35.69
CA VAL D 165 18.94 -5.82 36.34
C VAL D 165 18.06 -6.63 35.40
N SER D 166 18.13 -6.30 34.12
CA SER D 166 17.23 -6.88 33.13
C SER D 166 17.69 -8.23 32.61
N GLY D 167 18.98 -8.52 32.72
CA GLY D 167 19.56 -9.79 32.18
C GLY D 167 20.03 -9.59 30.75
N GLY D 168 19.91 -8.35 30.29
CA GLY D 168 20.30 -7.98 28.91
C GLY D 168 19.21 -8.14 27.85
N ILE D 169 19.46 -7.58 26.66
CA ILE D 169 18.48 -7.49 25.59
C ILE D 169 17.89 -8.87 25.23
N PHE D 170 18.72 -9.92 25.32
CA PHE D 170 18.20 -11.23 24.92
C PHE D 170 17.22 -11.82 25.93
N LEU D 171 17.35 -11.41 27.19
CA LEU D 171 16.46 -11.93 28.23
C LEU D 171 15.27 -10.99 28.41
N ASP D 172 15.48 -9.71 28.17
CA ASP D 172 14.47 -8.69 28.40
C ASP D 172 13.59 -8.35 27.19
N MET D 173 14.16 -8.39 26.00
CA MET D 173 13.46 -7.95 24.78
C MET D 173 13.24 -9.12 23.77
N THR D 174 14.31 -9.85 23.44
CA THR D 174 14.22 -10.92 22.44
C THR D 174 13.38 -12.07 22.92
N ILE D 175 13.26 -12.18 24.23
CA ILE D 175 12.39 -13.19 24.82
C ILE D 175 11.03 -13.31 24.07
N HIS D 176 10.39 -12.19 23.76
CA HIS D 176 9.09 -12.21 23.10
C HIS D 176 9.23 -12.78 21.70
N ASP D 177 10.33 -12.44 21.04
CA ASP D 177 10.56 -12.91 19.66
C ASP D 177 10.93 -14.37 19.61
N PHE D 178 11.68 -14.86 20.60
CA PHE D 178 11.92 -16.32 20.68
C PHE D 178 10.62 -17.09 20.83
N ASP D 179 9.77 -16.65 21.75
CA ASP D 179 8.45 -17.25 21.88
C ASP D 179 7.66 -17.16 20.56
N MET D 180 7.67 -15.98 19.94
CA MET D 180 6.96 -15.82 18.67
C MET D 180 7.47 -16.78 17.60
N ALA D 181 8.79 -17.00 17.56
CA ALA D 181 9.36 -17.90 16.55
C ALA D 181 8.79 -19.30 16.71
N ARG D 182 8.76 -19.81 17.94
CA ARG D 182 8.26 -21.16 18.20
C ARG D 182 6.78 -21.25 17.88
N TYR D 183 6.03 -20.24 18.29
CA TYR D 183 4.57 -20.13 18.02
C TYR D 183 4.25 -20.16 16.54
N ILE D 184 4.84 -19.23 15.79
CA ILE D 184 4.60 -19.15 14.34
C ILE D 184 5.10 -20.39 13.56
N MET D 185 6.31 -20.88 13.84
CA MET D 185 6.85 -21.96 13.01
C MET D 185 6.34 -23.33 13.46
N GLY D 186 5.91 -23.44 14.71
CA GLY D 186 5.26 -24.66 15.18
C GLY D 186 6.27 -25.78 15.33
N GLU D 187 7.52 -25.43 15.69
CA GLU D 187 8.61 -26.42 15.89
C GLU D 187 9.74 -25.74 16.68
N GLU D 188 10.64 -26.55 17.24
CA GLU D 188 11.68 -26.00 18.12
C GLU D 188 12.87 -25.40 17.37
N VAL D 189 13.50 -24.41 18.00
CA VAL D 189 14.81 -23.94 17.57
C VAL D 189 15.87 -24.86 18.23
N GLU D 190 16.85 -25.30 17.48
CA GLU D 190 17.87 -26.17 18.01
C GLU D 190 19.20 -25.47 18.25
N GLU D 191 19.40 -24.34 17.57
CA GLU D 191 20.69 -23.69 17.55
C GLU D 191 20.49 -22.17 17.34
N VAL D 192 21.29 -21.36 18.00
CA VAL D 192 21.17 -19.88 17.91
C VAL D 192 22.55 -19.24 17.58
N PHE D 193 22.59 -18.17 16.79
CA PHE D 193 23.80 -17.32 16.73
C PHE D 193 23.38 -15.89 17.00
N ALA D 194 24.09 -15.14 17.84
CA ALA D 194 23.70 -13.78 18.12
C ALA D 194 24.87 -12.84 18.06
N ASP D 195 24.59 -11.59 17.68
CA ASP D 195 25.57 -10.52 17.78
C ASP D 195 24.80 -9.28 18.14
N GLY D 196 25.48 -8.30 18.74
CA GLY D 196 24.80 -7.12 19.19
C GLY D 196 25.82 -6.01 19.26
N SER D 197 25.35 -4.79 19.19
CA SER D 197 26.22 -3.61 19.26
C SER D 197 25.62 -2.53 20.17
N VAL D 198 26.43 -1.53 20.50
CA VAL D 198 25.99 -0.34 21.21
C VAL D 198 25.95 0.86 20.25
N LEU D 199 24.75 1.23 19.82
CA LEU D 199 24.59 2.21 18.75
C LEU D 199 23.66 3.36 19.16
N VAL D 200 22.97 3.19 20.28
CA VAL D 200 21.99 4.17 20.71
C VAL D 200 22.47 4.98 21.91
N ASP D 201 23.04 4.34 22.92
CA ASP D 201 23.46 5.09 24.11
C ASP D 201 24.63 4.38 24.74
N GLU D 202 25.73 5.10 24.86
CA GLU D 202 26.95 4.57 25.46
C GLU D 202 26.78 3.95 26.86
N GLU D 203 25.79 4.42 27.62
CA GLU D 203 25.55 3.94 28.99
C GLU D 203 25.09 2.49 29.02
N ILE D 204 24.31 2.09 28.01
CA ILE D 204 23.86 0.71 27.90
C ILE D 204 25.08 -0.17 27.76
N GLY D 205 26.06 0.31 26.99
CA GLY D 205 27.36 -0.33 26.86
C GLY D 205 28.08 -0.46 28.19
N LYS D 206 28.20 0.65 28.92
CA LYS D 206 28.84 0.61 30.24
C LYS D 206 28.13 -0.34 31.21
N ALA D 207 26.81 -0.44 31.11
CA ALA D 207 26.08 -1.45 31.87
C ALA D 207 26.35 -2.90 31.42
N GLY D 208 27.16 -3.08 30.37
CA GLY D 208 27.47 -4.44 29.85
C GLY D 208 26.45 -5.05 28.88
N ASP D 209 25.48 -4.26 28.44
CA ASP D 209 24.43 -4.74 27.55
C ASP D 209 24.59 -4.17 26.11
N VAL D 210 23.72 -4.59 25.19
CA VAL D 210 23.72 -4.01 23.87
C VAL D 210 22.33 -3.38 23.58
N ASP D 211 22.27 -2.43 22.64
CA ASP D 211 20.98 -1.82 22.30
C ASP D 211 20.44 -2.20 20.92
N THR D 212 21.26 -2.93 20.16
CA THR D 212 20.95 -3.30 18.78
C THR D 212 21.44 -4.71 18.61
N ALA D 213 20.63 -5.62 18.05
CA ALA D 213 21.02 -7.03 18.00
C ALA D 213 20.41 -7.79 16.84
N VAL D 214 21.09 -8.87 16.43
CA VAL D 214 20.58 -9.79 15.43
C VAL D 214 20.71 -11.17 16.02
N VAL D 215 19.69 -12.00 15.82
CA VAL D 215 19.78 -13.40 16.20
C VAL D 215 19.36 -14.34 15.05
N VAL D 216 20.19 -15.33 14.73
CA VAL D 216 19.80 -16.36 13.77
C VAL D 216 19.31 -17.60 14.49
N LEU D 217 18.25 -18.23 13.95
CA LEU D 217 17.65 -19.45 14.52
C LEU D 217 17.70 -20.56 13.49
N ARG D 218 18.06 -21.74 13.94
CA ARG D 218 18.05 -22.88 13.06
C ARG D 218 17.03 -23.79 13.68
N PHE D 219 15.98 -24.10 12.92
CA PHE D 219 14.90 -24.93 13.42
C PHE D 219 15.12 -26.43 13.07
N LYS D 220 14.35 -27.28 13.71
CA LYS D 220 14.53 -28.69 13.59
C LYS D 220 14.39 -29.14 12.13
N SER D 221 13.45 -28.54 11.40
CA SER D 221 13.19 -28.89 10.00
C SER D 221 14.32 -28.45 9.08
N GLY D 222 15.24 -27.60 9.54
CA GLY D 222 16.21 -26.97 8.62
C GLY D 222 15.78 -25.55 8.18
N ALA D 223 14.56 -25.16 8.51
CA ALA D 223 14.14 -23.78 8.24
C ALA D 223 15.04 -22.86 9.07
N LEU D 224 15.25 -21.65 8.57
CA LEU D 224 16.06 -20.63 9.23
C LEU D 224 15.24 -19.39 9.63
N GLY D 225 15.69 -18.71 10.67
CA GLY D 225 15.01 -17.53 11.18
C GLY D 225 16.04 -16.44 11.48
N VAL D 226 15.64 -15.18 11.30
CA VAL D 226 16.43 -14.05 11.74
C VAL D 226 15.57 -13.08 12.50
N ILE D 227 15.96 -12.80 13.74
CA ILE D 227 15.36 -11.75 14.53
C ILE D 227 16.28 -10.55 14.53
N ASP D 228 15.74 -9.34 14.34
CA ASP D 228 16.56 -8.17 14.65
C ASP D 228 15.85 -7.25 15.64
N ASN D 229 16.61 -6.70 16.59
CA ASN D 229 16.07 -5.90 17.70
C ASN D 229 16.76 -4.56 17.78
N SER D 230 16.00 -3.52 18.11
CA SER D 230 16.60 -2.19 18.48
C SER D 230 15.81 -1.60 19.61
N ARG D 231 16.53 -1.03 20.56
CA ARG D 231 15.92 -0.28 21.66
C ARG D 231 15.40 1.12 21.30
N ARG D 232 15.67 1.63 20.11
CA ARG D 232 15.15 2.95 19.75
C ARG D 232 14.81 3.14 18.26
N ALA D 233 13.54 3.02 17.91
CA ALA D 233 13.09 3.40 16.57
C ALA D 233 12.32 4.74 16.68
N VAL D 234 12.84 5.81 16.06
CA VAL D 234 12.26 7.13 16.32
C VAL D 234 10.83 7.22 15.80
N TYR D 235 10.47 6.35 14.87
CA TYR D 235 9.15 6.42 14.27
C TYR D 235 8.08 5.63 15.07
N GLY D 236 8.47 5.01 16.17
CA GLY D 236 7.49 4.23 16.99
C GLY D 236 7.78 2.74 17.06
N TYR D 237 6.82 1.96 17.54
CA TYR D 237 7.00 0.50 17.49
C TYR D 237 7.18 0.01 16.07
N ASP D 238 8.17 -0.86 15.86
CA ASP D 238 8.29 -1.57 14.58
C ASP D 238 8.34 -3.08 14.85
N GLN D 239 7.21 -3.75 14.69
CA GLN D 239 7.14 -5.18 14.98
C GLN D 239 6.48 -5.88 13.81
N ARG D 240 7.29 -6.45 12.93
CA ARG D 240 6.86 -7.08 11.72
C ARG D 240 7.25 -8.55 11.76
N ILE D 241 6.44 -9.40 11.13
CA ILE D 241 6.78 -10.82 11.03
C ILE D 241 6.60 -11.21 9.58
N GLU D 242 7.52 -12.00 9.03
CA GLU D 242 7.33 -12.57 7.70
C GLU D 242 7.68 -14.05 7.74
N VAL D 243 6.96 -14.86 6.98
CA VAL D 243 7.33 -16.25 6.81
C VAL D 243 7.27 -16.52 5.33
N PHE D 244 8.31 -17.16 4.83
CA PHE D 244 8.45 -17.45 3.42
C PHE D 244 8.53 -18.96 3.32
N GLY D 245 7.74 -19.54 2.43
CA GLY D 245 7.68 -20.99 2.36
C GLY D 245 7.55 -21.48 0.94
N SER D 246 7.41 -22.79 0.74
CA SER D 246 7.43 -23.36 -0.60
C SER D 246 6.30 -22.80 -1.47
N LYS D 247 5.23 -22.30 -0.89
CA LYS D 247 4.07 -21.92 -1.70
C LYS D 247 3.80 -20.41 -1.68
N GLY D 248 4.57 -19.67 -0.88
CA GLY D 248 4.49 -18.22 -0.97
C GLY D 248 5.11 -17.51 0.21
N ARG D 249 4.62 -16.30 0.46
CA ARG D 249 5.12 -15.46 1.53
C ARG D 249 3.93 -14.87 2.32
N ILE D 250 4.09 -14.66 3.61
CA ILE D 250 3.05 -14.02 4.40
C ILE D 250 3.74 -13.02 5.35
N PHE D 251 3.09 -11.89 5.60
CA PHE D 251 3.73 -10.78 6.29
C PHE D 251 2.69 -10.09 7.15
N ALA D 252 3.10 -9.67 8.33
CA ALA D 252 2.26 -8.88 9.19
C ALA D 252 2.93 -7.54 9.39
N ASP D 253 2.27 -6.45 9.01
CA ASP D 253 2.86 -5.12 9.13
C ASP D 253 2.45 -4.46 10.42
N ASN D 254 3.05 -3.28 10.64
CA ASN D 254 2.66 -2.37 11.72
C ASN D 254 1.27 -1.80 11.52
N VAL D 255 0.69 -1.32 12.60
CA VAL D 255 -0.60 -0.63 12.56
C VAL D 255 -0.36 0.89 12.56
N ARG D 256 -1.10 1.66 11.75
CA ARG D 256 -0.95 3.13 11.79
C ARG D 256 -2.13 3.73 12.56
N GLU D 257 -1.96 4.95 13.02
CA GLU D 257 -3.01 5.60 13.83
C GLU D 257 -4.31 5.69 13.00
N THR D 258 -4.19 5.88 11.70
CA THR D 258 -5.36 6.22 10.91
C THR D 258 -5.20 5.66 9.46
N THR D 259 -6.25 5.62 8.64
CA THR D 259 -6.12 5.19 7.23
C THR D 259 -5.94 6.37 6.28
N VAL D 260 -5.58 7.54 6.83
CA VAL D 260 -5.54 8.78 6.04
C VAL D 260 -4.19 8.93 5.34
N VAL D 261 -4.21 9.34 4.07
CA VAL D 261 -2.99 9.53 3.28
C VAL D 261 -3.05 10.95 2.70
N LEU D 262 -2.02 11.75 2.99
CA LEU D 262 -1.85 13.09 2.39
C LEU D 262 -0.88 13.05 1.20
N THR D 263 -1.23 13.66 0.07
CA THR D 263 -0.39 13.67 -1.10
C THR D 263 -0.03 15.11 -1.44
N ASP D 264 1.26 15.40 -1.46
CA ASP D 264 1.74 16.72 -1.85
C ASP D 264 2.83 16.54 -2.91
N GLU D 265 3.58 17.58 -3.24
CA GLU D 265 4.46 17.43 -4.39
C GLU D 265 5.55 16.38 -4.19
N GLN D 266 5.86 16.02 -2.95
CA GLN D 266 6.85 14.99 -2.73
C GLN D 266 6.29 13.58 -2.77
N GLY D 267 4.98 13.45 -2.88
CA GLY D 267 4.34 12.13 -2.88
C GLY D 267 3.37 11.92 -1.73
N ASP D 268 2.98 10.66 -1.54
CA ASP D 268 2.08 10.26 -0.46
C ASP D 268 2.76 10.22 0.90
N ARG D 269 2.01 10.61 1.92
CA ARG D 269 2.43 10.45 3.31
C ARG D 269 1.31 9.83 4.10
N GLY D 270 1.64 8.73 4.76
CA GLY D 270 0.70 8.07 5.64
C GLY D 270 0.76 8.58 7.06
N SER D 271 -0.07 7.97 7.87
CA SER D 271 -0.25 8.38 9.21
C SER D 271 0.86 7.83 10.12
N ARG D 272 1.10 8.45 11.26
CA ARG D 272 2.14 7.95 12.18
C ARG D 272 1.88 6.49 12.58
N TYR D 273 2.95 5.81 12.99
CA TYR D 273 2.84 4.46 13.54
C TYR D 273 2.34 4.53 14.98
N LEU D 274 1.80 3.43 15.50
CA LEU D 274 1.53 3.37 16.95
C LEU D 274 2.83 3.55 17.70
N TYR D 275 2.76 4.35 18.76
CA TYR D 275 3.95 4.83 19.44
C TYR D 275 3.87 4.63 20.96
N PHE D 276 2.65 4.66 21.49
CA PHE D 276 2.43 4.63 22.93
C PHE D 276 2.05 3.23 23.39
N PHE D 277 2.46 2.90 24.62
CA PHE D 277 2.29 1.54 25.16
C PHE D 277 0.85 1.04 25.06
N LEU D 278 -0.07 1.82 25.60
CA LEU D 278 -1.46 1.40 25.63
C LEU D 278 -2.09 1.27 24.26
N GLU D 279 -1.96 2.30 23.42
CA GLU D 279 -2.52 2.16 22.08
C GLU D 279 -1.90 0.93 21.38
N ARG D 280 -0.60 0.68 21.57
CA ARG D 280 0.00 -0.50 20.92
C ARG D 280 -0.50 -1.86 21.49
N TYR D 281 -0.60 -1.97 22.82
CA TYR D 281 -0.75 -3.31 23.47
C TYR D 281 -2.08 -3.69 24.17
N ARG D 282 -2.95 -2.71 24.43
CA ARG D 282 -4.10 -2.98 25.25
C ARG D 282 -4.95 -4.14 24.67
N ASP D 283 -5.20 -4.18 23.35
CA ASP D 283 -6.04 -5.25 22.81
CA ASP D 283 -6.01 -5.25 22.76
C ASP D 283 -5.41 -6.65 22.95
N SER D 284 -4.08 -6.75 22.83
CA SER D 284 -3.40 -8.02 22.97
C SER D 284 -3.51 -8.48 24.43
N TYR D 285 -3.42 -7.55 25.38
CA TYR D 285 -3.57 -7.94 26.79
C TYR D 285 -5.02 -8.37 27.07
N LEU D 286 -5.98 -7.66 26.48
CA LEU D 286 -7.41 -7.96 26.66
C LEU D 286 -7.70 -9.37 26.17
N GLU D 287 -7.19 -9.69 24.99
CA GLU D 287 -7.45 -10.96 24.34
C GLU D 287 -6.68 -12.10 25.01
N GLU D 288 -5.49 -11.81 25.53
CA GLU D 288 -4.72 -12.78 26.32
C GLU D 288 -5.46 -13.13 27.62
N LEU D 289 -5.85 -12.12 28.37
CA LEU D 289 -6.67 -12.33 29.58
C LEU D 289 -7.97 -13.12 29.37
N LYS D 290 -8.71 -12.83 28.30
CA LYS D 290 -9.91 -13.62 27.97
C LYS D 290 -9.59 -15.08 27.67
N THR D 291 -8.42 -15.33 27.08
CA THR D 291 -8.00 -16.69 26.80
C THR D 291 -7.63 -17.44 28.08
N PHE D 292 -6.95 -16.76 28.99
CA PHE D 292 -6.59 -17.36 30.27
C PHE D 292 -7.86 -17.77 31.01
N ILE D 293 -8.89 -16.93 30.94
CA ILE D 293 -10.14 -17.17 31.66
C ILE D 293 -10.89 -18.31 30.97
N LYS D 294 -10.98 -18.24 29.65
CA LYS D 294 -11.53 -19.34 28.88
C LYS D 294 -10.86 -20.68 29.24
N ASN D 295 -9.53 -20.68 29.41
CA ASN D 295 -8.77 -21.88 29.74
C ASN D 295 -9.18 -22.43 31.11
N VAL D 296 -9.23 -21.53 32.10
CA VAL D 296 -9.68 -21.86 33.45
C VAL D 296 -11.12 -22.38 33.49
N LYS D 297 -12.04 -21.65 32.86
CA LYS D 297 -13.45 -22.04 32.79
C LYS D 297 -13.66 -23.44 32.22
N SER D 298 -12.77 -23.88 31.34
CA SER D 298 -13.00 -25.14 30.64
C SER D 298 -12.03 -26.26 31.03
N GLY D 299 -11.15 -25.97 31.98
CA GLY D 299 -10.15 -26.91 32.43
C GLY D 299 -9.24 -27.31 31.29
N GLU D 300 -8.91 -26.33 30.45
CA GLU D 300 -8.03 -26.54 29.30
C GLU D 300 -6.57 -26.34 29.67
N PRO D 301 -5.66 -26.91 28.88
CA PRO D 301 -4.27 -26.57 29.04
C PRO D 301 -4.13 -25.06 28.76
N PRO D 302 -3.16 -24.40 29.37
CA PRO D 302 -3.03 -22.96 29.12
C PRO D 302 -2.58 -22.68 27.68
N ALA D 303 -3.13 -21.65 27.02
CA ALA D 303 -2.75 -21.34 25.64
C ALA D 303 -1.25 -21.11 25.54
N VAL D 304 -0.72 -20.45 26.56
CA VAL D 304 0.75 -20.29 26.71
C VAL D 304 1.23 -20.88 28.05
N SER D 305 2.12 -21.87 28.00
CA SER D 305 2.48 -22.67 29.20
C SER D 305 3.75 -22.22 29.89
N GLY D 306 4.03 -22.83 31.05
CA GLY D 306 5.27 -22.58 31.80
C GLY D 306 6.47 -23.02 30.99
N GLU D 307 6.28 -24.08 30.22
CA GLU D 307 7.23 -24.65 29.27
CA GLU D 307 7.36 -24.57 29.38
C GLU D 307 7.66 -23.63 28.21
N ASP D 308 6.65 -22.96 27.67
CA ASP D 308 6.88 -21.87 26.72
C ASP D 308 7.82 -20.85 27.31
N GLY D 309 7.58 -20.49 28.57
CA GLY D 309 8.43 -19.53 29.28
C GLY D 309 9.86 -20.06 29.40
N LYS D 310 9.98 -21.35 29.67
CA LYS D 310 11.30 -21.91 29.93
C LYS D 310 12.11 -21.96 28.64
N MET D 311 11.50 -22.38 27.54
CA MET D 311 12.16 -22.42 26.21
C MET D 311 12.66 -21.03 25.74
N ALA D 312 11.82 -20.01 25.90
CA ALA D 312 12.21 -18.64 25.61
C ALA D 312 13.44 -18.21 26.43
N LEU D 313 13.43 -18.49 27.73
CA LEU D 313 14.59 -18.25 28.62
C LEU D 313 15.86 -19.00 28.16
N LEU D 314 15.70 -20.26 27.76
CA LEU D 314 16.84 -21.08 27.32
C LEU D 314 17.45 -20.50 26.03
N LEU D 315 16.59 -20.09 25.09
CA LEU D 315 17.06 -19.43 23.86
C LEU D 315 17.84 -18.14 24.17
N GLY D 316 17.39 -17.38 25.17
CA GLY D 316 18.08 -16.17 25.68
C GLY D 316 19.49 -16.47 26.16
N TYR D 317 19.63 -17.54 26.95
CA TYR D 317 20.96 -18.00 27.44
C TYR D 317 21.85 -18.47 26.29
N ALA D 318 21.26 -19.22 25.33
CA ALA D 318 22.02 -19.65 24.14
C ALA D 318 22.54 -18.44 23.40
N ALA D 319 21.69 -17.43 23.19
CA ALA D 319 22.15 -16.18 22.55
C ALA D 319 23.18 -15.40 23.33
N LYS D 320 23.03 -15.28 24.65
CA LYS D 320 24.07 -14.58 25.47
C LYS D 320 25.40 -15.32 25.31
N LYS D 321 25.35 -16.65 25.32
CA LYS D 321 26.57 -17.46 25.14
C LYS D 321 27.18 -17.29 23.71
N SER D 322 26.31 -17.29 22.71
CA SER D 322 26.74 -17.10 21.35
C SER D 322 27.40 -15.74 21.18
N LEU D 323 26.82 -14.70 21.75
CA LEU D 323 27.33 -13.35 21.63
C LEU D 323 28.77 -13.31 22.16
N GLU D 324 28.96 -13.92 23.32
CA GLU D 324 30.28 -13.97 23.91
C GLU D 324 31.24 -14.92 23.17
N GLU D 325 30.78 -16.05 22.66
CA GLU D 325 31.71 -16.96 22.01
C GLU D 325 31.95 -16.79 20.49
N LYS D 326 31.16 -15.95 19.83
CA LYS D 326 31.26 -15.71 18.36
C LYS D 326 31.07 -16.97 17.54
N ARG D 327 30.18 -17.84 18.00
CA ARG D 327 29.86 -19.05 17.27
C ARG D 327 28.41 -19.38 17.58
N SER D 328 27.80 -20.24 16.78
CA SER D 328 26.44 -20.64 17.08
C SER D 328 26.48 -21.66 18.21
N VAL D 329 25.38 -21.74 18.95
CA VAL D 329 25.31 -22.45 20.22
C VAL D 329 24.07 -23.32 20.18
N LYS D 330 24.23 -24.61 20.43
CA LYS D 330 23.11 -25.57 20.44
C LYS D 330 22.42 -25.51 21.77
N LEU D 331 21.10 -25.71 21.79
CA LEU D 331 20.36 -25.59 23.06
C LEU D 331 20.83 -26.57 24.13
N GLU D 332 21.22 -27.79 23.76
CA GLU D 332 21.92 -28.67 24.71
C GLU D 332 22.98 -27.95 25.53
N GLU D 333 23.87 -27.24 24.87
CA GLU D 333 24.95 -26.59 25.59
C GLU D 333 24.45 -25.85 26.80
N VAL D 334 23.21 -25.41 26.72
CA VAL D 334 22.72 -24.51 27.73
C VAL D 334 21.74 -25.16 28.72
N ILE D 335 21.13 -26.28 28.36
CA ILE D 335 20.24 -26.92 29.34
C ILE D 335 21.05 -27.55 30.50
#